data_6Z32
#
_entry.id   6Z32
#
_cell.length_a   139.204
_cell.length_b   139.204
_cell.length_c   234.682
_cell.angle_alpha   90.00
_cell.angle_beta   90.00
_cell.angle_gamma   90.00
#
_symmetry.space_group_name_H-M   'P 41 21 2'
#
loop_
_entity.id
_entity.type
_entity.pdbx_description
1 polymer 'Cation-independent mannose-6-phosphate receptor'
2 branched alpha-D-mannopyranose-(1-2)-alpha-D-mannopyranose-(1-2)-alpha-D-mannopyranose-(1-3)-beta-D-mannopyranose-(1-4)-2-acetamido-2-deoxy-beta-D-glucopyranose-(1-4)-2-acetamido-2-deoxy-beta-D-glucopyranose
3 non-polymer 'SULFATE ION'
4 non-polymer 2-acetamido-2-deoxy-beta-D-glucopyranose
#
_entity_poly.entity_id   1
_entity_poly.type   'polypeptide(L)'
_entity_poly.pdbx_seq_one_letter_code
;ETGQLKHHHHHHEFTTDTDQACSIRDPNSGFVFNLNPLNSSQGYNVSGIGKIFMFNVCGTMPVCGTILGKPASGCEAETQ
TEELKNWKPARPVGIEKSLQLSTEGFITLTYKGPLSAKGTADAFIVRFVCNDDVYSGPLKFLHQDIDSGQGIRNTYFEFE
TALACVPSPVDCQVTDLAGNEYDLTGLSTVRKPWTAVDTSVDGRKRTFYLSVCNPLPYIPGCQGSAVGSCLVSEGNSWNL
GVVQMSPQAAANGSLSIMYVNGDKCGNQRFSTRITFECAQISGSPAFQLQDGCEYVFIWRTVEACPVVRVEGDNCEVKDP
RHGNLYDLKPLGLNDTIVSAGEYTYYFRVCGKLSSDVCPTSDKSKVVSSCQEKREPQGFHKVAGLLTQKLTYENGLLKMN
FTGGDTCHKVYQRSTAIFFYCDRGTQRPVFLKETSDCSYLFEWRTQYACPPFDLTECSFKDGAGNSFDLSSLSRYSDNWE
AITGTGDPEHYLINVCKSLAPQAGTEPCPPEAAACLLGGSKPVNLGRVRDGPQWRDGIIVLKYVDGDLCPDGIRKKSTTI
RFTCSESQVNSRPMFISAVEDCEYTFAWPTATACPMKSNEHDDCQVTNPSTGHLFDLSSLSGRAGFTAAYSEKGLVYMSI
CGENENCPPGVGACFGQTRISVGKANKRLRYVDQVLQLVYKDGSPCPSKSGLSYKSVISFVCRPEAGPTNRPMLISLDKQ
TCTLFFSWHTPLACEQA
;
_entity_poly.pdbx_strand_id   A,B
#
loop_
_chem_comp.id
_chem_comp.type
_chem_comp.name
_chem_comp.formula
BMA D-saccharide, beta linking beta-D-mannopyranose 'C6 H12 O6'
MAN D-saccharide, alpha linking alpha-D-mannopyranose 'C6 H12 O6'
NAG D-saccharide, beta linking 2-acetamido-2-deoxy-beta-D-glucopyranose 'C8 H15 N O6'
SO4 non-polymer 'SULFATE ION' 'O4 S -2'
#
# COMPACT_ATOMS: atom_id res chain seq x y z
N CYS A 22 46.46 -13.35 1.77
CA CYS A 22 47.15 -12.65 2.88
C CYS A 22 46.17 -12.52 4.04
N SER A 23 45.96 -13.55 4.85
CA SER A 23 44.72 -13.52 5.64
C SER A 23 45.05 -13.92 7.09
N ILE A 24 44.57 -13.20 8.10
CA ILE A 24 44.90 -13.52 9.53
C ILE A 24 43.65 -13.43 10.41
N ARG A 25 43.76 -13.75 11.70
CA ARG A 25 42.66 -13.78 12.71
C ARG A 25 43.01 -12.86 13.87
N ASP A 26 42.06 -12.05 14.34
CA ASP A 26 42.24 -11.24 15.56
C ASP A 26 41.90 -12.14 16.74
N PRO A 27 42.82 -12.35 17.71
CA PRO A 27 42.48 -13.06 18.95
C PRO A 27 41.41 -12.35 19.80
N ASN A 28 41.39 -11.00 19.79
CA ASN A 28 40.37 -10.18 20.52
C ASN A 28 39.00 -10.39 19.87
N SER A 29 38.94 -10.47 18.53
CA SER A 29 37.69 -10.36 17.73
C SER A 29 37.23 -11.70 17.14
N GLY A 30 38.13 -12.61 16.80
CA GLY A 30 37.79 -13.87 16.10
C GLY A 30 37.42 -13.63 14.64
N PHE A 31 37.70 -12.44 14.09
CA PHE A 31 37.39 -12.12 12.67
C PHE A 31 38.54 -12.60 11.78
N VAL A 32 38.24 -13.07 10.57
CA VAL A 32 39.20 -13.43 9.48
C VAL A 32 39.44 -12.22 8.58
N PHE A 33 40.56 -11.51 8.71
CA PHE A 33 40.93 -10.36 7.85
C PHE A 33 41.49 -10.87 6.54
N ASN A 34 41.03 -10.36 5.41
CA ASN A 34 41.63 -10.66 4.08
C ASN A 34 42.05 -9.35 3.47
N LEU A 35 43.28 -9.24 2.99
CA LEU A 35 43.72 -8.06 2.19
C LEU A 35 43.61 -8.40 0.69
N ASN A 36 42.94 -9.51 0.35
CA ASN A 36 42.91 -10.07 -1.02
C ASN A 36 42.51 -8.98 -2.02
N PRO A 37 41.42 -8.23 -1.74
CA PRO A 37 40.90 -7.25 -2.71
C PRO A 37 41.91 -6.21 -3.21
N LEU A 38 43.01 -6.02 -2.48
CA LEU A 38 44.01 -4.97 -2.80
C LEU A 38 44.98 -5.45 -3.89
N ASN A 39 44.98 -6.72 -4.29
CA ASN A 39 45.75 -7.12 -5.49
C ASN A 39 45.29 -6.04 -6.45
N SER A 40 46.21 -5.23 -6.99
CA SER A 40 45.94 -4.33 -8.14
C SER A 40 47.08 -4.48 -9.15
N SER A 41 46.98 -3.85 -10.31
CA SER A 41 47.99 -3.97 -11.39
C SER A 41 48.86 -2.72 -11.37
N GLN A 42 48.27 -1.54 -11.16
CA GLN A 42 49.12 -0.33 -11.15
C GLN A 42 49.88 -0.33 -9.81
N GLY A 43 49.45 -1.08 -8.80
CA GLY A 43 50.13 -1.15 -7.48
C GLY A 43 50.09 0.20 -6.77
N TYR A 44 51.07 0.51 -5.93
CA TYR A 44 51.06 1.72 -5.07
C TYR A 44 52.47 2.27 -4.89
N ASN A 45 52.65 3.57 -4.99
CA ASN A 45 53.96 4.19 -5.31
C ASN A 45 54.01 5.51 -4.57
N VAL A 46 55.05 5.76 -3.75
CA VAL A 46 55.16 6.96 -2.84
C VAL A 46 56.61 7.45 -2.77
N SER A 47 56.83 8.72 -2.45
CA SER A 47 58.19 9.34 -2.45
C SER A 47 58.67 9.48 -1.00
N GLY A 48 59.98 9.69 -0.83
CA GLY A 48 60.60 9.90 0.48
C GLY A 48 62.07 9.52 0.45
N ILE A 49 62.94 10.38 1.00
CA ILE A 49 64.42 10.21 1.08
C ILE A 49 65.04 10.30 -0.33
N GLY A 50 64.42 11.05 -1.22
CA GLY A 50 64.94 11.27 -2.59
C GLY A 50 64.86 10.04 -3.48
N LYS A 51 63.82 9.23 -3.29
CA LYS A 51 63.55 8.01 -4.09
C LYS A 51 62.13 7.50 -3.88
N ILE A 52 61.65 6.72 -4.84
CA ILE A 52 60.24 6.26 -4.91
C ILE A 52 60.17 4.77 -4.61
N PHE A 53 59.28 4.47 -3.68
CA PHE A 53 59.01 3.12 -3.16
C PHE A 53 57.68 2.65 -3.72
N MET A 54 57.69 1.50 -4.38
CA MET A 54 56.49 0.89 -4.99
C MET A 54 56.33 -0.55 -4.51
N PHE A 55 55.07 -0.95 -4.36
CA PHE A 55 54.72 -2.38 -4.26
C PHE A 55 53.25 -2.64 -4.53
N ASN A 56 52.88 -3.91 -4.62
CA ASN A 56 51.49 -4.41 -4.67
C ASN A 56 51.25 -5.20 -3.38
N VAL A 57 50.01 -5.55 -3.10
CA VAL A 57 49.61 -6.31 -1.88
C VAL A 57 48.87 -7.59 -2.29
N CYS A 58 49.15 -8.72 -1.64
CA CYS A 58 48.60 -10.07 -1.96
C CYS A 58 48.57 -10.25 -3.48
N GLY A 59 49.67 -9.85 -4.12
CA GLY A 59 49.90 -9.90 -5.57
C GLY A 59 51.31 -9.47 -5.86
N THR A 60 51.73 -9.61 -7.10
CA THR A 60 53.10 -9.26 -7.55
C THR A 60 53.07 -7.87 -8.17
N MET A 61 54.27 -7.40 -8.41
CA MET A 61 54.54 -6.11 -9.02
C MET A 61 55.50 -6.50 -10.11
N PRO A 62 55.06 -6.78 -11.34
CA PRO A 62 55.94 -7.22 -12.38
C PRO A 62 56.92 -6.15 -12.80
N VAL A 63 56.62 -4.87 -12.63
CA VAL A 63 57.65 -3.84 -12.90
C VAL A 63 58.80 -4.15 -11.97
N CYS A 64 60.06 -3.92 -12.33
CA CYS A 64 61.18 -4.24 -11.36
C CYS A 64 61.00 -5.62 -10.76
N GLY A 65 60.56 -6.62 -11.53
CA GLY A 65 60.46 -7.98 -10.95
C GLY A 65 61.75 -8.78 -11.09
N THR A 66 61.58 -10.07 -10.82
CA THR A 66 62.62 -11.10 -10.91
C THR A 66 63.52 -11.06 -9.66
N ILE A 67 63.20 -11.83 -8.64
CA ILE A 67 64.22 -11.98 -7.57
C ILE A 67 65.14 -13.11 -8.07
N LEU A 68 64.68 -14.36 -8.16
CA LEU A 68 65.52 -15.44 -8.77
C LEU A 68 65.00 -15.60 -10.20
N GLY A 69 63.99 -16.44 -10.37
CA GLY A 69 63.09 -16.36 -11.54
C GLY A 69 61.74 -15.81 -11.14
N LYS A 70 61.56 -15.57 -9.84
CA LYS A 70 60.29 -15.14 -9.22
C LYS A 70 59.98 -13.70 -9.60
N PRO A 71 58.68 -13.36 -9.84
CA PRO A 71 58.24 -11.97 -9.90
C PRO A 71 58.19 -11.32 -8.50
N ALA A 72 58.65 -10.07 -8.41
CA ALA A 72 58.91 -9.40 -7.11
C ALA A 72 57.71 -8.57 -6.68
N SER A 73 57.36 -8.62 -5.41
CA SER A 73 56.21 -7.86 -4.85
C SER A 73 56.53 -6.35 -4.66
N GLY A 74 57.77 -5.92 -4.45
CA GLY A 74 58.06 -4.48 -4.25
C GLY A 74 59.43 -4.08 -4.77
N CYS A 75 59.68 -2.77 -4.94
CA CYS A 75 60.88 -2.21 -5.61
C CYS A 75 61.15 -0.80 -5.10
N GLU A 76 62.20 -0.15 -5.62
CA GLU A 76 62.71 1.17 -5.17
C GLU A 76 63.50 1.78 -6.33
N ALA A 77 63.42 3.09 -6.54
CA ALA A 77 64.14 3.77 -7.64
C ALA A 77 64.20 5.28 -7.39
N GLU A 78 65.04 6.00 -8.14
CA GLU A 78 65.15 7.48 -8.05
C GLU A 78 64.77 8.10 -9.39
N THR A 79 63.92 9.12 -9.42
CA THR A 79 63.38 9.60 -10.72
C THR A 79 62.92 11.05 -10.64
N GLN A 80 62.74 11.65 -11.85
CA GLN A 80 62.14 12.98 -12.18
C GLN A 80 62.62 14.08 -11.21
N ASN A 86 62.35 6.18 -15.20
CA ASN A 86 63.48 5.37 -14.65
C ASN A 86 63.19 3.88 -14.89
N TRP A 87 63.90 3.26 -15.83
CA TRP A 87 63.78 1.80 -16.14
C TRP A 87 64.37 0.98 -14.96
N LYS A 88 65.45 1.46 -14.34
CA LYS A 88 66.29 0.66 -13.39
C LYS A 88 65.54 0.48 -12.08
N PRO A 89 65.28 -0.77 -11.63
CA PRO A 89 64.79 -1.02 -10.28
C PRO A 89 66.00 -1.10 -9.32
N ALA A 90 65.70 -1.30 -8.05
CA ALA A 90 66.71 -1.41 -6.97
C ALA A 90 66.05 -2.10 -5.79
N ARG A 91 66.84 -2.84 -5.02
CA ARG A 91 66.43 -3.52 -3.77
C ARG A 91 65.10 -4.20 -4.02
N PRO A 92 64.99 -5.06 -5.06
CA PRO A 92 63.76 -5.79 -5.34
C PRO A 92 63.50 -6.69 -4.13
N VAL A 93 62.23 -6.87 -3.83
CA VAL A 93 61.80 -7.44 -2.52
C VAL A 93 60.45 -8.13 -2.69
N GLY A 94 60.29 -9.31 -2.07
CA GLY A 94 59.02 -10.06 -2.16
C GLY A 94 59.25 -11.55 -2.29
N ILE A 95 60.42 -12.04 -1.85
CA ILE A 95 60.75 -13.49 -1.91
C ILE A 95 60.25 -14.16 -0.62
N GLU A 96 60.22 -13.40 0.47
CA GLU A 96 59.77 -13.90 1.78
C GLU A 96 58.69 -12.90 2.14
N LYS A 97 57.43 -13.29 2.08
CA LYS A 97 56.20 -12.51 2.42
C LYS A 97 55.67 -13.04 3.74
N SER A 98 55.30 -12.16 4.66
CA SER A 98 54.85 -12.53 6.02
C SER A 98 53.80 -11.52 6.47
N LEU A 99 52.80 -11.97 7.22
CA LEU A 99 51.61 -11.15 7.61
C LEU A 99 51.10 -11.63 8.97
N GLN A 100 50.92 -10.70 9.91
CA GLN A 100 50.74 -11.00 11.35
C GLN A 100 50.29 -9.78 12.13
N LEU A 101 49.69 -10.03 13.31
CA LEU A 101 49.34 -9.02 14.35
C LEU A 101 50.54 -8.78 15.24
N SER A 102 50.77 -7.51 15.61
CA SER A 102 51.91 -7.12 16.50
C SER A 102 51.44 -7.10 17.96
N THR A 103 52.23 -6.47 18.83
CA THR A 103 51.90 -6.39 20.28
C THR A 103 50.58 -5.62 20.47
N GLU A 104 50.32 -4.64 19.60
CA GLU A 104 49.08 -3.81 19.69
C GLU A 104 47.84 -4.64 19.30
N GLY A 105 48.00 -5.79 18.66
CA GLY A 105 46.96 -6.39 17.80
C GLY A 105 46.68 -5.51 16.57
N PHE A 106 47.72 -4.96 15.93
CA PHE A 106 47.64 -4.24 14.62
C PHE A 106 48.30 -5.05 13.51
N ILE A 107 47.74 -4.98 12.30
CA ILE A 107 48.12 -5.87 11.17
C ILE A 107 49.33 -5.28 10.46
N THR A 108 50.34 -6.11 10.26
CA THR A 108 51.62 -5.76 9.59
C THR A 108 51.89 -6.79 8.51
N LEU A 109 52.32 -6.32 7.35
CA LEU A 109 52.82 -7.12 6.23
C LEU A 109 54.30 -6.79 6.04
N THR A 110 55.13 -7.82 5.92
CA THR A 110 56.59 -7.74 5.67
C THR A 110 56.89 -8.37 4.31
N TYR A 111 57.44 -7.60 3.39
CA TYR A 111 58.10 -8.20 2.21
C TYR A 111 59.59 -8.19 2.49
N LYS A 112 60.21 -9.34 2.73
CA LYS A 112 61.69 -9.44 2.76
C LYS A 112 62.16 -9.79 1.35
N GLY A 113 63.27 -9.19 0.95
CA GLY A 113 63.93 -9.48 -0.33
C GLY A 113 65.04 -10.53 -0.18
N PRO A 114 66.09 -10.43 -1.03
CA PRO A 114 67.08 -11.50 -1.13
C PRO A 114 68.22 -11.30 -0.11
N LEU A 115 68.99 -12.36 0.15
CA LEU A 115 70.16 -12.31 1.07
C LEU A 115 71.30 -11.57 0.35
N SER A 116 71.37 -10.25 0.52
CA SER A 116 72.45 -9.44 -0.09
C SER A 116 73.80 -9.91 0.44
N ALA A 117 74.02 -9.73 1.75
CA ALA A 117 75.28 -10.14 2.42
C ALA A 117 75.08 -10.14 3.94
N LYS A 118 76.09 -10.63 4.68
CA LYS A 118 76.07 -10.66 6.16
C LYS A 118 74.82 -11.39 6.68
N GLY A 119 74.24 -12.29 5.88
CA GLY A 119 73.06 -13.05 6.34
C GLY A 119 71.80 -12.27 6.72
N THR A 120 71.48 -11.19 6.01
CA THR A 120 70.25 -10.44 6.28
C THR A 120 69.75 -9.85 5.00
N ALA A 121 68.43 -9.75 4.89
CA ALA A 121 67.71 -9.30 3.68
C ALA A 121 67.09 -7.94 3.96
N ASP A 122 66.99 -7.16 2.88
CA ASP A 122 66.23 -5.89 2.81
C ASP A 122 64.74 -6.17 3.00
N ALA A 123 64.09 -5.42 3.87
CA ALA A 123 62.67 -5.64 4.23
C ALA A 123 61.83 -4.40 3.91
N PHE A 124 60.57 -4.64 3.52
CA PHE A 124 59.48 -3.64 3.51
C PHE A 124 58.50 -4.03 4.60
N ILE A 125 58.29 -3.13 5.55
CA ILE A 125 57.28 -3.37 6.60
C ILE A 125 56.20 -2.32 6.42
N VAL A 126 54.96 -2.76 6.18
CA VAL A 126 53.78 -1.89 5.90
C VAL A 126 52.64 -2.21 6.90
N ARG A 127 52.13 -1.19 7.60
CA ARG A 127 51.09 -1.36 8.64
C ARG A 127 49.75 -0.95 8.06
N PHE A 128 48.69 -1.73 8.36
CA PHE A 128 47.31 -1.52 7.87
C PHE A 128 46.47 -0.91 8.98
N VAL A 129 46.09 0.36 8.81
CA VAL A 129 45.37 1.18 9.81
C VAL A 129 43.94 1.39 9.34
N CYS A 130 42.99 1.22 10.26
CA CYS A 130 41.55 1.26 9.98
C CYS A 130 41.11 2.69 9.62
N ASN A 131 40.45 2.86 8.47
CA ASN A 131 39.67 4.07 8.07
C ASN A 131 38.41 3.59 7.34
N ASP A 132 37.27 3.62 8.03
CA ASP A 132 35.92 3.27 7.50
C ASP A 132 35.67 4.04 6.20
N ASP A 133 36.06 5.31 6.12
CA ASP A 133 35.64 6.24 5.05
C ASP A 133 36.36 5.93 3.70
N VAL A 134 37.45 5.16 3.68
CA VAL A 134 38.25 4.91 2.43
C VAL A 134 38.63 3.43 2.34
N TYR A 135 39.06 3.00 1.16
CA TYR A 135 39.24 1.56 0.83
C TYR A 135 40.71 1.22 0.67
N SER A 136 41.32 1.74 -0.40
CA SER A 136 42.79 1.78 -0.64
C SER A 136 43.25 3.22 -0.38
N GLY A 137 43.27 3.59 0.91
CA GLY A 137 43.48 4.97 1.37
C GLY A 137 44.96 5.32 1.42
N PRO A 138 45.28 6.63 1.43
CA PRO A 138 46.63 7.12 1.17
C PRO A 138 47.72 6.26 1.83
N LEU A 139 48.61 5.69 1.02
CA LEU A 139 49.81 4.98 1.51
C LEU A 139 50.86 6.05 1.76
N LYS A 140 51.28 6.21 3.02
CA LYS A 140 52.34 7.17 3.40
C LYS A 140 53.57 6.39 3.86
N PHE A 141 54.71 6.67 3.23
CA PHE A 141 56.06 6.35 3.75
C PHE A 141 56.25 6.96 5.14
N LEU A 142 56.71 6.19 6.12
CA LEU A 142 56.99 6.64 7.51
C LEU A 142 58.47 7.05 7.67
N HIS A 143 59.35 6.04 7.74
CA HIS A 143 60.82 6.19 7.92
C HIS A 143 61.53 4.96 7.34
N GLN A 144 62.85 4.98 7.22
CA GLN A 144 63.62 3.72 7.02
C GLN A 144 64.75 3.63 8.03
N ASP A 145 64.94 2.43 8.58
CA ASP A 145 66.09 2.12 9.45
C ASP A 145 67.26 1.64 8.56
N ILE A 146 68.40 2.31 8.62
CA ILE A 146 69.59 2.01 7.78
C ILE A 146 70.68 1.35 8.61
N ASP A 147 70.69 0.02 8.76
CA ASP A 147 71.87 -0.68 9.34
C ASP A 147 72.85 -1.04 8.21
N SER A 148 73.73 -0.11 7.85
CA SER A 148 74.85 -0.31 6.88
C SER A 148 75.77 -1.43 7.40
N GLY A 149 76.00 -1.49 8.71
CA GLY A 149 76.81 -2.53 9.38
C GLY A 149 76.38 -3.93 8.99
N GLN A 150 75.07 -4.16 8.82
CA GLN A 150 74.46 -5.49 8.55
C GLN A 150 73.83 -5.52 7.16
N GLY A 151 74.00 -4.47 6.35
CA GLY A 151 73.50 -4.38 4.96
C GLY A 151 71.98 -4.46 4.84
N ILE A 152 71.25 -4.20 5.92
CA ILE A 152 69.75 -4.22 5.93
C ILE A 152 69.25 -2.77 5.86
N ARG A 153 68.82 -2.31 4.67
CA ARG A 153 68.11 -1.01 4.49
C ARG A 153 66.59 -1.31 4.59
N ASN A 154 66.09 -1.38 5.83
CA ASN A 154 64.72 -1.80 6.24
C ASN A 154 63.75 -0.59 6.24
N THR A 155 62.70 -0.56 5.41
CA THR A 155 61.84 0.65 5.20
C THR A 155 60.40 0.40 5.63
N TYR A 156 59.74 1.46 6.12
CA TYR A 156 58.52 1.32 6.95
C TYR A 156 57.41 2.18 6.36
N PHE A 157 56.21 1.63 6.21
CA PHE A 157 55.06 2.25 5.51
C PHE A 157 53.79 2.06 6.33
N GLU A 158 52.84 2.95 6.10
CA GLU A 158 51.46 2.91 6.66
C GLU A 158 50.47 3.01 5.49
N PHE A 159 49.39 2.25 5.57
CA PHE A 159 48.40 2.08 4.50
C PHE A 159 47.02 2.06 5.15
N GLU A 160 46.26 3.13 4.88
CA GLU A 160 44.90 3.36 5.44
C GLU A 160 43.94 2.51 4.62
N THR A 161 43.08 1.75 5.30
CA THR A 161 42.08 0.88 4.61
C THR A 161 40.90 0.63 5.53
N ALA A 162 39.78 0.23 4.94
CA ALA A 162 38.59 -0.18 5.71
C ALA A 162 38.68 -1.68 6.00
N LEU A 163 39.57 -2.38 5.29
CA LEU A 163 39.70 -3.85 5.43
C LEU A 163 40.29 -4.17 6.79
N ALA A 164 41.10 -3.24 7.33
CA ALA A 164 41.74 -3.30 8.66
C ALA A 164 40.68 -3.17 9.75
N CYS A 165 39.59 -2.46 9.48
CA CYS A 165 38.50 -2.18 10.46
C CYS A 165 37.82 -3.49 10.81
N VAL A 166 37.65 -3.77 12.11
CA VAL A 166 36.86 -4.94 12.58
C VAL A 166 35.41 -4.69 12.21
N PRO A 167 34.66 -5.70 11.72
CA PRO A 167 33.23 -5.59 11.49
C PRO A 167 32.47 -4.93 12.66
N SER A 168 31.94 -3.73 12.41
CA SER A 168 31.15 -2.91 13.36
C SER A 168 30.19 -2.01 12.58
N PRO A 169 29.08 -1.54 13.19
CA PRO A 169 28.20 -0.54 12.59
C PRO A 169 28.98 0.70 12.08
N VAL A 170 28.44 1.46 11.12
CA VAL A 170 29.15 2.56 10.38
C VAL A 170 28.33 3.86 10.38
N ASP A 171 28.97 5.02 10.25
CA ASP A 171 28.29 6.33 10.02
C ASP A 171 27.65 6.26 8.63
N CYS A 172 26.37 6.60 8.53
CA CYS A 172 25.55 6.41 7.30
C CYS A 172 25.34 7.72 6.54
N GLN A 173 26.07 8.76 6.91
CA GLN A 173 25.99 10.10 6.29
C GLN A 173 27.20 10.27 5.35
N VAL A 174 27.02 10.90 4.19
CA VAL A 174 28.05 11.01 3.11
C VAL A 174 28.09 12.43 2.57
N THR A 175 29.26 12.85 2.05
CA THR A 175 29.41 14.08 1.22
C THR A 175 30.13 13.71 -0.09
N ASP A 176 29.70 14.25 -1.24
CA ASP A 176 30.33 14.03 -2.56
C ASP A 176 31.38 15.14 -2.78
N LEU A 177 32.20 15.01 -3.82
CA LEU A 177 33.29 15.97 -4.14
C LEU A 177 32.67 17.32 -4.55
N ALA A 178 31.44 17.31 -5.09
CA ALA A 178 30.70 18.52 -5.51
C ALA A 178 30.15 19.28 -4.27
N GLY A 179 30.11 18.64 -3.11
CA GLY A 179 29.74 19.25 -1.82
C GLY A 179 28.29 19.02 -1.41
N ASN A 180 27.54 18.15 -2.11
CA ASN A 180 26.15 17.74 -1.76
C ASN A 180 26.18 16.70 -0.65
N GLU A 181 25.43 16.90 0.44
CA GLU A 181 25.36 15.96 1.59
C GLU A 181 24.18 15.01 1.41
N TYR A 182 24.38 13.73 1.70
CA TYR A 182 23.32 12.68 1.71
C TYR A 182 23.22 12.03 3.09
N ASP A 183 22.14 11.29 3.30
CA ASP A 183 21.95 10.47 4.52
C ASP A 183 21.08 9.28 4.14
N LEU A 184 21.62 8.07 4.24
CA LEU A 184 20.90 6.80 3.94
C LEU A 184 20.34 6.18 5.23
N THR A 185 20.32 6.93 6.34
CA THR A 185 19.89 6.39 7.66
C THR A 185 18.45 5.92 7.56
N GLY A 186 17.67 6.57 6.70
CA GLY A 186 16.27 6.17 6.42
C GLY A 186 16.19 4.70 6.11
N LEU A 187 17.14 4.20 5.34
CA LEU A 187 17.12 2.80 4.87
C LEU A 187 17.38 1.87 6.05
N SER A 188 18.17 2.28 7.04
CA SER A 188 18.63 1.39 8.14
C SER A 188 17.62 1.38 9.30
N THR A 189 16.94 2.50 9.53
CA THR A 189 15.94 2.71 10.61
C THR A 189 14.65 1.88 10.45
N VAL A 190 14.38 1.22 9.32
CA VAL A 190 13.11 0.47 9.09
C VAL A 190 12.92 -0.70 10.06
N ARG A 191 11.66 -0.96 10.47
CA ARG A 191 11.13 -2.05 11.34
C ARG A 191 11.13 -3.38 10.59
N LYS A 192 11.15 -3.33 9.28
CA LYS A 192 11.26 -4.55 8.44
C LYS A 192 12.65 -4.75 7.80
N PRO A 193 13.12 -5.98 7.53
CA PRO A 193 14.41 -6.18 6.90
C PRO A 193 14.27 -6.09 5.38
N TRP A 194 15.04 -5.23 4.71
CA TRP A 194 14.95 -5.10 3.23
C TRP A 194 15.31 -6.43 2.57
N THR A 195 14.61 -6.82 1.52
CA THR A 195 14.91 -8.12 0.87
C THR A 195 14.58 -8.09 -0.63
N ALA A 196 15.41 -8.78 -1.41
CA ALA A 196 15.23 -8.99 -2.85
C ALA A 196 15.09 -10.50 -3.08
N VAL A 197 13.95 -10.89 -3.62
CA VAL A 197 13.69 -12.31 -3.97
C VAL A 197 14.11 -12.44 -5.44
N ASP A 198 14.71 -13.56 -5.81
CA ASP A 198 15.08 -13.76 -7.22
C ASP A 198 15.11 -15.26 -7.47
N THR A 199 14.53 -15.69 -8.60
CA THR A 199 14.43 -17.10 -9.06
C THR A 199 14.94 -17.19 -10.49
N SER A 200 15.38 -18.38 -10.93
CA SER A 200 15.93 -18.62 -12.29
C SER A 200 14.88 -19.22 -13.22
N VAL A 201 15.11 -19.26 -14.55
CA VAL A 201 14.20 -19.75 -15.64
C VAL A 201 13.29 -20.88 -15.16
N ASP A 202 13.79 -21.68 -14.23
CA ASP A 202 13.10 -22.77 -13.50
C ASP A 202 14.04 -23.30 -12.40
N GLY A 203 13.51 -23.51 -11.19
CA GLY A 203 14.23 -24.14 -10.08
C GLY A 203 14.61 -23.14 -9.01
N ARG A 204 15.89 -22.74 -8.93
CA ARG A 204 16.49 -21.83 -7.91
C ARG A 204 15.54 -20.76 -7.34
N LYS A 205 15.47 -20.67 -6.00
CA LYS A 205 14.62 -19.68 -5.26
C LYS A 205 15.38 -19.18 -4.01
N ARG A 206 15.77 -17.90 -4.01
CA ARG A 206 16.57 -17.23 -2.94
C ARG A 206 16.18 -15.83 -2.46
N THR A 207 16.29 -15.57 -1.14
CA THR A 207 15.88 -14.30 -0.46
C THR A 207 17.05 -13.48 0.13
N PHE A 208 17.50 -12.47 -0.58
CA PHE A 208 18.64 -11.61 -0.20
C PHE A 208 18.17 -10.64 0.87
N TYR A 209 18.83 -10.67 2.03
CA TYR A 209 18.67 -9.70 3.14
C TYR A 209 19.76 -8.65 3.02
N LEU A 210 19.39 -7.37 2.91
CA LEU A 210 20.34 -6.24 2.86
C LEU A 210 20.07 -5.27 4.02
N SER A 211 21.16 -4.82 4.60
CA SER A 211 21.20 -3.73 5.61
C SER A 211 22.07 -2.62 5.05
N VAL A 212 21.83 -1.40 5.53
CA VAL A 212 22.64 -0.21 5.12
C VAL A 212 23.37 0.29 6.37
N CYS A 213 24.71 0.32 6.30
CA CYS A 213 25.61 0.85 7.37
C CYS A 213 25.48 0.10 8.71
N ASN A 214 24.33 -0.54 8.97
CA ASN A 214 24.17 -1.26 10.25
C ASN A 214 24.08 -2.75 9.94
N PRO A 215 24.48 -3.61 10.88
CA PRO A 215 24.32 -5.05 10.69
C PRO A 215 22.85 -5.43 10.43
N LEU A 216 22.66 -6.50 9.68
CA LEU A 216 21.32 -7.10 9.44
C LEU A 216 20.62 -7.36 10.76
N PRO A 217 19.28 -7.25 10.81
CA PRO A 217 18.51 -7.77 11.93
C PRO A 217 18.74 -9.27 12.14
N TYR A 218 18.37 -9.79 13.32
CA TYR A 218 18.47 -11.22 13.68
C TYR A 218 17.70 -11.99 12.60
N ILE A 219 18.43 -12.87 11.90
CA ILE A 219 17.90 -13.78 10.87
C ILE A 219 18.45 -15.17 11.21
N PRO A 220 17.60 -16.20 11.32
CA PRO A 220 18.09 -17.55 11.60
C PRO A 220 19.06 -18.02 10.49
N GLY A 221 20.27 -18.40 10.88
CA GLY A 221 21.35 -18.83 9.96
C GLY A 221 22.29 -17.70 9.58
N CYS A 222 21.85 -16.45 9.72
CA CYS A 222 22.72 -15.29 9.41
C CYS A 222 22.85 -14.38 10.64
N GLN A 223 24.02 -14.39 11.28
CA GLN A 223 24.30 -13.56 12.48
C GLN A 223 25.78 -13.14 12.44
N GLY A 224 26.68 -14.13 12.47
CA GLY A 224 28.14 -13.88 12.41
C GLY A 224 28.58 -12.78 13.34
N SER A 225 29.22 -11.74 12.80
CA SER A 225 29.74 -10.59 13.60
C SER A 225 29.04 -9.29 13.21
N ALA A 226 29.08 -8.89 11.93
CA ALA A 226 28.40 -7.67 11.41
C ALA A 226 28.03 -7.91 9.95
N VAL A 227 27.07 -8.81 9.75
CA VAL A 227 26.69 -9.31 8.40
C VAL A 227 25.82 -8.24 7.75
N GLY A 228 26.21 -7.73 6.58
CA GLY A 228 25.52 -6.65 5.84
C GLY A 228 24.58 -7.19 4.76
N SER A 229 24.93 -8.29 4.10
CA SER A 229 24.10 -8.89 3.02
C SER A 229 24.15 -10.40 3.20
N CYS A 230 23.01 -11.06 3.10
CA CYS A 230 22.83 -12.48 3.46
C CYS A 230 21.93 -13.12 2.41
N LEU A 231 22.31 -14.30 1.93
CA LEU A 231 21.49 -15.11 1.01
C LEU A 231 20.95 -16.30 1.79
N VAL A 232 19.65 -16.53 1.73
CA VAL A 232 19.00 -17.75 2.27
C VAL A 232 18.34 -18.50 1.12
N SER A 233 18.67 -19.78 0.97
CA SER A 233 18.14 -20.69 -0.09
C SER A 233 18.29 -22.12 0.41
N GLU A 234 17.22 -22.90 0.44
CA GLU A 234 17.24 -24.35 0.78
C GLU A 234 17.88 -24.55 2.17
N GLY A 235 17.54 -23.74 3.17
CA GLY A 235 18.05 -23.86 4.54
C GLY A 235 19.56 -23.65 4.65
N ASN A 236 20.17 -23.06 3.62
CA ASN A 236 21.58 -22.62 3.66
C ASN A 236 21.60 -21.09 3.66
N SER A 237 22.31 -20.52 4.63
CA SER A 237 22.55 -19.07 4.77
C SER A 237 24.00 -18.78 4.39
N TRP A 238 24.22 -17.70 3.66
CA TRP A 238 25.56 -17.23 3.23
C TRP A 238 25.73 -15.78 3.68
N ASN A 239 26.83 -15.45 4.38
CA ASN A 239 27.21 -14.05 4.71
C ASN A 239 27.97 -13.52 3.49
N LEU A 240 27.40 -12.58 2.75
CA LEU A 240 27.93 -12.19 1.43
C LEU A 240 28.63 -10.84 1.55
N GLY A 241 29.07 -10.50 2.76
CA GLY A 241 29.79 -9.25 3.01
C GLY A 241 29.52 -8.74 4.40
N VAL A 242 30.53 -8.23 5.07
CA VAL A 242 30.36 -7.71 6.46
C VAL A 242 30.35 -6.19 6.38
N VAL A 243 29.67 -5.58 7.34
CA VAL A 243 29.57 -4.10 7.47
C VAL A 243 30.97 -3.58 7.74
N GLN A 244 31.60 -2.98 6.75
CA GLN A 244 33.06 -2.82 6.72
C GLN A 244 33.36 -1.35 6.43
N MET A 245 33.00 -0.92 5.21
CA MET A 245 33.29 0.43 4.68
C MET A 245 31.98 1.24 4.58
N SER A 246 32.12 2.54 4.87
CA SER A 246 31.04 3.55 4.80
C SER A 246 30.63 3.79 3.35
N PRO A 247 29.44 4.37 3.10
CA PRO A 247 29.01 4.70 1.75
C PRO A 247 29.90 5.75 1.06
N GLN A 248 30.02 5.60 -0.26
CA GLN A 248 30.95 6.37 -1.15
C GLN A 248 30.10 7.10 -2.20
N ALA A 249 30.60 8.20 -2.77
CA ALA A 249 29.84 9.08 -3.67
C ALA A 249 30.34 9.06 -5.13
N SER A 254 26.78 9.44 -8.18
CA SER A 254 25.76 8.75 -7.33
C SER A 254 26.44 7.95 -6.21
N LEU A 255 25.68 7.18 -5.44
CA LEU A 255 26.16 6.55 -4.16
C LEU A 255 26.43 5.06 -4.37
N SER A 256 27.35 4.51 -3.57
CA SER A 256 27.69 3.06 -3.55
C SER A 256 28.00 2.62 -2.13
N ILE A 257 27.66 1.37 -1.81
CA ILE A 257 28.19 0.64 -0.64
C ILE A 257 28.74 -0.70 -1.13
N MET A 258 29.86 -1.14 -0.56
CA MET A 258 30.33 -2.53 -0.77
C MET A 258 30.57 -3.18 0.61
N TYR A 259 29.97 -4.35 0.78
CA TYR A 259 30.30 -5.28 1.90
C TYR A 259 31.14 -6.42 1.34
N VAL A 260 32.21 -6.74 2.02
CA VAL A 260 33.23 -7.71 1.53
C VAL A 260 33.55 -8.66 2.70
N ASN A 261 34.36 -9.68 2.46
CA ASN A 261 34.85 -10.62 3.51
C ASN A 261 33.66 -11.42 4.07
N GLY A 262 32.76 -11.82 3.18
CA GLY A 262 31.76 -12.88 3.46
C GLY A 262 32.37 -14.27 3.31
N ASP A 263 31.70 -15.31 3.83
CA ASP A 263 32.21 -16.72 3.89
C ASP A 263 32.70 -17.24 2.52
N LYS A 264 33.58 -18.24 2.58
CA LYS A 264 34.44 -18.72 1.46
C LYS A 264 33.64 -18.97 0.16
N CYS A 265 34.16 -18.51 -0.98
CA CYS A 265 33.66 -18.81 -2.35
C CYS A 265 34.86 -19.29 -3.20
N GLY A 266 35.03 -20.61 -3.31
CA GLY A 266 36.25 -21.25 -3.85
C GLY A 266 37.50 -20.71 -3.16
N ASN A 267 38.34 -20.00 -3.90
CA ASN A 267 39.63 -19.41 -3.44
C ASN A 267 39.39 -18.00 -2.86
N GLN A 268 38.25 -17.39 -3.15
CA GLN A 268 37.93 -15.99 -2.72
C GLN A 268 36.90 -16.02 -1.58
N ARG A 269 36.46 -14.84 -1.16
CA ARG A 269 35.40 -14.69 -0.13
C ARG A 269 34.32 -13.78 -0.74
N PHE A 270 33.06 -14.02 -0.36
CA PHE A 270 31.89 -13.35 -0.97
C PHE A 270 31.91 -11.84 -0.70
N SER A 271 31.36 -11.08 -1.64
CA SER A 271 31.20 -9.61 -1.59
C SER A 271 29.82 -9.25 -2.10
N THR A 272 29.30 -8.08 -1.71
CA THR A 272 28.04 -7.48 -2.24
C THR A 272 28.29 -6.02 -2.61
N ARG A 273 27.85 -5.61 -3.80
CA ARG A 273 27.85 -4.19 -4.19
C ARG A 273 26.41 -3.70 -4.30
N ILE A 274 26.10 -2.59 -3.63
CA ILE A 274 24.81 -1.86 -3.78
C ILE A 274 25.13 -0.51 -4.40
N THR A 275 24.58 -0.25 -5.59
CA THR A 275 24.62 1.07 -6.26
C THR A 275 23.30 1.79 -5.97
N PHE A 276 23.33 2.93 -5.27
CA PHE A 276 22.12 3.76 -4.99
C PHE A 276 21.89 4.75 -6.13
N GLU A 277 20.62 4.99 -6.45
CA GLU A 277 20.21 6.00 -7.44
C GLU A 277 19.08 6.83 -6.83
N CYS A 278 19.13 8.14 -7.05
CA CYS A 278 18.12 9.11 -6.56
C CYS A 278 16.83 8.95 -7.39
N ALA A 279 15.72 8.65 -6.73
CA ALA A 279 14.43 8.37 -7.39
C ALA A 279 13.26 8.84 -6.52
N GLN A 280 12.14 9.13 -7.17
CA GLN A 280 10.87 9.64 -6.56
C GLN A 280 10.34 8.67 -5.50
N ILE A 281 10.59 7.36 -5.61
CA ILE A 281 9.90 6.38 -4.71
C ILE A 281 10.78 6.06 -3.49
N SER A 282 10.16 5.50 -2.46
CA SER A 282 10.84 4.75 -1.38
C SER A 282 11.02 3.31 -1.87
N GLY A 283 12.12 3.08 -2.59
CA GLY A 283 12.39 1.82 -3.31
C GLY A 283 12.91 0.71 -2.40
N SER A 284 12.98 -0.49 -2.98
CA SER A 284 13.57 -1.71 -2.40
C SER A 284 14.84 -2.03 -3.20
N PRO A 285 15.86 -2.69 -2.60
CA PRO A 285 17.02 -3.11 -3.38
C PRO A 285 16.60 -4.26 -4.32
N ALA A 286 17.00 -4.16 -5.58
CA ALA A 286 16.65 -5.12 -6.66
C ALA A 286 17.90 -5.87 -7.12
N PHE A 287 17.90 -7.21 -7.01
CA PHE A 287 19.04 -8.08 -7.41
C PHE A 287 19.29 -7.90 -8.90
N GLN A 288 20.53 -7.58 -9.30
CA GLN A 288 20.85 -7.19 -10.69
C GLN A 288 21.59 -8.34 -11.40
N LEU A 289 22.71 -8.80 -10.85
CA LEU A 289 23.56 -9.86 -11.46
C LEU A 289 24.55 -10.39 -10.42
N GLN A 290 25.35 -11.39 -10.79
CA GLN A 290 26.41 -11.95 -9.91
C GLN A 290 27.73 -12.04 -10.68
N ASP A 291 28.75 -11.30 -10.25
CA ASP A 291 30.06 -11.20 -10.94
C ASP A 291 31.11 -11.95 -10.12
N GLY A 292 31.35 -13.22 -10.44
CA GLY A 292 32.21 -14.09 -9.62
C GLY A 292 31.59 -14.30 -8.25
N CYS A 293 32.29 -13.86 -7.19
CA CYS A 293 31.87 -14.03 -5.78
C CYS A 293 31.18 -12.74 -5.29
N GLU A 294 30.97 -11.74 -6.17
CA GLU A 294 30.33 -10.44 -5.81
C GLU A 294 28.89 -10.42 -6.34
N TYR A 295 27.91 -10.22 -5.45
CA TYR A 295 26.48 -10.00 -5.79
C TYR A 295 26.20 -8.50 -5.96
N VAL A 296 25.77 -8.06 -7.13
CA VAL A 296 25.52 -6.62 -7.42
C VAL A 296 24.02 -6.34 -7.38
N PHE A 297 23.63 -5.29 -6.66
CA PHE A 297 22.24 -4.79 -6.58
C PHE A 297 22.22 -3.31 -7.00
N ILE A 298 21.05 -2.92 -7.49
CA ILE A 298 20.70 -1.51 -7.82
C ILE A 298 19.54 -1.15 -6.87
N TRP A 299 19.63 0.00 -6.21
CA TRP A 299 18.63 0.46 -5.23
C TRP A 299 18.22 1.88 -5.63
N ARG A 300 17.08 1.98 -6.32
CA ARG A 300 16.45 3.29 -6.68
C ARG A 300 15.56 3.72 -5.51
N THR A 301 16.00 4.73 -4.76
CA THR A 301 15.25 5.22 -3.58
C THR A 301 15.46 6.72 -3.39
N VAL A 302 14.55 7.32 -2.63
CA VAL A 302 14.47 8.78 -2.38
C VAL A 302 15.57 9.14 -1.39
N GLU A 303 16.02 8.19 -0.55
CA GLU A 303 17.01 8.49 0.51
C GLU A 303 18.33 8.87 -0.13
N ALA A 304 18.57 8.34 -1.34
CA ALA A 304 19.83 8.56 -2.08
C ALA A 304 19.88 9.97 -2.68
N CYS A 305 18.93 10.84 -2.32
CA CYS A 305 18.80 12.19 -2.92
C CYS A 305 19.47 13.25 -2.03
N PRO A 306 20.20 14.21 -2.65
CA PRO A 306 20.94 15.24 -1.93
C PRO A 306 20.04 15.92 -0.90
N VAL A 307 20.47 15.93 0.36
CA VAL A 307 19.69 16.59 1.45
C VAL A 307 19.95 18.08 1.39
N VAL A 308 18.90 18.87 1.20
CA VAL A 308 18.96 20.36 1.24
C VAL A 308 17.70 20.80 1.98
N ARG A 309 17.85 21.68 2.97
CA ARG A 309 16.76 22.05 3.89
C ARG A 309 16.93 23.52 4.27
N VAL A 310 15.83 24.26 4.34
CA VAL A 310 15.85 25.76 4.39
C VAL A 310 14.75 26.22 5.35
N GLU A 311 15.05 27.22 6.17
CA GLU A 311 14.09 27.81 7.14
C GLU A 311 13.72 29.19 6.65
N GLY A 312 12.46 29.57 6.84
CA GLY A 312 11.92 30.90 6.48
C GLY A 312 11.08 31.44 7.61
N ASP A 313 10.78 32.73 7.56
CA ASP A 313 9.85 33.39 8.52
C ASP A 313 8.84 34.21 7.71
N ASN A 314 7.96 34.95 8.40
CA ASN A 314 6.87 35.74 7.78
C ASN A 314 6.08 34.81 6.87
N CYS A 315 5.94 33.53 7.26
CA CYS A 315 5.05 32.56 6.60
C CYS A 315 5.47 32.37 5.13
N GLU A 316 6.68 32.78 4.77
CA GLU A 316 7.23 32.60 3.39
C GLU A 316 8.54 31.80 3.46
N VAL A 317 8.86 31.03 2.42
CA VAL A 317 10.17 30.34 2.29
C VAL A 317 10.53 30.16 0.81
N LYS A 318 11.80 30.34 0.45
CA LYS A 318 12.29 30.30 -0.96
C LYS A 318 12.75 28.88 -1.32
N ASP A 319 12.39 28.41 -2.50
CA ASP A 319 12.75 27.05 -2.98
C ASP A 319 14.19 27.09 -3.47
N PRO A 320 15.10 26.28 -2.90
CA PRO A 320 16.50 26.29 -3.34
C PRO A 320 16.73 25.79 -4.77
N ARG A 321 15.83 24.98 -5.30
CA ARG A 321 16.01 24.30 -6.61
C ARG A 321 15.47 25.20 -7.74
N HIS A 322 14.20 25.60 -7.66
CA HIS A 322 13.48 26.37 -8.72
C HIS A 322 13.78 27.85 -8.52
N GLY A 323 13.74 28.32 -7.28
CA GLY A 323 14.04 29.72 -6.91
C GLY A 323 12.78 30.48 -6.52
N ASN A 324 11.60 29.88 -6.64
CA ASN A 324 10.30 30.58 -6.36
C ASN A 324 10.10 30.73 -4.85
N LEU A 325 9.15 31.59 -4.44
CA LEU A 325 8.84 31.83 -3.00
C LEU A 325 7.49 31.19 -2.67
N TYR A 326 7.46 30.17 -1.82
CA TYR A 326 6.21 29.70 -1.20
C TYR A 326 5.71 30.76 -0.20
N ASP A 327 4.47 31.21 -0.34
CA ASP A 327 3.81 32.11 0.63
C ASP A 327 2.51 31.45 1.07
N LEU A 328 2.42 30.96 2.32
CA LEU A 328 1.21 30.29 2.84
C LEU A 328 0.28 31.26 3.59
N LYS A 329 0.56 32.57 3.57
CA LYS A 329 -0.27 33.60 4.27
C LYS A 329 -1.73 33.45 3.82
N PRO A 330 -2.00 33.22 2.51
CA PRO A 330 -3.38 33.02 2.05
C PRO A 330 -4.18 31.95 2.81
N LEU A 331 -3.51 31.01 3.49
CA LEU A 331 -4.24 29.91 4.18
C LEU A 331 -4.75 30.39 5.54
N GLY A 332 -4.28 31.55 6.01
CA GLY A 332 -4.52 32.03 7.37
C GLY A 332 -5.55 33.14 7.43
N LEU A 333 -6.35 33.29 6.37
CA LEU A 333 -7.34 34.37 6.31
C LEU A 333 -8.60 33.92 7.04
N ASN A 334 -8.72 32.65 7.44
CA ASN A 334 -9.80 32.23 8.37
C ASN A 334 -9.27 31.14 9.29
N ASP A 335 -9.91 30.97 10.45
CA ASP A 335 -9.64 29.84 11.38
C ASP A 335 -9.90 28.54 10.61
N THR A 336 -8.96 27.61 10.65
CA THR A 336 -9.11 26.27 10.03
C THR A 336 -9.70 25.32 11.07
N ILE A 337 -10.80 24.66 10.74
CA ILE A 337 -11.42 23.62 11.62
C ILE A 337 -11.28 22.25 10.96
N VAL A 338 -10.82 21.27 11.74
CA VAL A 338 -10.67 19.86 11.30
C VAL A 338 -11.29 18.96 12.37
N SER A 339 -12.18 18.06 11.99
CA SER A 339 -12.84 17.16 12.96
C SER A 339 -12.08 15.85 13.02
N ALA A 340 -11.99 15.27 14.21
CA ALA A 340 -11.41 13.93 14.45
C ALA A 340 -12.31 13.20 15.45
N GLY A 341 -12.63 11.92 15.21
CA GLY A 341 -13.44 11.02 16.08
C GLY A 341 -14.38 11.70 17.07
N GLU A 342 -13.86 12.12 18.23
CA GLU A 342 -14.66 12.85 19.24
C GLU A 342 -14.07 14.28 19.33
N TYR A 343 -12.77 14.46 19.13
CA TYR A 343 -12.15 15.81 19.23
C TYR A 343 -12.45 16.68 18.01
N THR A 344 -12.04 17.94 18.09
CA THR A 344 -12.24 18.92 16.98
C THR A 344 -11.11 19.95 17.08
N TYR A 345 -10.31 20.14 16.04
CA TYR A 345 -9.08 20.95 16.15
C TYR A 345 -9.33 22.27 15.45
N TYR A 346 -8.94 23.36 16.08
CA TYR A 346 -8.97 24.74 15.53
C TYR A 346 -7.52 25.19 15.42
N PHE A 347 -7.13 25.70 14.25
CA PHE A 347 -5.82 26.37 14.12
C PHE A 347 -5.88 27.43 13.02
N ARG A 348 -5.03 28.42 13.18
CA ARG A 348 -4.94 29.57 12.26
C ARG A 348 -3.52 29.60 11.72
N VAL A 349 -3.40 29.47 10.40
CA VAL A 349 -2.05 29.44 9.80
C VAL A 349 -1.38 30.80 9.94
N CYS A 350 -0.25 30.85 10.64
CA CYS A 350 0.61 32.06 10.74
C CYS A 350 -0.14 33.20 11.42
N GLY A 351 -1.04 32.89 12.36
CA GLY A 351 -1.88 33.93 12.98
C GLY A 351 -2.53 33.46 14.25
N LYS A 352 -3.16 34.40 14.96
CA LYS A 352 -3.88 34.17 16.24
C LYS A 352 -5.28 33.61 15.97
N LEU A 353 -5.69 32.58 16.72
CA LEU A 353 -7.04 31.95 16.64
C LEU A 353 -8.09 33.01 16.96
N SER A 354 -9.19 33.03 16.21
CA SER A 354 -10.33 33.94 16.45
C SER A 354 -11.45 33.23 17.23
N SER A 355 -11.54 31.90 17.18
CA SER A 355 -12.65 31.10 17.77
C SER A 355 -12.65 31.22 19.31
N ASP A 356 -13.86 31.21 19.92
CA ASP A 356 -14.15 31.47 21.36
C ASP A 356 -13.83 30.21 22.19
N VAL A 357 -12.66 29.59 21.98
CA VAL A 357 -12.25 28.28 22.58
C VAL A 357 -10.79 28.38 23.01
N CYS A 358 -10.38 27.56 23.96
CA CYS A 358 -9.01 27.56 24.58
C CYS A 358 -8.65 28.98 25.02
N PRO A 359 -9.42 29.60 25.94
CA PRO A 359 -9.20 31.00 26.29
C PRO A 359 -7.87 31.12 27.05
N THR A 360 -6.94 31.89 26.48
CA THR A 360 -5.58 32.19 27.03
C THR A 360 -5.00 33.44 26.36
N SER A 361 -5.04 34.60 27.03
CA SER A 361 -4.30 35.84 26.65
C SER A 361 -3.21 36.15 27.69
N ASP A 362 -3.28 35.51 28.86
CA ASP A 362 -2.31 35.72 29.96
C ASP A 362 -0.87 35.45 29.48
N LYS A 363 0.08 36.30 29.92
CA LYS A 363 1.54 36.25 29.61
C LYS A 363 1.80 36.52 28.12
N SER A 364 2.95 36.04 27.62
CA SER A 364 3.35 36.25 26.21
C SER A 364 3.06 34.99 25.39
N LYS A 365 1.85 34.45 25.51
CA LYS A 365 1.42 33.22 24.76
C LYS A 365 0.21 33.56 23.87
N VAL A 366 0.40 33.40 22.56
CA VAL A 366 -0.59 33.67 21.49
C VAL A 366 -1.06 32.33 20.94
N VAL A 367 -2.27 31.89 21.26
CA VAL A 367 -2.75 30.54 20.89
C VAL A 367 -2.98 30.46 19.37
N SER A 368 -2.41 29.46 18.68
CA SER A 368 -2.63 29.20 17.23
C SER A 368 -3.33 27.85 17.01
N SER A 369 -3.44 26.98 18.01
CA SER A 369 -3.96 25.61 17.86
C SER A 369 -4.69 25.18 19.13
N CYS A 370 -5.87 24.58 19.00
CA CYS A 370 -6.70 24.16 20.15
C CYS A 370 -7.33 22.80 19.86
N GLN A 371 -7.20 21.84 20.78
CA GLN A 371 -8.02 20.58 20.75
C GLN A 371 -9.24 20.80 21.66
N GLU A 372 -10.43 20.59 21.13
CA GLU A 372 -11.68 20.63 21.91
C GLU A 372 -12.34 19.25 21.84
N LYS A 373 -12.27 18.46 22.91
CA LYS A 373 -13.03 17.19 23.00
C LYS A 373 -14.46 17.57 23.36
N ARG A 374 -15.41 17.34 22.44
CA ARG A 374 -16.85 17.68 22.62
C ARG A 374 -17.38 16.85 23.79
N GLU A 375 -18.32 17.39 24.57
CA GLU A 375 -18.93 16.69 25.73
C GLU A 375 -19.54 15.38 25.21
N PRO A 376 -19.53 14.26 25.97
CA PRO A 376 -19.11 14.20 27.38
C PRO A 376 -17.61 14.04 27.74
N GLN A 377 -17.27 14.37 28.99
CA GLN A 377 -15.88 14.39 29.58
C GLN A 377 -14.95 15.20 28.67
N GLY A 378 -15.50 16.28 28.09
CA GLY A 378 -14.78 17.17 27.15
C GLY A 378 -13.96 18.21 27.88
N PHE A 379 -12.89 18.71 27.27
CA PHE A 379 -12.21 19.95 27.73
C PHE A 379 -11.50 20.59 26.53
N HIS A 380 -10.87 21.72 26.79
CA HIS A 380 -10.09 22.55 25.85
C HIS A 380 -8.62 22.42 26.24
N LYS A 381 -7.77 22.12 25.27
CA LYS A 381 -6.31 22.00 25.49
C LYS A 381 -5.60 22.83 24.40
N VAL A 382 -4.71 23.74 24.80
CA VAL A 382 -3.91 24.55 23.85
C VAL A 382 -2.93 23.62 23.14
N ALA A 383 -2.93 23.62 21.80
CA ALA A 383 -2.20 22.62 20.99
C ALA A 383 -0.98 23.26 20.27
N GLY A 384 -0.76 24.56 20.42
CA GLY A 384 0.37 25.20 19.73
C GLY A 384 0.28 26.71 19.74
N LEU A 385 1.42 27.37 19.76
CA LEU A 385 1.55 28.84 19.84
C LEU A 385 1.85 29.40 18.46
N LEU A 386 1.71 30.71 18.31
CA LEU A 386 1.99 31.42 17.04
C LEU A 386 3.42 31.09 16.58
N THR A 387 3.58 30.88 15.29
CA THR A 387 4.89 30.86 14.62
C THR A 387 4.68 31.14 13.13
N GLN A 388 5.57 31.94 12.56
CA GLN A 388 5.54 32.28 11.14
C GLN A 388 6.73 31.62 10.46
N LYS A 389 7.33 30.64 11.14
CA LYS A 389 8.46 29.85 10.59
C LYS A 389 7.87 28.79 9.66
N LEU A 390 8.27 28.84 8.39
CA LEU A 390 7.96 27.83 7.37
C LEU A 390 9.27 27.18 6.93
N THR A 391 9.39 25.88 7.17
CA THR A 391 10.61 25.09 6.89
C THR A 391 10.39 24.29 5.60
N TYR A 392 11.44 24.15 4.80
CA TYR A 392 11.47 23.37 3.55
C TYR A 392 12.53 22.30 3.72
N GLU A 393 12.15 21.02 3.78
CA GLU A 393 13.07 19.89 4.04
C GLU A 393 12.92 18.88 2.89
N ASN A 394 13.90 18.85 1.98
CA ASN A 394 14.02 17.89 0.85
C ASN A 394 12.71 17.89 0.07
N GLY A 395 12.19 19.08 -0.24
CA GLY A 395 11.03 19.26 -1.13
C GLY A 395 9.68 19.11 -0.43
N LEU A 396 9.66 19.11 0.91
CA LEU A 396 8.40 19.17 1.69
C LEU A 396 8.33 20.48 2.48
N LEU A 397 7.16 21.12 2.57
CA LEU A 397 6.99 22.32 3.42
C LEU A 397 6.36 21.94 4.76
N LYS A 398 6.97 22.35 5.86
CA LYS A 398 6.47 22.01 7.22
C LYS A 398 6.26 23.28 8.04
N MET A 399 5.25 23.24 8.90
CA MET A 399 4.96 24.25 9.92
C MET A 399 4.82 23.52 11.26
N ASN A 400 5.50 24.00 12.30
CA ASN A 400 5.36 23.45 13.68
C ASN A 400 5.00 24.58 14.64
N PHE A 401 3.74 24.62 15.11
CA PHE A 401 3.27 25.44 16.24
C PHE A 401 3.65 24.76 17.57
N THR A 402 4.51 25.38 18.38
CA THR A 402 5.12 24.73 19.57
C THR A 402 4.49 25.23 20.86
N GLY A 403 5.01 24.78 22.01
CA GLY A 403 4.86 25.44 23.33
C GLY A 403 3.48 25.26 23.96
N GLY A 404 2.79 24.18 23.62
CA GLY A 404 1.39 23.93 24.03
C GLY A 404 1.29 23.56 25.50
N ASP A 405 0.07 23.23 25.96
CA ASP A 405 -0.23 22.63 27.29
C ASP A 405 0.57 21.33 27.51
N THR A 406 0.88 21.05 28.76
CA THR A 406 1.66 19.87 29.19
C THR A 406 0.80 18.63 28.94
N CYS A 407 1.41 17.60 28.35
CA CYS A 407 0.89 16.21 28.25
C CYS A 407 2.00 15.25 28.68
N HIS A 408 1.60 14.17 29.38
CA HIS A 408 2.53 13.11 29.83
C HIS A 408 3.63 13.74 30.69
N LYS A 409 3.26 14.72 31.53
CA LYS A 409 4.16 15.35 32.53
C LYS A 409 5.17 16.18 31.70
N VAL A 410 5.96 15.56 30.85
CA VAL A 410 7.16 16.24 30.29
C VAL A 410 7.07 16.91 28.92
N TYR A 411 5.95 16.81 28.22
CA TYR A 411 5.90 17.21 26.79
C TYR A 411 4.96 18.37 26.50
N GLN A 412 5.35 19.30 25.63
CA GLN A 412 4.37 20.38 25.34
C GLN A 412 3.70 20.06 24.01
N ARG A 413 2.37 19.98 24.01
CA ARG A 413 1.58 19.69 22.78
C ARG A 413 2.09 20.60 21.69
N SER A 414 2.21 20.08 20.48
CA SER A 414 2.65 20.83 19.28
C SER A 414 1.74 20.44 18.11
N THR A 415 1.65 21.32 17.12
CA THR A 415 0.84 21.12 15.90
C THR A 415 1.75 21.29 14.70
N ALA A 416 1.90 20.23 13.92
CA ALA A 416 2.63 20.25 12.66
C ALA A 416 1.66 20.09 11.49
N ILE A 417 1.83 20.94 10.49
CA ILE A 417 1.14 20.80 9.18
C ILE A 417 2.20 20.54 8.10
N PHE A 418 1.98 19.50 7.31
CA PHE A 418 2.83 19.17 6.15
C PHE A 418 2.11 19.57 4.87
N PHE A 419 2.74 20.43 4.07
CA PHE A 419 2.13 21.02 2.86
C PHE A 419 2.68 20.32 1.64
N TYR A 420 1.82 19.85 0.76
CA TYR A 420 2.23 19.26 -0.52
C TYR A 420 1.59 20.02 -1.68
N CYS A 421 2.29 20.06 -2.80
CA CYS A 421 1.76 20.67 -4.04
C CYS A 421 0.47 19.95 -4.46
N ASP A 422 -0.51 20.70 -4.98
CA ASP A 422 -1.80 20.17 -5.50
C ASP A 422 -2.47 21.28 -6.30
N ARG A 423 -3.43 20.97 -7.19
CA ARG A 423 -4.04 22.00 -8.08
C ARG A 423 -4.90 22.94 -7.26
N GLY A 424 -5.75 22.36 -6.43
CA GLY A 424 -6.60 23.24 -5.60
C GLY A 424 -6.24 23.15 -4.13
N THR A 425 -6.32 24.28 -3.41
CA THR A 425 -6.00 24.30 -1.95
C THR A 425 -7.19 23.72 -1.17
N GLN A 426 -7.20 22.41 -0.97
CA GLN A 426 -8.30 21.73 -0.24
C GLN A 426 -8.04 21.79 1.27
N ARG A 427 -9.04 21.40 2.07
CA ARG A 427 -8.96 21.39 3.56
C ARG A 427 -7.81 20.48 4.00
N PRO A 428 -7.06 20.79 5.07
CA PRO A 428 -6.12 19.82 5.61
C PRO A 428 -6.83 18.63 6.27
N VAL A 429 -6.07 17.56 6.51
CA VAL A 429 -6.61 16.31 7.08
C VAL A 429 -5.75 15.86 8.24
N PHE A 430 -6.42 15.38 9.28
CA PHE A 430 -5.76 14.92 10.51
C PHE A 430 -5.09 13.59 10.27
N LEU A 431 -3.81 13.45 10.64
CA LEU A 431 -2.97 12.24 10.40
C LEU A 431 -2.88 11.41 11.67
N LYS A 432 -2.24 11.95 12.73
CA LYS A 432 -2.17 11.27 14.05
C LYS A 432 -1.65 12.25 15.09
N GLU A 433 -1.67 11.79 16.34
CA GLU A 433 -0.99 12.41 17.51
C GLU A 433 0.27 11.57 17.79
N THR A 434 1.45 12.19 17.83
CA THR A 434 2.73 11.50 18.14
C THR A 434 2.76 11.09 19.62
N SER A 435 3.77 10.28 19.99
CA SER A 435 4.10 9.93 21.39
C SER A 435 4.44 11.18 22.20
N ASP A 436 4.86 12.29 21.56
CA ASP A 436 5.21 13.58 22.23
C ASP A 436 4.06 14.61 22.04
N CYS A 437 2.84 14.14 21.80
CA CYS A 437 1.63 14.99 21.58
C CYS A 437 1.86 16.09 20.52
N SER A 438 2.51 15.74 19.42
CA SER A 438 2.53 16.54 18.16
C SER A 438 1.33 16.11 17.30
N TYR A 439 0.41 17.01 17.02
CA TYR A 439 -0.80 16.75 16.17
C TYR A 439 -0.44 17.03 14.71
N LEU A 440 -0.47 15.99 13.86
CA LEU A 440 0.07 16.05 12.48
C LEU A 440 -1.08 16.20 11.50
N PHE A 441 -0.90 17.13 10.56
CA PHE A 441 -1.89 17.45 9.50
C PHE A 441 -1.18 17.50 8.17
N GLU A 442 -1.80 16.88 7.17
CA GLU A 442 -1.34 16.99 5.76
C GLU A 442 -2.30 17.97 5.15
N TRP A 443 -1.77 18.82 4.28
CA TRP A 443 -2.55 19.79 3.52
C TRP A 443 -2.01 19.82 2.11
N ARG A 444 -2.78 19.29 1.15
CA ARG A 444 -2.41 19.42 -0.27
C ARG A 444 -3.05 20.70 -0.80
N THR A 445 -2.21 21.66 -1.19
CA THR A 445 -2.68 22.99 -1.65
C THR A 445 -1.75 23.53 -2.73
N GLN A 446 -2.33 24.27 -3.67
CA GLN A 446 -1.61 24.88 -4.80
C GLN A 446 -0.56 25.85 -4.26
N TYR A 447 -0.72 26.31 -3.01
CA TYR A 447 0.14 27.37 -2.43
C TYR A 447 1.52 26.78 -2.18
N ALA A 448 1.59 25.46 -2.04
CA ALA A 448 2.86 24.74 -1.89
C ALA A 448 3.46 24.35 -3.26
N CYS A 449 2.94 24.88 -4.37
CA CYS A 449 3.32 24.43 -5.73
C CYS A 449 4.04 25.53 -6.46
N PRO A 450 5.21 25.26 -7.07
CA PRO A 450 5.90 26.23 -7.92
C PRO A 450 5.01 26.61 -9.11
N PRO A 451 5.36 27.66 -9.88
CA PRO A 451 4.56 28.05 -11.04
C PRO A 451 4.37 26.82 -11.95
N PHE A 452 3.21 26.63 -12.59
CA PHE A 452 2.99 25.41 -13.39
C PHE A 452 1.85 25.55 -14.41
N ASP A 453 2.12 25.12 -15.65
CA ASP A 453 1.19 25.12 -16.81
C ASP A 453 0.25 23.93 -16.76
N LEU A 454 -0.97 24.06 -17.28
CA LEU A 454 -2.02 23.03 -17.23
C LEU A 454 -2.82 23.04 -18.54
N THR A 455 -3.29 21.89 -19.02
CA THR A 455 -4.06 21.76 -20.29
C THR A 455 -5.22 20.80 -20.12
N GLU A 456 -6.30 20.95 -20.90
CA GLU A 456 -7.46 20.03 -20.87
C GLU A 456 -6.96 18.70 -21.39
N CYS A 457 -7.30 17.64 -20.67
CA CYS A 457 -6.70 16.30 -20.83
C CYS A 457 -7.76 15.27 -21.28
N SER A 458 -9.01 15.70 -21.50
CA SER A 458 -10.05 14.89 -22.16
C SER A 458 -10.25 15.40 -23.59
N PHE A 459 -10.38 14.46 -24.53
CA PHE A 459 -10.69 14.76 -25.94
C PHE A 459 -11.57 13.66 -26.51
N LYS A 460 -12.00 13.87 -27.75
CA LYS A 460 -12.89 12.95 -28.51
C LYS A 460 -12.27 12.70 -29.88
N ASP A 461 -12.55 11.53 -30.46
CA ASP A 461 -12.04 11.09 -31.80
C ASP A 461 -13.05 11.48 -32.87
N GLY A 462 -12.87 10.98 -34.10
CA GLY A 462 -13.79 11.18 -35.24
C GLY A 462 -15.17 10.62 -34.96
N ALA A 463 -15.26 9.54 -34.17
CA ALA A 463 -16.49 8.76 -33.88
C ALA A 463 -17.27 9.35 -32.70
N GLY A 464 -16.66 10.22 -31.88
CA GLY A 464 -17.28 10.77 -30.66
C GLY A 464 -17.00 9.93 -29.42
N ASN A 465 -16.11 8.94 -29.49
CA ASN A 465 -15.64 8.22 -28.27
C ASN A 465 -14.86 9.20 -27.40
N SER A 466 -15.04 9.11 -26.07
CA SER A 466 -14.41 9.98 -25.05
C SER A 466 -13.10 9.34 -24.58
N PHE A 467 -12.06 10.16 -24.48
CA PHE A 467 -10.75 9.78 -23.90
C PHE A 467 -10.39 10.82 -22.86
N ASP A 468 -9.88 10.35 -21.73
CA ASP A 468 -9.51 11.22 -20.61
C ASP A 468 -8.26 10.64 -19.97
N LEU A 469 -7.15 11.33 -20.15
CA LEU A 469 -5.82 10.94 -19.60
C LEU A 469 -5.55 11.69 -18.29
N SER A 470 -6.54 12.42 -17.77
CA SER A 470 -6.37 13.36 -16.63
C SER A 470 -5.90 12.60 -15.40
N SER A 471 -6.13 11.29 -15.35
CA SER A 471 -5.68 10.42 -14.22
C SER A 471 -4.14 10.33 -14.17
N LEU A 472 -3.44 10.55 -15.30
CA LEU A 472 -1.96 10.42 -15.38
C LEU A 472 -1.27 11.76 -15.02
N SER A 473 -1.99 12.85 -14.80
CA SER A 473 -1.37 14.11 -14.34
C SER A 473 -0.95 13.94 -12.88
N ARG A 474 0.32 14.16 -12.56
CA ARG A 474 0.88 14.00 -11.20
C ARG A 474 1.34 15.36 -10.70
N TYR A 475 0.95 15.79 -9.50
CA TYR A 475 1.20 17.17 -9.00
C TYR A 475 2.35 17.17 -8.01
N SER A 476 2.56 16.05 -7.32
CA SER A 476 3.60 15.85 -6.28
C SER A 476 4.85 15.19 -6.86
N ASP A 477 4.74 14.47 -7.97
CA ASP A 477 5.86 13.72 -8.57
C ASP A 477 5.76 13.75 -10.09
N ASN A 478 6.65 13.05 -10.76
CA ASN A 478 6.64 12.97 -12.24
C ASN A 478 6.82 11.52 -12.62
N TRP A 479 6.55 11.21 -13.89
CA TRP A 479 6.81 9.88 -14.50
C TRP A 479 8.27 9.80 -14.90
N GLU A 480 8.90 8.70 -14.49
CA GLU A 480 10.28 8.31 -14.87
C GLU A 480 10.16 7.40 -16.11
N ALA A 481 10.67 7.83 -17.26
CA ALA A 481 10.55 7.07 -18.54
C ALA A 481 11.33 5.78 -18.40
N ILE A 482 10.86 4.71 -19.05
CA ILE A 482 11.58 3.40 -19.14
C ILE A 482 12.54 3.47 -20.33
N THR A 483 13.84 3.40 -20.07
CA THR A 483 14.89 3.35 -21.10
C THR A 483 15.64 2.04 -20.88
N GLY A 484 16.81 1.88 -21.52
CA GLY A 484 17.72 0.74 -21.31
C GLY A 484 18.17 0.67 -19.86
N THR A 485 18.65 -0.49 -19.40
CA THR A 485 18.89 -0.71 -17.95
C THR A 485 20.16 0.01 -17.48
N GLY A 486 21.14 0.25 -18.37
CA GLY A 486 22.39 0.95 -18.02
C GLY A 486 22.40 2.44 -18.33
N ASP A 487 21.30 2.96 -18.89
CA ASP A 487 21.21 4.31 -19.51
C ASP A 487 21.73 5.36 -18.51
N PRO A 488 22.78 6.11 -18.89
CA PRO A 488 23.28 7.22 -18.07
C PRO A 488 22.32 8.39 -17.94
N GLU A 489 21.36 8.49 -18.86
CA GLU A 489 20.34 9.56 -18.86
C GLU A 489 18.98 9.00 -18.43
N HIS A 490 18.23 9.81 -17.70
CA HIS A 490 16.85 9.52 -17.27
C HIS A 490 15.94 10.55 -17.95
N TYR A 491 14.68 10.19 -18.15
CA TYR A 491 13.67 11.10 -18.71
C TYR A 491 12.52 11.28 -17.74
N LEU A 492 12.21 12.54 -17.47
CA LEU A 492 11.06 12.93 -16.65
C LEU A 492 9.94 13.45 -17.55
N ILE A 493 8.74 12.98 -17.27
CA ILE A 493 7.52 13.36 -18.03
C ILE A 493 6.38 13.59 -17.05
N ASN A 494 5.55 14.58 -17.37
CA ASN A 494 4.20 14.69 -16.79
C ASN A 494 3.17 14.71 -17.93
N VAL A 495 1.90 14.46 -17.59
CA VAL A 495 0.81 14.42 -18.60
C VAL A 495 -0.09 15.66 -18.45
N CYS A 496 -0.16 16.46 -19.50
CA CYS A 496 -1.08 17.62 -19.63
C CYS A 496 -0.73 18.70 -18.61
N LYS A 497 0.48 18.68 -18.05
CA LYS A 497 0.96 19.77 -17.17
C LYS A 497 2.47 19.80 -17.17
N SER A 498 3.05 20.94 -16.76
CA SER A 498 4.51 21.08 -16.57
C SER A 498 4.89 20.19 -15.38
N LEU A 499 6.17 19.89 -15.25
CA LEU A 499 6.69 18.89 -14.28
C LEU A 499 6.41 19.37 -12.86
N ALA A 500 6.10 18.44 -11.96
CA ALA A 500 6.09 18.66 -10.50
C ALA A 500 7.55 18.90 -10.07
N PRO A 501 7.78 19.51 -8.89
CA PRO A 501 9.14 19.65 -8.38
C PRO A 501 9.82 18.27 -8.21
N GLN A 502 11.12 18.20 -8.48
CA GLN A 502 11.91 16.93 -8.48
C GLN A 502 12.90 16.95 -7.31
N ALA A 503 13.18 15.78 -6.71
CA ALA A 503 14.22 15.62 -5.67
C ALA A 503 15.61 15.74 -6.30
N GLY A 504 16.57 16.28 -5.57
CA GLY A 504 17.96 16.50 -6.04
C GLY A 504 18.35 17.97 -5.99
N THR A 505 19.55 18.28 -6.50
CA THR A 505 20.10 19.65 -6.61
C THR A 505 20.42 19.94 -8.08
N GLU A 506 19.85 19.17 -9.02
CA GLU A 506 19.96 19.44 -10.48
C GLU A 506 18.57 19.50 -11.10
N PRO A 507 17.75 20.51 -10.75
CA PRO A 507 16.36 20.56 -11.16
C PRO A 507 16.22 21.03 -12.61
N CYS A 508 15.16 20.56 -13.27
CA CYS A 508 14.77 20.92 -14.65
C CYS A 508 14.28 22.36 -14.68
N PRO A 509 14.41 23.07 -15.83
CA PRO A 509 13.81 24.39 -16.01
C PRO A 509 12.33 24.35 -15.64
N PRO A 510 11.79 25.38 -14.96
CA PRO A 510 10.43 25.27 -14.40
C PRO A 510 9.35 25.04 -15.46
N GLU A 511 9.56 25.55 -16.67
CA GLU A 511 8.58 25.55 -17.80
C GLU A 511 8.45 24.16 -18.47
N ALA A 512 9.39 23.24 -18.24
CA ALA A 512 9.45 21.94 -18.93
C ALA A 512 8.32 21.01 -18.45
N ALA A 513 7.71 20.29 -19.39
CA ALA A 513 6.77 19.17 -19.10
C ALA A 513 7.48 17.82 -19.33
N ALA A 514 8.65 17.84 -19.97
CA ALA A 514 9.50 16.65 -20.21
C ALA A 514 10.96 17.09 -20.19
N CYS A 515 11.84 16.26 -19.63
CA CYS A 515 13.20 16.68 -19.21
C CYS A 515 14.22 15.55 -19.31
N LEU A 516 15.46 15.89 -19.66
CA LEU A 516 16.60 14.95 -19.85
C LEU A 516 17.65 15.19 -18.74
N LEU A 517 17.98 14.14 -17.97
CA LEU A 517 18.81 14.23 -16.74
C LEU A 517 19.98 13.25 -16.86
N GLY A 519 22.72 13.61 -18.05
CA GLY A 519 24.08 13.98 -18.48
C GLY A 519 24.55 15.27 -17.81
N SER A 520 25.06 16.20 -18.62
CA SER A 520 25.76 17.46 -18.23
C SER A 520 24.83 18.37 -17.42
N LYS A 521 23.77 18.84 -18.06
CA LYS A 521 22.83 19.87 -17.53
C LYS A 521 21.40 19.34 -17.68
N PRO A 522 20.45 19.78 -16.85
CA PRO A 522 19.05 19.45 -17.09
C PRO A 522 18.60 20.07 -18.43
N VAL A 523 18.00 19.26 -19.30
CA VAL A 523 17.57 19.73 -20.65
C VAL A 523 16.05 19.77 -20.71
N ASN A 524 15.50 20.94 -20.99
CA ASN A 524 14.05 21.17 -21.24
C ASN A 524 13.72 20.55 -22.61
N LEU A 525 12.81 19.57 -22.64
CA LEU A 525 12.46 18.85 -23.88
C LEU A 525 11.15 19.37 -24.47
N GLY A 526 10.50 20.35 -23.82
CA GLY A 526 9.24 20.92 -24.33
C GLY A 526 8.32 21.41 -23.22
N ARG A 527 7.59 22.49 -23.53
CA ARG A 527 6.59 23.17 -22.66
C ARG A 527 5.20 22.70 -23.05
N VAL A 528 4.23 22.82 -22.17
CA VAL A 528 2.80 22.51 -22.48
C VAL A 528 2.28 23.58 -23.43
N ARG A 529 1.60 23.17 -24.49
CA ARG A 529 0.82 24.11 -25.37
C ARG A 529 -0.59 23.55 -25.57
N ASP A 530 -0.74 22.53 -26.41
CA ASP A 530 -2.07 21.96 -26.72
C ASP A 530 -2.26 20.62 -26.00
N GLY A 531 -3.54 20.28 -25.83
CA GLY A 531 -4.00 19.01 -25.25
C GLY A 531 -3.70 17.83 -26.17
N PRO A 532 -4.18 16.62 -25.82
CA PRO A 532 -3.95 15.45 -26.66
C PRO A 532 -5.00 15.39 -27.79
N GLN A 533 -4.56 14.93 -28.97
CA GLN A 533 -5.29 14.95 -30.25
C GLN A 533 -5.20 13.56 -30.92
N TRP A 534 -6.26 13.14 -31.63
CA TRP A 534 -6.24 11.98 -32.56
C TRP A 534 -5.54 12.39 -33.85
N ARG A 535 -4.28 12.00 -34.00
CA ARG A 535 -3.42 12.41 -35.13
C ARG A 535 -2.98 11.14 -35.88
N ASP A 536 -3.45 10.97 -37.12
CA ASP A 536 -3.16 9.80 -37.99
C ASP A 536 -3.46 8.50 -37.22
N GLY A 537 -4.64 8.44 -36.58
CA GLY A 537 -5.19 7.23 -35.92
C GLY A 537 -4.45 6.81 -34.65
N ILE A 538 -3.69 7.71 -34.01
CA ILE A 538 -3.11 7.48 -32.66
C ILE A 538 -3.29 8.73 -31.80
N ILE A 539 -3.35 8.54 -30.48
CA ILE A 539 -3.41 9.64 -29.48
C ILE A 539 -2.01 10.26 -29.33
N VAL A 540 -1.90 11.54 -29.67
CA VAL A 540 -0.60 12.28 -29.63
C VAL A 540 -0.73 13.44 -28.67
N LEU A 541 0.20 13.53 -27.72
CA LEU A 541 0.42 14.73 -26.89
C LEU A 541 1.75 15.34 -27.30
N LYS A 542 1.75 16.61 -27.68
CA LYS A 542 2.98 17.28 -28.16
C LYS A 542 3.33 18.42 -27.20
N TYR A 543 4.57 18.44 -26.73
CA TYR A 543 5.19 19.57 -26.00
C TYR A 543 6.21 20.26 -26.93
N VAL A 544 6.36 21.57 -26.81
CA VAL A 544 7.14 22.40 -27.80
C VAL A 544 8.03 23.41 -27.06
N ASP A 545 8.91 24.07 -27.81
CA ASP A 545 9.70 25.25 -27.37
C ASP A 545 10.57 24.91 -26.16
N GLY A 546 11.23 23.75 -26.20
CA GLY A 546 12.24 23.32 -25.21
C GLY A 546 13.55 24.06 -25.42
N ASP A 547 14.67 23.48 -24.99
CA ASP A 547 16.01 24.11 -25.17
C ASP A 547 16.35 24.16 -26.67
N LEU A 548 17.28 25.03 -27.06
CA LEU A 548 17.68 25.22 -28.48
C LEU A 548 18.31 23.92 -29.00
N CYS A 549 17.87 23.45 -30.16
CA CYS A 549 18.44 22.28 -30.89
C CYS A 549 19.87 22.61 -31.33
N PRO A 550 20.74 21.60 -31.60
CA PRO A 550 22.17 21.88 -31.80
C PRO A 550 22.48 22.85 -32.94
N ASP A 551 21.61 22.90 -33.97
CA ASP A 551 21.74 23.79 -35.15
C ASP A 551 21.53 25.25 -34.73
N GLY A 552 20.96 25.49 -33.55
CA GLY A 552 20.83 26.82 -32.95
C GLY A 552 19.65 27.61 -33.50
N ILE A 553 18.85 27.02 -34.39
CA ILE A 553 17.68 27.74 -35.00
C ILE A 553 16.37 27.19 -34.42
N ARG A 554 16.28 25.90 -34.11
CA ARG A 554 15.01 25.26 -33.66
C ARG A 554 15.09 25.00 -32.16
N LYS A 555 13.93 24.86 -31.50
CA LYS A 555 13.82 24.47 -30.07
C LYS A 555 13.28 23.04 -29.98
N LYS A 556 13.79 22.28 -29.01
CA LYS A 556 13.47 20.83 -28.80
C LYS A 556 11.97 20.66 -28.62
N SER A 557 11.43 19.54 -29.07
CA SER A 557 10.00 19.20 -28.88
C SER A 557 9.89 17.74 -28.49
N THR A 558 8.80 17.40 -27.82
CA THR A 558 8.51 16.04 -27.32
C THR A 558 7.16 15.57 -27.87
N THR A 559 7.12 14.36 -28.39
CA THR A 559 5.86 13.69 -28.77
C THR A 559 5.66 12.47 -27.88
N ILE A 560 4.50 12.36 -27.24
CA ILE A 560 4.10 11.14 -26.50
C ILE A 560 3.00 10.45 -27.32
N ARG A 561 3.27 9.22 -27.73
CA ARG A 561 2.32 8.39 -28.52
C ARG A 561 1.64 7.44 -27.54
N PHE A 562 0.37 7.67 -27.23
CA PHE A 562 -0.43 6.81 -26.34
C PHE A 562 -1.13 5.74 -27.19
N THR A 563 -1.08 4.51 -26.67
CA THR A 563 -1.64 3.31 -27.29
C THR A 563 -2.48 2.63 -26.21
N CYS A 564 -3.73 2.30 -26.55
CA CYS A 564 -4.67 1.69 -25.59
C CYS A 564 -4.18 0.27 -25.30
N SER A 565 -4.06 -0.10 -24.02
CA SER A 565 -3.62 -1.44 -23.53
C SER A 565 -4.26 -1.70 -22.16
N GLU A 566 -5.38 -2.46 -22.13
CA GLU A 566 -6.23 -2.71 -20.93
C GLU A 566 -5.36 -3.20 -19.77
N SER A 567 -4.33 -4.02 -20.03
CA SER A 567 -3.53 -4.70 -18.99
C SER A 567 -2.55 -3.73 -18.31
N GLN A 568 -2.12 -2.69 -19.05
CA GLN A 568 -1.10 -1.71 -18.58
C GLN A 568 -1.79 -0.69 -17.65
N VAL A 569 -2.02 -1.06 -16.39
CA VAL A 569 -2.82 -0.23 -15.43
C VAL A 569 -1.90 0.73 -14.65
N ASN A 570 -0.64 0.37 -14.41
CA ASN A 570 0.31 1.26 -13.69
C ASN A 570 1.49 1.54 -14.64
N SER A 571 1.28 1.44 -15.96
CA SER A 571 2.38 1.50 -16.95
C SER A 571 3.11 2.83 -16.91
N ARG A 572 4.33 2.84 -17.43
CA ARG A 572 5.20 4.03 -17.54
C ARG A 572 5.52 4.25 -19.03
N PRO A 573 5.77 5.51 -19.41
CA PRO A 573 6.17 5.83 -20.77
C PRO A 573 7.55 5.21 -21.06
N MET A 574 7.65 4.59 -22.23
CA MET A 574 8.93 4.02 -22.72
C MET A 574 9.53 5.04 -23.67
N PHE A 575 10.73 5.56 -23.34
CA PHE A 575 11.50 6.42 -24.27
C PHE A 575 11.78 5.62 -25.54
N ILE A 576 11.48 6.21 -26.68
CA ILE A 576 11.59 5.54 -28.01
C ILE A 576 12.82 6.08 -28.73
N SER A 577 12.84 7.36 -29.08
CA SER A 577 13.84 7.94 -30.02
C SER A 577 14.10 9.41 -29.74
N ALA A 578 15.30 9.86 -30.07
CA ALA A 578 15.72 11.27 -30.08
C ALA A 578 16.41 11.56 -31.42
N VAL A 579 15.68 12.16 -32.37
CA VAL A 579 16.15 12.52 -33.73
C VAL A 579 16.94 13.84 -33.67
N GLU A 580 18.23 13.82 -33.99
CA GLU A 580 19.15 15.00 -34.09
C GLU A 580 19.10 15.90 -32.84
N ASP A 581 18.96 15.32 -31.64
CA ASP A 581 18.96 16.06 -30.35
C ASP A 581 17.90 17.17 -30.41
N CYS A 582 16.80 16.97 -31.13
CA CYS A 582 15.78 18.00 -31.40
C CYS A 582 14.37 17.43 -31.23
N GLU A 583 14.06 16.33 -31.90
CA GLU A 583 12.76 15.64 -31.80
C GLU A 583 12.88 14.43 -30.86
N TYR A 584 12.17 14.45 -29.72
CA TYR A 584 12.10 13.34 -28.74
C TYR A 584 10.71 12.70 -28.77
N THR A 585 10.68 11.37 -28.80
CA THR A 585 9.43 10.60 -28.95
C THR A 585 9.39 9.53 -27.86
N PHE A 586 8.26 9.47 -27.16
CA PHE A 586 7.96 8.42 -26.16
C PHE A 586 6.71 7.67 -26.61
N ALA A 587 6.63 6.41 -26.19
CA ALA A 587 5.44 5.56 -26.39
C ALA A 587 4.94 5.18 -25.01
N TRP A 588 3.64 5.09 -24.89
CA TRP A 588 3.00 4.74 -23.61
C TRP A 588 1.80 3.85 -23.89
N PRO A 589 1.96 2.52 -23.76
CA PRO A 589 0.83 1.61 -23.69
C PRO A 589 0.19 1.77 -22.32
N THR A 590 -1.09 2.16 -22.26
CA THR A 590 -1.79 2.36 -20.95
C THR A 590 -3.28 2.08 -21.12
N ALA A 591 -3.91 1.62 -20.03
CA ALA A 591 -5.35 1.36 -19.91
C ALA A 591 -6.14 2.69 -19.98
N THR A 592 -5.52 3.80 -19.57
CA THR A 592 -6.17 5.13 -19.49
C THR A 592 -6.56 5.63 -20.88
N ALA A 593 -5.76 5.29 -21.90
CA ALA A 593 -5.89 5.79 -23.28
C ALA A 593 -7.05 5.10 -24.03
N CYS A 594 -7.85 4.29 -23.33
CA CYS A 594 -8.92 3.48 -23.95
C CYS A 594 -10.24 4.24 -23.88
N PRO A 595 -11.15 4.06 -24.86
CA PRO A 595 -12.43 4.77 -24.91
C PRO A 595 -13.33 4.54 -23.69
N MET A 596 -14.11 5.54 -23.28
CA MET A 596 -14.86 5.53 -21.98
C MET A 596 -16.27 4.94 -22.17
N ASP A 603 -25.90 -4.47 -28.51
CA ASP A 603 -24.79 -3.91 -27.69
C ASP A 603 -25.15 -4.03 -26.21
N CYS A 604 -25.39 -5.26 -25.73
CA CYS A 604 -25.69 -5.60 -24.31
C CYS A 604 -24.44 -6.25 -23.70
N GLN A 605 -23.33 -5.52 -23.64
CA GLN A 605 -21.98 -6.06 -23.30
C GLN A 605 -21.37 -5.22 -22.16
N VAL A 606 -20.53 -5.84 -21.33
CA VAL A 606 -19.78 -5.14 -20.23
C VAL A 606 -18.40 -5.78 -20.09
N THR A 607 -17.40 -4.97 -19.76
CA THR A 607 -15.98 -5.40 -19.62
C THR A 607 -15.67 -5.63 -18.14
N ASN A 608 -15.04 -6.76 -17.83
CA ASN A 608 -14.41 -6.99 -16.51
C ASN A 608 -13.35 -5.91 -16.26
N PRO A 609 -13.55 -4.97 -15.30
CA PRO A 609 -12.61 -3.87 -15.11
C PRO A 609 -11.16 -4.29 -14.80
N SER A 610 -10.94 -5.54 -14.35
CA SER A 610 -9.61 -6.06 -13.94
C SER A 610 -8.94 -6.87 -15.05
N THR A 611 -9.68 -7.71 -15.78
CA THR A 611 -9.09 -8.67 -16.77
C THR A 611 -9.33 -8.18 -18.21
N GLY A 612 -10.47 -7.57 -18.50
CA GLY A 612 -10.82 -7.07 -19.85
C GLY A 612 -11.69 -8.05 -20.64
N HIS A 613 -11.95 -9.26 -20.12
CA HIS A 613 -12.89 -10.24 -20.75
C HIS A 613 -14.27 -9.58 -20.87
N LEU A 614 -14.76 -9.42 -22.10
CA LEU A 614 -16.07 -8.80 -22.43
C LEU A 614 -17.17 -9.87 -22.38
N PHE A 615 -18.19 -9.68 -21.55
CA PHE A 615 -19.38 -10.56 -21.45
C PHE A 615 -20.51 -9.95 -22.28
N ASP A 616 -21.01 -10.71 -23.27
CA ASP A 616 -22.14 -10.30 -24.14
C ASP A 616 -23.40 -11.10 -23.77
N LEU A 617 -24.45 -10.42 -23.29
CA LEU A 617 -25.74 -11.05 -22.90
C LEU A 617 -26.81 -10.79 -23.98
N SER A 618 -26.43 -10.24 -25.13
CA SER A 618 -27.35 -9.92 -26.25
C SER A 618 -27.92 -11.22 -26.83
N SER A 619 -27.16 -12.32 -26.78
CA SER A 619 -27.53 -13.64 -27.35
C SER A 619 -28.68 -14.27 -26.55
N LEU A 620 -29.00 -13.72 -25.38
CA LEU A 620 -30.09 -14.22 -24.48
C LEU A 620 -31.36 -13.35 -24.65
N SER A 621 -31.25 -12.19 -25.30
CA SER A 621 -32.32 -11.16 -25.34
C SER A 621 -33.47 -11.67 -26.22
N GLY A 622 -34.54 -10.89 -26.33
CA GLY A 622 -35.65 -11.19 -27.25
C GLY A 622 -36.98 -10.95 -26.57
N ARG A 623 -37.91 -10.37 -27.35
CA ARG A 623 -39.30 -10.11 -26.94
C ARG A 623 -39.94 -11.42 -26.44
N ALA A 624 -39.52 -12.56 -27.02
CA ALA A 624 -39.93 -13.93 -26.64
C ALA A 624 -39.82 -14.08 -25.12
N GLY A 625 -38.60 -13.93 -24.58
CA GLY A 625 -38.31 -13.93 -23.14
C GLY A 625 -38.51 -15.31 -22.50
N PHE A 626 -38.59 -15.36 -21.17
CA PHE A 626 -38.55 -16.59 -20.34
C PHE A 626 -39.49 -16.41 -19.13
N THR A 627 -39.67 -17.46 -18.31
CA THR A 627 -40.50 -17.44 -17.06
C THR A 627 -39.72 -18.05 -15.89
N ALA A 628 -39.95 -17.52 -14.68
CA ALA A 628 -39.32 -17.93 -13.40
C ALA A 628 -40.44 -18.42 -12.45
N ALA A 629 -40.14 -19.50 -11.72
CA ALA A 629 -41.07 -20.21 -10.81
C ALA A 629 -41.68 -19.30 -9.74
N TYR A 630 -42.91 -19.62 -9.34
CA TYR A 630 -43.65 -18.87 -8.30
C TYR A 630 -44.82 -19.69 -7.73
N GLY A 634 -48.33 -19.87 -9.61
CA GLY A 634 -48.06 -18.54 -10.21
C GLY A 634 -46.75 -18.69 -10.95
N LEU A 635 -46.48 -17.78 -11.89
CA LEU A 635 -45.17 -17.66 -12.59
C LEU A 635 -44.78 -16.17 -12.64
N VAL A 636 -43.60 -15.89 -13.20
CA VAL A 636 -43.12 -14.50 -13.49
C VAL A 636 -42.54 -14.49 -14.91
N TYR A 637 -43.07 -13.66 -15.81
CA TYR A 637 -42.54 -13.45 -17.18
C TYR A 637 -41.44 -12.37 -17.14
N MET A 638 -40.37 -12.54 -17.91
CA MET A 638 -39.29 -11.52 -18.04
C MET A 638 -38.45 -11.73 -19.32
N SER A 639 -37.98 -10.61 -19.90
CA SER A 639 -37.01 -10.54 -21.02
C SER A 639 -35.80 -9.71 -20.56
N ILE A 640 -34.63 -9.93 -21.19
CA ILE A 640 -33.37 -9.23 -20.80
C ILE A 640 -32.91 -8.34 -21.96
N CYS A 641 -32.29 -7.19 -21.62
CA CYS A 641 -31.74 -6.19 -22.57
C CYS A 641 -32.88 -5.56 -23.39
N GLY A 642 -34.15 -5.93 -23.15
CA GLY A 642 -35.28 -5.59 -24.01
C GLY A 642 -36.63 -5.88 -23.37
N GLU A 643 -37.71 -5.63 -24.12
CA GLU A 643 -39.11 -5.62 -23.63
C GLU A 643 -39.68 -7.04 -23.66
N ASN A 644 -40.78 -7.31 -22.96
CA ASN A 644 -41.50 -8.62 -22.96
C ASN A 644 -42.91 -8.44 -23.56
N GLU A 645 -43.41 -9.48 -24.23
CA GLU A 645 -44.69 -9.48 -25.01
C GLU A 645 -45.90 -9.78 -24.12
N ASN A 646 -45.73 -9.93 -22.79
CA ASN A 646 -46.84 -10.23 -21.85
C ASN A 646 -47.17 -8.99 -21.01
N CYS A 647 -46.18 -8.11 -20.79
CA CYS A 647 -46.26 -6.89 -19.94
C CYS A 647 -46.69 -5.70 -20.80
N PRO A 648 -46.99 -4.51 -20.22
CA PRO A 648 -47.03 -3.28 -21.00
C PRO A 648 -45.76 -3.09 -21.84
N PRO A 649 -45.84 -2.47 -23.05
CA PRO A 649 -44.65 -2.30 -23.89
C PRO A 649 -43.61 -1.38 -23.20
N GLY A 650 -42.35 -1.83 -23.12
CA GLY A 650 -41.25 -1.10 -22.46
C GLY A 650 -40.96 -1.62 -21.05
N VAL A 651 -41.78 -2.56 -20.55
CA VAL A 651 -41.61 -3.21 -19.22
C VAL A 651 -40.83 -4.52 -19.40
N GLY A 652 -39.74 -4.68 -18.62
CA GLY A 652 -38.82 -5.82 -18.67
C GLY A 652 -39.41 -7.09 -18.06
N ALA A 653 -40.17 -6.99 -16.97
CA ALA A 653 -40.71 -8.16 -16.23
C ALA A 653 -42.06 -7.83 -15.57
N CYS A 654 -42.91 -8.85 -15.33
CA CYS A 654 -44.28 -8.73 -14.74
C CYS A 654 -44.85 -10.09 -14.29
N PHE A 655 -45.96 -10.09 -13.53
CA PHE A 655 -46.73 -11.31 -13.14
C PHE A 655 -48.24 -11.00 -13.07
N GLY A 656 -49.10 -12.03 -13.18
CA GLY A 656 -50.58 -11.90 -13.14
C GLY A 656 -51.27 -13.08 -13.78
N ILE A 660 -48.95 -6.95 -13.75
CA ILE A 660 -48.38 -6.01 -12.74
C ILE A 660 -46.88 -5.82 -13.04
N SER A 661 -46.47 -4.63 -13.48
CA SER A 661 -45.07 -4.31 -13.89
C SER A 661 -44.16 -4.36 -12.66
N VAL A 662 -43.00 -5.01 -12.81
CA VAL A 662 -41.95 -5.08 -11.76
C VAL A 662 -40.62 -4.59 -12.35
N GLY A 663 -40.66 -3.73 -13.39
CA GLY A 663 -39.46 -3.00 -13.85
C GLY A 663 -39.41 -2.78 -15.35
N LYS A 664 -38.98 -1.59 -15.78
CA LYS A 664 -38.84 -1.21 -17.21
C LYS A 664 -37.56 -1.85 -17.76
N ALA A 665 -37.59 -2.27 -19.03
CA ALA A 665 -36.42 -2.80 -19.78
C ALA A 665 -35.35 -1.69 -19.89
N ASN A 666 -34.07 -2.06 -19.89
CA ASN A 666 -32.94 -1.08 -19.92
C ASN A 666 -31.65 -1.77 -20.36
N LYS A 667 -30.55 -1.00 -20.43
CA LYS A 667 -29.31 -1.34 -21.16
C LYS A 667 -28.05 -1.10 -20.31
N ARG A 668 -28.17 -0.69 -19.03
CA ARG A 668 -26.98 -0.40 -18.19
C ARG A 668 -26.54 -1.68 -17.47
N LEU A 669 -25.70 -2.49 -18.13
CA LEU A 669 -25.13 -3.76 -17.59
C LEU A 669 -23.87 -3.43 -16.76
N ARG A 670 -23.79 -3.96 -15.53
CA ARG A 670 -22.61 -3.83 -14.65
C ARG A 670 -21.97 -5.20 -14.39
N TYR A 671 -20.64 -5.23 -14.40
CA TYR A 671 -19.83 -6.34 -13.86
C TYR A 671 -19.50 -6.01 -12.40
N VAL A 672 -19.94 -6.88 -11.49
CA VAL A 672 -19.71 -6.75 -10.02
C VAL A 672 -19.50 -8.15 -9.42
N ASP A 673 -18.31 -8.37 -8.86
CA ASP A 673 -17.98 -9.60 -8.09
C ASP A 673 -18.21 -10.83 -8.99
N GLN A 674 -17.62 -10.85 -10.19
CA GLN A 674 -17.63 -11.99 -11.15
C GLN A 674 -19.09 -12.36 -11.48
N VAL A 675 -20.00 -11.39 -11.36
CA VAL A 675 -21.45 -11.51 -11.70
C VAL A 675 -21.83 -10.36 -12.63
N LEU A 676 -22.69 -10.65 -13.61
CA LEU A 676 -23.28 -9.67 -14.55
C LEU A 676 -24.67 -9.29 -14.01
N GLN A 677 -24.99 -7.99 -13.95
CA GLN A 677 -26.16 -7.47 -13.20
C GLN A 677 -26.94 -6.46 -14.05
N LEU A 678 -28.26 -6.62 -14.10
CA LEU A 678 -29.25 -5.66 -14.65
C LEU A 678 -30.20 -5.22 -13.56
N VAL A 679 -30.63 -3.95 -13.59
CA VAL A 679 -31.63 -3.37 -12.66
C VAL A 679 -32.77 -2.77 -13.51
N TYR A 680 -33.96 -3.36 -13.41
CA TYR A 680 -35.21 -2.89 -14.07
C TYR A 680 -36.04 -2.14 -13.02
N LYS A 681 -36.08 -0.81 -13.11
CA LYS A 681 -36.69 0.11 -12.10
C LYS A 681 -38.03 0.67 -12.63
N ASP A 682 -38.68 1.52 -11.82
CA ASP A 682 -39.88 2.33 -12.18
C ASP A 682 -41.05 1.41 -12.54
N GLY A 683 -41.30 0.38 -11.73
CA GLY A 683 -42.41 -0.58 -11.92
C GLY A 683 -43.73 -0.05 -11.38
N SER A 684 -44.70 -0.94 -11.12
CA SER A 684 -46.02 -0.63 -10.50
C SER A 684 -45.82 -0.12 -9.07
N PRO A 685 -46.82 0.59 -8.49
CA PRO A 685 -46.69 1.13 -7.13
C PRO A 685 -46.33 0.05 -6.10
N CYS A 686 -45.37 0.35 -5.23
CA CYS A 686 -44.95 -0.53 -4.11
C CYS A 686 -46.05 -0.50 -3.03
N PRO A 687 -46.76 -1.64 -2.77
CA PRO A 687 -47.78 -1.67 -1.72
C PRO A 687 -47.21 -1.45 -0.30
N SER A 693 -42.18 1.74 -5.85
CA SER A 693 -41.75 1.34 -7.22
C SER A 693 -41.23 -0.11 -7.21
N TYR A 694 -41.95 -1.07 -7.80
CA TYR A 694 -41.45 -2.46 -7.99
C TYR A 694 -40.20 -2.40 -8.87
N LYS A 695 -39.21 -3.27 -8.61
CA LYS A 695 -37.95 -3.31 -9.39
C LYS A 695 -37.42 -4.74 -9.41
N SER A 696 -36.64 -5.09 -10.44
CA SER A 696 -36.08 -6.44 -10.67
C SER A 696 -34.56 -6.34 -10.81
N VAL A 697 -33.80 -6.98 -9.92
CA VAL A 697 -32.33 -7.15 -10.06
C VAL A 697 -32.05 -8.55 -10.62
N ILE A 698 -31.44 -8.63 -11.79
CA ILE A 698 -31.10 -9.91 -12.48
C ILE A 698 -29.59 -10.07 -12.46
N SER A 699 -29.12 -11.14 -11.83
CA SER A 699 -27.69 -11.47 -11.66
C SER A 699 -27.33 -12.74 -12.47
N PHE A 700 -26.38 -12.64 -13.39
CA PHE A 700 -25.85 -13.79 -14.19
C PHE A 700 -24.56 -14.30 -13.55
N VAL A 701 -24.49 -15.61 -13.27
CA VAL A 701 -23.36 -16.28 -12.55
C VAL A 701 -22.74 -17.36 -13.45
N CYS A 702 -21.40 -17.49 -13.45
CA CYS A 702 -20.59 -18.43 -14.29
C CYS A 702 -20.99 -19.88 -13.99
N ARG A 703 -21.26 -20.65 -15.05
CA ARG A 703 -21.51 -22.12 -15.01
C ARG A 703 -20.86 -22.74 -16.25
N PRO A 704 -19.68 -23.39 -16.16
CA PRO A 704 -18.99 -23.93 -17.34
C PRO A 704 -19.81 -24.81 -18.29
N GLU A 705 -20.87 -25.49 -17.84
CA GLU A 705 -21.76 -26.33 -18.72
C GLU A 705 -23.21 -25.83 -18.61
N ALA A 706 -23.92 -25.72 -19.74
CA ALA A 706 -25.36 -25.33 -19.79
C ALA A 706 -26.22 -26.44 -19.18
N GLY A 707 -26.87 -26.16 -18.04
CA GLY A 707 -27.59 -27.17 -17.23
C GLY A 707 -28.81 -27.71 -17.96
N PRO A 708 -29.46 -28.79 -17.47
CA PRO A 708 -30.66 -29.32 -18.10
C PRO A 708 -31.84 -28.33 -18.06
N THR A 709 -31.95 -27.53 -16.99
CA THR A 709 -32.89 -26.37 -16.90
C THR A 709 -32.06 -25.09 -16.71
N ASN A 710 -31.68 -24.47 -17.83
CA ASN A 710 -30.91 -23.20 -17.86
C ASN A 710 -31.88 -22.02 -18.05
N ARG A 711 -32.74 -21.73 -17.06
CA ARG A 711 -33.65 -20.55 -17.10
C ARG A 711 -33.52 -19.77 -15.79
N PRO A 712 -33.78 -18.43 -15.78
CA PRO A 712 -33.59 -17.63 -14.57
C PRO A 712 -34.57 -18.02 -13.45
N MET A 713 -34.14 -17.79 -12.22
CA MET A 713 -34.92 -18.13 -11.00
C MET A 713 -34.97 -16.93 -10.05
N LEU A 714 -36.19 -16.63 -9.58
CA LEU A 714 -36.47 -15.60 -8.55
C LEU A 714 -35.96 -16.12 -7.21
N ILE A 715 -34.92 -15.48 -6.66
CA ILE A 715 -34.20 -15.96 -5.45
C ILE A 715 -34.59 -15.13 -4.22
N SER A 716 -35.26 -13.98 -4.38
CA SER A 716 -35.73 -13.13 -3.24
C SER A 716 -36.81 -12.13 -3.69
N LEU A 717 -37.76 -11.83 -2.79
CA LEU A 717 -38.66 -10.65 -2.89
C LEU A 717 -38.51 -9.81 -1.62
N ASP A 718 -37.82 -8.67 -1.72
CA ASP A 718 -37.68 -7.67 -0.61
C ASP A 718 -38.98 -6.86 -0.54
N LYS A 719 -39.81 -7.13 0.48
CA LYS A 719 -41.14 -6.50 0.66
C LYS A 719 -40.96 -5.05 1.13
N GLN A 720 -39.86 -4.72 1.80
CA GLN A 720 -39.60 -3.38 2.40
C GLN A 720 -39.26 -2.38 1.27
N THR A 721 -38.76 -2.87 0.11
CA THR A 721 -38.34 -2.02 -1.05
C THR A 721 -39.00 -2.53 -2.35
N CYS A 722 -39.82 -3.59 -2.29
CA CYS A 722 -40.53 -4.18 -3.47
C CYS A 722 -39.50 -4.51 -4.56
N THR A 723 -38.42 -5.22 -4.18
CA THR A 723 -37.32 -5.59 -5.11
C THR A 723 -37.36 -7.09 -5.37
N LEU A 724 -37.40 -7.50 -6.64
CA LEU A 724 -37.35 -8.92 -7.07
C LEU A 724 -35.90 -9.26 -7.46
N PHE A 725 -35.25 -10.17 -6.74
CA PHE A 725 -33.86 -10.61 -7.01
C PHE A 725 -33.90 -11.92 -7.81
N PHE A 726 -33.34 -11.91 -9.03
CA PHE A 726 -33.18 -13.09 -9.91
C PHE A 726 -31.69 -13.47 -9.99
N SER A 727 -31.41 -14.77 -10.10
CA SER A 727 -30.08 -15.32 -10.45
C SER A 727 -30.23 -16.23 -11.67
N TRP A 728 -29.23 -16.22 -12.54
CA TRP A 728 -29.18 -17.10 -13.74
C TRP A 728 -27.77 -17.68 -13.90
N HIS A 729 -27.62 -18.99 -13.71
CA HIS A 729 -26.34 -19.74 -13.93
C HIS A 729 -26.22 -20.09 -15.41
N THR A 730 -25.36 -19.37 -16.13
CA THR A 730 -25.17 -19.51 -17.60
C THR A 730 -23.68 -19.53 -17.93
N PRO A 731 -23.26 -20.38 -18.91
CA PRO A 731 -21.88 -20.42 -19.36
C PRO A 731 -21.36 -19.09 -19.93
N LEU A 732 -22.28 -18.17 -20.25
CA LEU A 732 -21.97 -16.87 -20.90
C LEU A 732 -21.19 -15.99 -19.92
N ALA A 733 -21.27 -16.26 -18.61
CA ALA A 733 -20.65 -15.44 -17.55
C ALA A 733 -19.19 -15.86 -17.24
N CYS A 734 -18.54 -16.72 -18.06
CA CYS A 734 -17.16 -17.22 -17.79
C CYS A 734 -16.15 -16.65 -18.79
N ALA B 21 -39.41 25.76 2.79
CA ALA B 21 -40.28 26.31 3.86
C ALA B 21 -40.35 25.35 5.08
N CYS B 22 -40.05 24.05 4.89
CA CYS B 22 -39.96 23.01 5.97
C CYS B 22 -38.48 22.71 6.30
N SER B 23 -37.69 23.75 6.24
CA SER B 23 -36.22 23.68 6.20
C SER B 23 -35.70 25.00 6.75
N ILE B 24 -34.68 24.95 7.61
CA ILE B 24 -34.08 26.16 8.23
C ILE B 24 -32.56 26.06 8.18
N ARG B 25 -31.86 27.13 8.53
CA ARG B 25 -30.38 27.23 8.48
C ARG B 25 -29.87 27.64 9.86
N ASP B 26 -28.84 26.97 10.36
CA ASP B 26 -28.19 27.37 11.62
C ASP B 26 -27.22 28.50 11.28
N PRO B 27 -27.34 29.70 11.90
CA PRO B 27 -26.33 30.75 11.74
C PRO B 27 -24.94 30.37 12.28
N ASN B 28 -24.87 29.56 13.35
CA ASN B 28 -23.59 29.05 13.92
C ASN B 28 -22.96 28.03 12.97
N SER B 29 -23.77 27.21 12.28
CA SER B 29 -23.35 25.99 11.54
C SER B 29 -23.39 26.17 10.01
N GLY B 30 -24.29 26.97 9.45
CA GLY B 30 -24.45 27.11 7.99
C GLY B 30 -25.08 25.89 7.33
N PHE B 31 -25.53 24.89 8.11
CA PHE B 31 -26.20 23.68 7.57
C PHE B 31 -27.68 23.98 7.33
N VAL B 32 -28.25 23.39 6.27
CA VAL B 32 -29.72 23.44 5.97
C VAL B 32 -30.41 22.20 6.58
N PHE B 33 -31.16 22.39 7.67
CA PHE B 33 -31.90 21.31 8.35
C PHE B 33 -33.19 21.00 7.58
N ASN B 34 -33.43 19.73 7.29
CA ASN B 34 -34.64 19.30 6.55
C ASN B 34 -35.35 18.28 7.41
N LEU B 35 -36.65 18.49 7.65
CA LEU B 35 -37.50 17.49 8.36
C LEU B 35 -38.29 16.67 7.32
N ASN B 36 -37.88 16.76 6.05
CA ASN B 36 -38.64 16.22 4.90
C ASN B 36 -38.94 14.73 5.13
N PRO B 37 -37.93 13.92 5.55
CA PRO B 37 -38.12 12.47 5.73
C PRO B 37 -39.31 12.06 6.61
N LEU B 38 -39.81 12.98 7.44
CA LEU B 38 -40.90 12.67 8.41
C LEU B 38 -42.28 12.82 7.75
N ASN B 39 -42.39 13.43 6.57
CA ASN B 39 -43.73 13.56 5.93
C ASN B 39 -44.19 12.10 5.91
N SER B 40 -45.24 11.77 6.64
CA SER B 40 -45.97 10.47 6.55
C SER B 40 -47.46 10.80 6.53
N SER B 41 -48.33 9.82 6.30
CA SER B 41 -49.81 10.02 6.37
C SER B 41 -50.29 9.40 7.67
N GLN B 42 -49.64 8.30 8.03
CA GLN B 42 -49.69 7.56 9.31
C GLN B 42 -49.57 8.56 10.47
N GLY B 43 -48.71 9.58 10.31
CA GLY B 43 -48.59 10.74 11.22
C GLY B 43 -48.11 10.31 12.58
N TYR B 44 -48.47 11.05 13.62
CA TYR B 44 -48.00 10.80 15.01
C TYR B 44 -49.10 11.14 16.01
N ASN B 45 -49.28 10.29 17.02
CA ASN B 45 -50.54 10.22 17.80
C ASN B 45 -50.14 9.89 19.24
N VAL B 46 -50.58 10.69 20.22
CA VAL B 46 -50.17 10.61 21.66
C VAL B 46 -51.34 11.03 22.58
N SER B 47 -51.15 10.92 23.90
CA SER B 47 -52.20 10.98 24.95
C SER B 47 -52.49 12.43 25.41
N ILE B 52 -56.52 13.19 23.22
CA ILE B 52 -55.60 12.58 22.22
C ILE B 52 -55.20 13.61 21.16
N PHE B 53 -53.90 13.73 20.96
CA PHE B 53 -53.28 14.75 20.09
C PHE B 53 -52.66 14.03 18.89
N MET B 54 -53.05 14.46 17.69
CA MET B 54 -52.47 13.93 16.44
C MET B 54 -51.97 15.07 15.55
N PHE B 55 -50.90 14.79 14.82
CA PHE B 55 -50.50 15.62 13.67
C PHE B 55 -49.52 14.90 12.77
N ASN B 56 -49.25 15.54 11.63
CA ASN B 56 -48.21 15.16 10.67
C ASN B 56 -47.16 16.27 10.67
N VAL B 57 -46.00 16.03 10.07
CA VAL B 57 -44.93 17.06 9.94
C VAL B 57 -44.60 17.25 8.45
N CYS B 58 -44.41 18.50 8.01
CA CYS B 58 -44.21 18.88 6.58
C CYS B 58 -45.24 18.14 5.73
N GLY B 59 -46.50 18.15 6.17
CA GLY B 59 -47.59 17.54 5.41
C GLY B 59 -48.90 17.70 6.11
N THR B 60 -49.95 17.15 5.52
CA THR B 60 -51.35 17.26 6.01
C THR B 60 -51.67 16.02 6.84
N MET B 61 -52.70 16.15 7.67
CA MET B 61 -53.23 15.07 8.51
C MET B 61 -54.64 14.84 8.00
N PRO B 62 -54.79 13.97 6.97
CA PRO B 62 -56.07 13.82 6.30
C PRO B 62 -57.19 13.37 7.24
N VAL B 63 -56.83 12.76 8.38
CA VAL B 63 -57.78 12.19 9.38
C VAL B 63 -58.63 13.31 10.03
N CYS B 64 -58.22 14.58 9.94
CA CYS B 64 -58.88 15.69 10.69
C CYS B 64 -58.70 17.03 9.98
N GLY B 65 -58.92 17.08 8.66
CA GLY B 65 -58.44 18.19 7.81
C GLY B 65 -59.51 19.08 7.19
N THR B 66 -60.59 19.40 7.89
CA THR B 66 -61.64 20.35 7.41
C THR B 66 -61.61 21.63 8.28
N GLY B 69 -61.98 25.24 4.95
CA GLY B 69 -61.94 24.44 3.72
C GLY B 69 -60.54 23.86 3.45
N LYS B 70 -59.52 24.43 4.08
CA LYS B 70 -58.11 23.96 3.94
C LYS B 70 -57.93 22.64 4.69
N PRO B 71 -57.08 21.72 4.18
CA PRO B 71 -56.64 20.53 4.94
C PRO B 71 -55.69 20.88 6.10
N ALA B 72 -55.93 20.25 7.26
CA ALA B 72 -55.32 20.62 8.56
C ALA B 72 -54.11 19.74 8.86
N SER B 73 -53.02 20.33 9.35
CA SER B 73 -51.79 19.60 9.71
C SER B 73 -51.92 18.86 11.07
N GLY B 74 -52.69 19.37 12.03
CA GLY B 74 -52.79 18.78 13.38
C GLY B 74 -54.19 18.91 13.94
N CYS B 75 -54.50 18.23 15.05
CA CYS B 75 -55.87 18.24 15.62
C CYS B 75 -55.89 17.63 17.02
N GLU B 76 -57.04 17.74 17.68
CA GLU B 76 -57.22 17.36 19.10
C GLU B 76 -58.57 16.66 19.22
N ALA B 77 -58.64 15.60 20.01
CA ALA B 77 -59.82 14.72 20.09
C ALA B 77 -59.90 14.16 21.51
N GLU B 78 -60.98 13.46 21.84
CA GLU B 78 -61.33 13.11 23.25
C GLU B 78 -61.29 11.60 23.41
N THR B 79 -60.62 11.13 24.47
CA THR B 79 -60.14 9.73 24.64
C THR B 79 -61.21 8.82 25.27
N LYS B 88 -63.67 12.04 15.71
CA LYS B 88 -64.49 13.25 15.93
C LYS B 88 -63.58 14.36 16.48
N PRO B 89 -63.04 15.25 15.64
CA PRO B 89 -62.10 16.28 16.06
C PRO B 89 -62.62 17.70 16.31
N ALA B 90 -61.87 18.44 17.14
CA ALA B 90 -62.12 19.85 17.51
C ALA B 90 -60.78 20.59 17.55
N ARG B 91 -60.82 21.93 17.57
CA ARG B 91 -59.64 22.80 17.55
C ARG B 91 -58.64 22.29 16.51
N PRO B 92 -59.10 22.12 15.25
CA PRO B 92 -58.21 21.63 14.20
C PRO B 92 -57.20 22.75 13.96
N VAL B 93 -56.00 22.38 13.54
CA VAL B 93 -54.86 23.33 13.56
C VAL B 93 -53.87 23.00 12.45
N GLY B 94 -53.29 24.03 11.85
CA GLY B 94 -52.21 23.89 10.86
C GLY B 94 -52.32 24.88 9.73
N ILE B 95 -53.32 25.75 9.74
CA ILE B 95 -53.56 26.72 8.64
C ILE B 95 -52.38 27.70 8.60
N GLU B 96 -51.83 28.05 9.76
CA GLU B 96 -50.62 28.90 9.88
C GLU B 96 -49.50 28.00 10.39
N LYS B 97 -48.58 27.63 9.50
CA LYS B 97 -47.45 26.72 9.80
C LYS B 97 -46.17 27.54 9.78
N SER B 98 -45.32 27.43 10.78
CA SER B 98 -44.09 28.26 10.91
C SER B 98 -43.00 27.44 11.59
N LEU B 99 -41.73 27.64 11.20
CA LEU B 99 -40.58 26.80 11.62
C LEU B 99 -39.32 27.66 11.73
N GLN B 100 -38.63 27.59 12.87
CA GLN B 100 -37.44 28.43 13.15
C GLN B 100 -36.72 27.91 14.38
N LEU B 101 -35.50 28.42 14.62
CA LEU B 101 -34.62 28.06 15.77
C LEU B 101 -34.83 29.09 16.88
N SER B 102 -34.80 28.67 18.14
CA SER B 102 -35.03 29.57 19.30
C SER B 102 -33.75 30.25 19.77
N THR B 103 -33.86 30.86 20.95
CA THR B 103 -32.87 31.69 21.66
C THR B 103 -31.51 31.00 21.76
N GLU B 104 -31.49 29.67 21.75
CA GLU B 104 -30.21 28.96 21.94
C GLU B 104 -29.97 28.00 20.77
N GLY B 105 -30.37 28.38 19.57
CA GLY B 105 -30.11 27.53 18.40
C GLY B 105 -30.89 26.23 18.44
N PHE B 106 -32.07 26.27 19.06
CA PHE B 106 -32.99 25.10 19.14
C PHE B 106 -33.97 25.20 17.97
N ILE B 107 -34.55 24.06 17.57
CA ILE B 107 -35.50 24.02 16.43
C ILE B 107 -36.89 23.83 16.98
N THR B 108 -37.87 24.58 16.48
CA THR B 108 -39.30 24.59 16.89
C THR B 108 -40.20 24.72 15.66
N LEU B 109 -41.26 23.92 15.61
CA LEU B 109 -42.35 24.01 14.60
C LEU B 109 -43.64 24.40 15.31
N THR B 110 -44.35 25.39 14.75
CA THR B 110 -45.63 25.90 15.28
C THR B 110 -46.72 25.67 14.24
N TYR B 111 -47.72 24.88 14.58
CA TYR B 111 -48.97 24.81 13.78
C TYR B 111 -50.01 25.68 14.51
N LYS B 112 -50.33 26.87 13.99
CA LYS B 112 -51.44 27.68 14.53
C LYS B 112 -52.69 27.32 13.75
N GLY B 113 -53.83 27.26 14.41
CA GLY B 113 -55.16 27.11 13.79
C GLY B 113 -55.67 28.44 13.25
N PRO B 114 -57.00 28.68 13.24
CA PRO B 114 -57.55 29.94 12.72
C PRO B 114 -57.63 31.02 13.81
N LEU B 115 -57.76 32.30 13.42
CA LEU B 115 -58.03 33.44 14.35
C LEU B 115 -59.52 33.46 14.67
N SER B 116 -59.92 33.94 15.85
CA SER B 116 -61.32 33.85 16.35
C SER B 116 -61.78 35.19 16.95
N ALA B 117 -61.19 35.57 18.09
CA ALA B 117 -61.49 36.79 18.89
C ALA B 117 -60.56 37.91 18.43
N LYS B 118 -60.67 38.25 17.14
CA LYS B 118 -59.98 39.41 16.52
C LYS B 118 -58.46 39.25 16.66
N GLY B 119 -57.98 38.01 16.87
CA GLY B 119 -56.54 37.74 16.97
C GLY B 119 -56.19 36.73 18.05
N THR B 120 -56.84 35.59 18.07
CA THR B 120 -56.51 34.49 19.01
C THR B 120 -56.54 33.20 18.22
N ALA B 121 -55.40 32.56 18.03
CA ALA B 121 -55.30 31.29 17.30
C ALA B 121 -54.88 30.19 18.27
N ASP B 122 -55.50 29.03 18.15
CA ASP B 122 -55.08 27.80 18.86
C ASP B 122 -53.77 27.29 18.22
N ALA B 123 -52.73 27.01 19.01
CA ALA B 123 -51.41 26.62 18.46
C ALA B 123 -50.95 25.23 18.94
N PHE B 124 -50.18 24.53 18.11
CA PHE B 124 -49.34 23.36 18.45
C PHE B 124 -47.89 23.77 18.32
N ILE B 125 -47.15 23.68 19.41
CA ILE B 125 -45.71 24.00 19.39
C ILE B 125 -44.99 22.74 19.74
N VAL B 126 -44.13 22.28 18.82
CA VAL B 126 -43.37 21.00 18.92
C VAL B 126 -41.86 21.31 18.79
N ARG B 127 -41.07 20.86 19.77
CA ARG B 127 -39.60 21.06 19.82
C ARG B 127 -38.92 19.80 19.29
N PHE B 128 -37.85 19.98 18.51
CA PHE B 128 -37.04 18.88 17.92
C PHE B 128 -35.73 18.81 18.68
N VAL B 129 -35.55 17.69 19.39
CA VAL B 129 -34.38 17.45 20.28
C VAL B 129 -33.49 16.39 19.63
N CYS B 130 -32.19 16.69 19.59
CA CYS B 130 -31.16 15.82 18.97
C CYS B 130 -31.00 14.54 19.79
N ASN B 131 -31.14 13.38 19.15
CA ASN B 131 -30.83 12.04 19.70
C ASN B 131 -30.17 11.23 18.59
N ASP B 132 -28.85 11.00 18.73
CA ASP B 132 -28.01 10.22 17.79
C ASP B 132 -28.62 8.83 17.57
N ASP B 133 -29.11 8.22 18.64
CA ASP B 133 -29.48 6.78 18.67
C ASP B 133 -30.83 6.53 17.96
N VAL B 134 -31.66 7.56 17.67
CA VAL B 134 -33.03 7.32 17.08
C VAL B 134 -33.27 8.27 15.90
N TYR B 135 -34.26 7.96 15.05
CA TYR B 135 -34.50 8.67 13.77
C TYR B 135 -35.80 9.49 13.84
N SER B 136 -36.96 8.84 13.83
CA SER B 136 -38.29 9.46 14.09
C SER B 136 -38.74 9.08 15.51
N GLY B 137 -38.06 9.62 16.52
CA GLY B 137 -38.00 9.07 17.88
C GLY B 137 -39.18 9.54 18.73
N PRO B 138 -39.50 8.79 19.80
CA PRO B 138 -40.78 8.92 20.51
C PRO B 138 -41.23 10.38 20.68
N LEU B 139 -42.42 10.68 20.14
CA LEU B 139 -43.10 11.97 20.32
C LEU B 139 -43.77 11.95 21.69
N LYS B 140 -43.35 12.84 22.59
CA LYS B 140 -43.89 12.93 23.97
C LYS B 140 -44.67 14.23 24.11
N PHE B 141 -45.94 14.13 24.52
CA PHE B 141 -46.77 15.25 25.04
C PHE B 141 -46.09 15.87 26.27
N LEU B 142 -45.88 17.20 26.32
CA LEU B 142 -45.27 17.89 27.48
C LEU B 142 -46.34 18.45 28.41
N HIS B 143 -46.99 19.55 27.99
CA HIS B 143 -48.02 20.29 28.75
C HIS B 143 -48.93 21.07 27.79
N GLN B 144 -50.07 21.52 28.30
CA GLN B 144 -51.04 22.36 27.53
C GLN B 144 -51.34 23.61 28.37
N ASP B 145 -51.24 24.77 27.74
CA ASP B 145 -51.51 26.06 28.38
C ASP B 145 -52.95 26.41 28.05
N ILE B 146 -53.82 26.55 29.04
CA ILE B 146 -55.29 26.65 28.84
C ILE B 146 -55.78 28.07 29.17
N ASP B 147 -55.78 29.00 28.20
CA ASP B 147 -56.39 30.34 28.40
C ASP B 147 -57.88 30.23 28.01
N SER B 148 -58.72 29.87 28.98
CA SER B 148 -60.20 29.81 28.88
C SER B 148 -60.71 31.19 28.47
N GLY B 149 -60.12 32.24 29.05
CA GLY B 149 -60.47 33.65 28.80
C GLY B 149 -60.49 33.99 27.32
N GLN B 150 -59.54 33.45 26.55
CA GLN B 150 -59.38 33.77 25.12
C GLN B 150 -59.63 32.54 24.25
N GLY B 151 -60.11 31.45 24.85
CA GLY B 151 -60.52 30.21 24.15
C GLY B 151 -59.37 29.56 23.39
N ILE B 152 -58.13 29.86 23.77
CA ILE B 152 -56.90 29.32 23.14
C ILE B 152 -56.37 28.20 24.04
N ARG B 153 -56.61 26.95 23.66
CA ARG B 153 -56.04 25.74 24.33
C ARG B 153 -54.76 25.38 23.56
N ASN B 154 -53.67 26.08 23.90
CA ASN B 154 -52.34 26.10 23.23
C ASN B 154 -51.43 24.97 23.79
N THR B 155 -50.99 24.01 22.98
CA THR B 155 -50.39 22.72 23.47
C THR B 155 -48.94 22.54 23.01
N TYR B 156 -48.15 21.83 23.80
CA TYR B 156 -46.66 21.81 23.69
C TYR B 156 -46.18 20.36 23.62
N PHE B 157 -45.30 20.05 22.65
CA PHE B 157 -44.80 18.69 22.36
C PHE B 157 -43.29 18.69 22.18
N GLU B 158 -42.70 17.51 22.38
CA GLU B 158 -41.27 17.24 22.14
C GLU B 158 -41.15 16.02 21.22
N PHE B 159 -40.18 16.09 20.32
CA PHE B 159 -39.95 15.07 19.28
C PHE B 159 -38.45 14.82 19.18
N GLU B 160 -38.03 13.61 19.57
CA GLU B 160 -36.63 13.14 19.50
C GLU B 160 -36.30 12.75 18.06
N THR B 161 -35.15 13.16 17.53
CA THR B 161 -34.71 12.80 16.17
C THR B 161 -33.20 12.97 16.02
N ALA B 162 -32.63 12.33 15.01
CA ALA B 162 -31.23 12.51 14.61
C ALA B 162 -31.15 13.66 13.61
N LEU B 163 -32.28 14.03 12.99
CA LEU B 163 -32.33 15.10 11.94
C LEU B 163 -31.99 16.44 12.60
N ALA B 164 -32.33 16.57 13.90
CA ALA B 164 -32.07 17.78 14.72
C ALA B 164 -30.57 17.91 14.97
N CYS B 165 -29.84 16.80 15.06
CA CYS B 165 -28.39 16.75 15.36
C CYS B 165 -27.62 17.47 14.24
N VAL B 166 -26.74 18.42 14.58
CA VAL B 166 -25.87 19.13 13.59
C VAL B 166 -24.91 18.09 12.99
N PRO B 167 -24.63 18.14 11.68
CA PRO B 167 -23.55 17.36 11.08
C PRO B 167 -22.34 17.43 12.03
N SER B 168 -21.89 16.27 12.50
CA SER B 168 -20.69 16.08 13.36
C SER B 168 -20.40 14.58 13.46
N PRO B 169 -19.13 14.18 13.70
CA PRO B 169 -18.83 12.78 13.99
C PRO B 169 -19.73 12.19 15.08
N VAL B 170 -19.93 10.86 15.10
CA VAL B 170 -20.85 10.13 16.03
C VAL B 170 -20.12 8.98 16.74
N ASP B 171 -20.64 8.54 17.90
CA ASP B 171 -20.15 7.34 18.65
C ASP B 171 -20.38 6.13 17.77
N CYS B 172 -19.34 5.30 17.59
CA CYS B 172 -19.31 4.19 16.61
C CYS B 172 -19.48 2.85 17.31
N GLN B 173 -19.88 2.83 18.58
CA GLN B 173 -20.09 1.58 19.37
C GLN B 173 -21.60 1.36 19.55
N VAL B 174 -22.10 0.12 19.47
CA VAL B 174 -23.56 -0.19 19.40
C VAL B 174 -23.89 -1.38 20.32
N THR B 175 -25.14 -1.44 20.82
CA THR B 175 -25.71 -2.63 21.51
C THR B 175 -27.03 -3.02 20.83
N ASP B 176 -27.29 -4.32 20.62
CA ASP B 176 -28.58 -4.81 20.04
C ASP B 176 -29.48 -5.22 21.21
N LEU B 177 -30.76 -5.48 20.93
CA LEU B 177 -31.76 -5.82 21.96
C LEU B 177 -31.42 -7.19 22.55
N ALA B 178 -30.76 -8.06 21.78
CA ALA B 178 -30.33 -9.42 22.21
C ALA B 178 -29.15 -9.32 23.20
N GLY B 179 -28.47 -8.17 23.26
CA GLY B 179 -27.45 -7.86 24.27
C GLY B 179 -26.02 -8.06 23.76
N ASN B 180 -25.83 -8.26 22.46
CA ASN B 180 -24.49 -8.36 21.81
C ASN B 180 -23.97 -6.94 21.56
N GLU B 181 -22.73 -6.66 21.97
CA GLU B 181 -22.10 -5.34 21.74
C GLU B 181 -21.24 -5.41 20.48
N TYR B 182 -21.26 -4.37 19.66
CA TYR B 182 -20.41 -4.21 18.46
C TYR B 182 -19.57 -2.94 18.56
N ASP B 183 -18.57 -2.83 17.69
CA ASP B 183 -17.74 -1.60 17.52
C ASP B 183 -17.22 -1.59 16.08
N LEU B 184 -17.59 -0.58 15.30
CA LEU B 184 -17.18 -0.42 13.89
C LEU B 184 -16.00 0.56 13.77
N THR B 185 -15.27 0.81 14.87
CA THR B 185 -14.18 1.81 14.92
C THR B 185 -13.13 1.47 13.87
N GLY B 186 -12.89 0.19 13.62
CA GLY B 186 -11.88 -0.21 12.63
C GLY B 186 -12.16 0.44 11.29
N LEU B 187 -13.42 0.53 10.90
CA LEU B 187 -13.82 1.08 9.58
C LEU B 187 -13.51 2.58 9.54
N SER B 188 -13.66 3.26 10.68
CA SER B 188 -13.65 4.74 10.79
C SER B 188 -12.23 5.25 10.96
N THR B 189 -11.39 4.49 11.67
CA THR B 189 -9.98 4.82 12.00
C THR B 189 -9.14 4.99 10.73
N VAL B 190 -9.41 4.25 9.65
CA VAL B 190 -8.50 4.23 8.46
C VAL B 190 -8.42 5.65 7.86
N ARG B 191 -7.23 6.07 7.42
CA ARG B 191 -6.95 7.50 7.05
C ARG B 191 -7.19 7.69 5.55
N LYS B 192 -7.88 6.73 4.93
CA LYS B 192 -8.30 6.74 3.50
C LYS B 192 -9.81 6.55 3.46
N PRO B 193 -10.50 7.06 2.43
CA PRO B 193 -11.91 6.75 2.27
C PRO B 193 -12.04 5.34 1.69
N TRP B 194 -13.09 4.62 2.06
CA TRP B 194 -13.52 3.38 1.37
C TRP B 194 -14.17 3.79 0.05
N THR B 195 -13.88 3.05 -1.00
CA THR B 195 -14.39 3.31 -2.37
C THR B 195 -15.24 2.11 -2.83
N ALA B 196 -16.30 2.37 -3.60
CA ALA B 196 -16.97 1.38 -4.49
C ALA B 196 -17.06 1.99 -5.91
N VAL B 197 -16.48 1.34 -6.92
CA VAL B 197 -16.54 1.75 -8.36
C VAL B 197 -17.58 0.87 -9.04
N ASP B 198 -18.34 1.40 -10.01
CA ASP B 198 -19.47 0.67 -10.65
C ASP B 198 -19.33 0.99 -12.14
N LYS B 205 -18.78 4.60 -15.77
CA LYS B 205 -18.15 4.20 -14.54
C LYS B 205 -18.12 5.42 -13.56
N ARG B 206 -18.41 5.11 -12.28
CA ARG B 206 -18.73 6.12 -11.23
C ARG B 206 -17.96 5.65 -10.00
N THR B 207 -17.63 6.54 -9.05
CA THR B 207 -16.85 6.19 -7.82
C THR B 207 -17.59 6.66 -6.58
N PHE B 208 -17.76 5.80 -5.57
CA PHE B 208 -18.48 6.19 -4.34
C PHE B 208 -17.56 6.14 -3.15
N TYR B 209 -17.40 7.27 -2.45
CA TYR B 209 -16.55 7.37 -1.23
C TYR B 209 -17.43 7.23 0.01
N LEU B 210 -17.10 6.32 0.93
CA LEU B 210 -17.88 6.06 2.18
C LEU B 210 -16.99 6.22 3.42
N SER B 211 -17.58 6.82 4.45
CA SER B 211 -17.03 6.91 5.83
C SER B 211 -18.06 6.33 6.80
N VAL B 212 -17.60 5.80 7.92
CA VAL B 212 -18.49 5.29 8.99
C VAL B 212 -18.28 5.93 10.36
N CYS B 213 -19.28 6.68 10.83
CA CYS B 213 -19.29 7.41 12.13
C CYS B 213 -18.41 8.66 12.11
N ASN B 214 -17.53 8.81 11.13
CA ASN B 214 -16.75 10.07 10.99
C ASN B 214 -17.02 10.63 9.61
N PRO B 215 -16.92 11.95 9.42
CA PRO B 215 -16.97 12.51 8.08
C PRO B 215 -15.83 11.96 7.20
N LEU B 216 -16.07 11.92 5.90
CA LEU B 216 -15.03 11.57 4.90
C LEU B 216 -13.89 12.60 5.03
N PRO B 217 -12.61 12.25 4.75
CA PRO B 217 -11.60 13.26 4.49
C PRO B 217 -11.97 14.17 3.31
N TYR B 218 -11.29 15.32 3.14
CA TYR B 218 -11.50 16.24 2.00
C TYR B 218 -11.39 15.44 0.69
N ILE B 219 -12.40 15.52 -0.15
CA ILE B 219 -12.40 14.97 -1.53
C ILE B 219 -12.78 16.09 -2.49
N PRO B 220 -11.96 16.36 -3.53
CA PRO B 220 -12.22 17.48 -4.44
C PRO B 220 -13.59 17.34 -5.11
N GLY B 221 -14.40 18.40 -5.00
CA GLY B 221 -15.77 18.46 -5.54
C GLY B 221 -16.82 18.14 -4.50
N CYS B 222 -16.53 17.26 -3.53
CA CYS B 222 -17.52 16.84 -2.49
C CYS B 222 -17.70 17.92 -1.44
N GLN B 223 -16.68 18.13 -0.61
CA GLN B 223 -16.68 19.15 0.46
C GLN B 223 -18.00 18.97 1.23
N GLY B 224 -18.82 20.01 1.36
CA GLY B 224 -20.10 19.95 2.09
C GLY B 224 -19.91 19.72 3.59
N SER B 225 -21.01 19.61 4.33
CA SER B 225 -21.08 19.61 5.82
C SER B 225 -21.02 18.17 6.37
N ALA B 226 -19.89 17.75 6.94
CA ALA B 226 -19.68 16.40 7.56
C ALA B 226 -20.29 15.29 6.67
N VAL B 227 -19.79 15.21 5.44
CA VAL B 227 -20.34 14.33 4.38
C VAL B 227 -19.86 12.91 4.66
N GLY B 228 -20.80 11.96 4.81
CA GLY B 228 -20.55 10.53 5.04
C GLY B 228 -20.41 9.73 3.75
N SER B 229 -21.10 10.15 2.68
CA SER B 229 -21.15 9.45 1.36
C SER B 229 -21.22 10.49 0.24
N CYS B 230 -20.32 10.47 -0.74
CA CYS B 230 -20.33 11.49 -1.81
C CYS B 230 -19.72 10.99 -3.13
N LEU B 231 -20.55 10.46 -4.01
CA LEU B 231 -20.25 9.92 -5.36
C LEU B 231 -19.56 10.94 -6.27
N VAL B 232 -18.51 10.54 -6.98
CA VAL B 232 -17.82 11.44 -7.97
C VAL B 232 -17.67 10.70 -9.30
N SER B 233 -17.92 11.40 -10.40
CA SER B 233 -17.92 10.86 -11.78
C SER B 233 -17.74 12.04 -12.74
N GLU B 234 -16.69 12.05 -13.55
CA GLU B 234 -16.49 13.05 -14.63
C GLU B 234 -16.55 14.49 -14.10
N GLY B 235 -15.85 14.76 -13.00
CA GLY B 235 -15.72 16.11 -12.43
C GLY B 235 -17.05 16.65 -11.91
N ASN B 236 -18.04 15.77 -11.75
CA ASN B 236 -19.32 16.07 -11.04
C ASN B 236 -19.29 15.33 -9.72
N SER B 237 -19.49 16.04 -8.62
CA SER B 237 -19.63 15.40 -7.30
C SER B 237 -21.06 15.60 -6.83
N TRP B 238 -21.61 14.57 -6.20
CA TRP B 238 -22.91 14.63 -5.48
C TRP B 238 -22.67 14.26 -4.01
N ASN B 239 -23.15 15.06 -3.06
CA ASN B 239 -23.10 14.75 -1.61
C ASN B 239 -24.35 13.94 -1.31
N LEU B 240 -24.21 12.69 -0.89
CA LEU B 240 -25.35 11.74 -0.81
C LEU B 240 -25.63 11.36 0.63
N GLY B 241 -25.33 12.25 1.59
CA GLY B 241 -25.77 12.03 2.98
C GLY B 241 -24.76 12.52 4.00
N VAL B 242 -25.26 13.03 5.12
CA VAL B 242 -24.45 13.71 6.15
C VAL B 242 -24.34 12.78 7.35
N VAL B 243 -23.19 12.81 8.05
CA VAL B 243 -22.93 12.00 9.27
C VAL B 243 -23.92 12.49 10.32
N GLN B 244 -24.94 11.68 10.61
CA GLN B 244 -26.17 12.19 11.26
C GLN B 244 -26.50 11.30 12.47
N MET B 245 -26.86 10.06 12.18
CA MET B 245 -27.37 9.07 13.14
C MET B 245 -26.30 7.98 13.39
N SER B 246 -26.25 7.51 14.63
CA SER B 246 -25.35 6.43 15.10
C SER B 246 -25.82 5.10 14.51
N PRO B 247 -24.91 4.11 14.42
CA PRO B 247 -25.27 2.79 13.92
C PRO B 247 -26.31 2.06 14.79
N GLN B 248 -27.15 1.24 14.14
CA GLN B 248 -28.29 0.52 14.76
C GLN B 248 -28.12 -1.00 14.67
N GLY B 253 -31.73 -8.24 13.88
CA GLY B 253 -30.49 -8.44 14.65
C GLY B 253 -29.20 -8.24 13.83
N SER B 254 -29.16 -7.24 12.93
CA SER B 254 -27.98 -6.80 12.13
C SER B 254 -27.84 -5.27 12.19
N LEU B 255 -26.72 -4.74 11.68
CA LEU B 255 -26.33 -3.30 11.85
C LEU B 255 -26.67 -2.49 10.59
N SER B 256 -26.98 -1.22 10.79
CA SER B 256 -27.34 -0.26 9.70
C SER B 256 -26.87 1.14 10.08
N ILE B 257 -26.42 1.89 9.07
CA ILE B 257 -26.18 3.35 9.17
C ILE B 257 -26.87 4.01 7.97
N MET B 258 -27.47 5.18 8.20
CA MET B 258 -28.10 5.96 7.11
C MET B 258 -27.66 7.42 7.22
N TYR B 259 -27.11 7.89 6.12
CA TYR B 259 -26.76 9.32 5.94
C TYR B 259 -27.82 9.93 5.03
N VAL B 260 -28.31 11.10 5.44
CA VAL B 260 -29.48 11.77 4.81
C VAL B 260 -29.09 13.22 4.53
N ASN B 261 -29.95 13.97 3.86
CA ASN B 261 -29.81 15.44 3.66
C ASN B 261 -28.59 15.74 2.78
N GLY B 262 -28.32 14.88 1.79
CA GLY B 262 -27.34 15.14 0.72
C GLY B 262 -27.92 16.04 -0.37
N ASP B 263 -27.08 16.49 -1.32
CA ASP B 263 -27.41 17.51 -2.37
C ASP B 263 -28.69 17.16 -3.16
N LYS B 264 -29.43 18.19 -3.59
CA LYS B 264 -30.79 18.09 -4.21
C LYS B 264 -30.89 16.98 -5.28
N CYS B 265 -31.96 16.19 -5.23
CA CYS B 265 -32.38 15.28 -6.32
C CYS B 265 -33.87 15.53 -6.62
N GLY B 266 -34.14 16.29 -7.69
CA GLY B 266 -35.50 16.74 -8.06
C GLY B 266 -36.15 17.48 -6.90
N ASN B 267 -37.21 16.89 -6.32
CA ASN B 267 -37.99 17.50 -5.19
C ASN B 267 -37.36 17.09 -3.84
N GLN B 268 -36.53 16.04 -3.80
CA GLN B 268 -35.97 15.51 -2.54
C GLN B 268 -34.48 15.78 -2.46
N ARG B 269 -33.83 15.23 -1.44
CA ARG B 269 -32.37 15.34 -1.20
C ARG B 269 -31.82 13.92 -0.98
N PHE B 270 -30.61 13.67 -1.49
CA PHE B 270 -30.01 12.31 -1.60
C PHE B 270 -29.77 11.71 -0.22
N SER B 271 -29.88 10.39 -0.17
CA SER B 271 -29.62 9.57 1.04
C SER B 271 -28.71 8.38 0.69
N THR B 272 -28.05 7.80 1.69
CA THR B 272 -27.23 6.57 1.55
C THR B 272 -27.59 5.54 2.63
N ARG B 273 -27.83 4.29 2.25
CA ARG B 273 -27.94 3.17 3.21
C ARG B 273 -26.78 2.18 3.20
N ILE B 274 -26.17 1.96 4.36
CA ILE B 274 -25.14 0.90 4.58
C ILE B 274 -25.72 -0.13 5.54
N THR B 275 -25.93 -1.35 5.04
CA THR B 275 -26.32 -2.52 5.85
C THR B 275 -25.06 -3.34 6.15
N PHE B 276 -24.67 -3.47 7.42
CA PHE B 276 -23.50 -4.28 7.84
C PHE B 276 -23.93 -5.72 8.12
N GLU B 277 -23.08 -6.69 7.75
CA GLU B 277 -23.30 -8.14 8.02
C GLU B 277 -22.00 -8.73 8.56
N CYS B 278 -22.09 -9.62 9.56
CA CYS B 278 -20.95 -10.33 10.19
C CYS B 278 -20.37 -11.36 9.21
N ALA B 279 -19.09 -11.22 8.87
CA ALA B 279 -18.43 -12.05 7.83
C ALA B 279 -16.95 -12.23 8.17
N GLN B 280 -16.38 -13.36 7.72
CA GLN B 280 -15.02 -13.78 8.11
C GLN B 280 -13.98 -12.88 7.46
N ILE B 281 -14.33 -12.14 6.41
CA ILE B 281 -13.30 -11.33 5.67
C ILE B 281 -13.24 -9.91 6.22
N SER B 282 -12.13 -9.23 5.94
CA SER B 282 -11.96 -7.77 6.13
C SER B 282 -12.50 -7.09 4.87
N GLY B 283 -13.83 -6.91 4.81
CA GLY B 283 -14.60 -6.63 3.60
C GLY B 283 -14.51 -5.16 3.20
N SER B 284 -14.92 -4.90 1.96
CA SER B 284 -15.15 -3.55 1.38
C SER B 284 -16.65 -3.38 1.18
N PRO B 285 -17.20 -2.16 1.26
CA PRO B 285 -18.61 -1.96 0.95
C PRO B 285 -18.84 -2.18 -0.55
N ALA B 286 -19.90 -2.92 -0.89
CA ALA B 286 -20.33 -3.24 -2.27
C ALA B 286 -21.60 -2.47 -2.61
N PHE B 287 -21.54 -1.64 -3.66
CA PHE B 287 -22.70 -0.90 -4.22
C PHE B 287 -23.76 -1.94 -4.64
N GLN B 288 -24.98 -1.83 -4.14
CA GLN B 288 -26.00 -2.88 -4.34
C GLN B 288 -27.06 -2.37 -5.34
N LEU B 289 -27.67 -1.23 -5.04
CA LEU B 289 -28.85 -0.72 -5.77
C LEU B 289 -28.98 0.79 -5.56
N GLN B 290 -29.92 1.40 -6.28
CA GLN B 290 -30.42 2.76 -5.99
C GLN B 290 -31.95 2.71 -5.88
N ASP B 291 -32.48 3.02 -4.70
CA ASP B 291 -33.93 2.98 -4.38
C ASP B 291 -34.47 4.42 -4.29
N GLY B 292 -34.99 4.94 -5.39
CA GLY B 292 -35.27 6.38 -5.54
C GLY B 292 -34.00 7.20 -5.43
N CYS B 293 -33.91 8.07 -4.41
CA CYS B 293 -32.75 8.97 -4.17
C CYS B 293 -31.80 8.37 -3.13
N GLU B 294 -32.10 7.16 -2.65
CA GLU B 294 -31.32 6.46 -1.59
C GLU B 294 -30.41 5.42 -2.25
N TYR B 295 -29.09 5.57 -2.08
CA TYR B 295 -28.08 4.59 -2.57
C TYR B 295 -27.84 3.56 -1.46
N VAL B 296 -28.11 2.29 -1.76
CA VAL B 296 -28.01 1.20 -0.74
C VAL B 296 -26.75 0.39 -1.02
N PHE B 297 -25.96 0.18 0.04
CA PHE B 297 -24.74 -0.66 0.02
C PHE B 297 -24.89 -1.77 1.06
N ILE B 298 -24.23 -2.87 0.76
CA ILE B 298 -24.08 -4.03 1.67
C ILE B 298 -22.60 -4.14 2.01
N TRP B 299 -22.27 -4.25 3.30
CA TRP B 299 -20.88 -4.34 3.80
C TRP B 299 -20.76 -5.57 4.69
N ARG B 300 -20.24 -6.66 4.13
CA ARG B 300 -19.89 -7.90 4.88
C ARG B 300 -18.47 -7.76 5.42
N THR B 301 -18.33 -7.55 6.73
CA THR B 301 -17.03 -7.39 7.41
C THR B 301 -17.06 -7.99 8.83
N VAL B 302 -15.88 -8.22 9.35
CA VAL B 302 -15.66 -8.94 10.63
C VAL B 302 -15.99 -7.98 11.77
N GLU B 303 -15.88 -6.67 11.53
CA GLU B 303 -16.05 -5.65 12.60
C GLU B 303 -17.52 -5.62 13.02
N ALA B 304 -18.41 -6.00 12.11
CA ALA B 304 -19.87 -6.04 12.35
C ALA B 304 -20.23 -7.25 13.23
N CYS B 305 -19.24 -7.92 13.83
CA CYS B 305 -19.46 -9.17 14.61
C CYS B 305 -19.52 -8.86 16.10
N PRO B 306 -20.39 -9.58 16.86
CA PRO B 306 -20.49 -9.46 18.30
C PRO B 306 -19.11 -9.49 18.95
N VAL B 307 -18.81 -8.47 19.74
CA VAL B 307 -17.52 -8.38 20.47
C VAL B 307 -17.62 -9.27 21.70
N VAL B 308 -16.72 -10.24 21.80
CA VAL B 308 -16.73 -11.29 22.86
C VAL B 308 -15.28 -11.49 23.25
N ARG B 309 -15.01 -11.54 24.54
CA ARG B 309 -13.63 -11.60 25.05
C ARG B 309 -13.60 -12.49 26.29
N VAL B 310 -12.48 -13.17 26.52
CA VAL B 310 -12.30 -14.21 27.58
C VAL B 310 -10.90 -14.00 28.18
N GLU B 311 -10.77 -14.27 29.48
CA GLU B 311 -9.53 -14.10 30.28
C GLU B 311 -8.94 -15.48 30.61
N GLY B 312 -7.63 -15.56 30.82
CA GLY B 312 -6.90 -16.82 31.03
C GLY B 312 -5.75 -16.61 32.00
N ASP B 313 -5.24 -17.66 32.64
CA ASP B 313 -4.32 -17.48 33.79
C ASP B 313 -3.02 -18.31 33.67
N ASN B 314 -3.06 -19.57 33.24
CA ASN B 314 -1.82 -20.41 33.19
C ASN B 314 -1.39 -20.56 31.73
N CYS B 315 -1.29 -19.43 31.04
CA CYS B 315 -0.91 -19.34 29.62
C CYS B 315 -1.91 -20.14 28.77
N GLU B 316 -3.07 -20.49 29.34
CA GLU B 316 -4.17 -21.19 28.63
C GLU B 316 -5.43 -20.33 28.71
N VAL B 317 -6.29 -20.41 27.68
CA VAL B 317 -7.62 -19.73 27.68
C VAL B 317 -8.60 -20.52 26.82
N LYS B 318 -9.85 -20.62 27.26
CA LYS B 318 -10.91 -21.41 26.58
C LYS B 318 -11.64 -20.53 25.54
N ASP B 319 -11.81 -21.07 24.34
CA ASP B 319 -12.52 -20.42 23.22
C ASP B 319 -14.01 -20.46 23.54
N PRO B 320 -14.69 -19.29 23.63
CA PRO B 320 -16.11 -19.27 23.98
C PRO B 320 -17.03 -19.93 22.93
N ARG B 321 -16.59 -19.99 21.67
CA ARG B 321 -17.44 -20.42 20.52
C ARG B 321 -17.34 -21.93 20.32
N HIS B 322 -16.11 -22.46 20.17
CA HIS B 322 -15.84 -23.91 19.91
C HIS B 322 -15.82 -24.65 21.26
N GLY B 323 -15.15 -24.07 22.26
CA GLY B 323 -14.98 -24.67 23.61
C GLY B 323 -13.57 -25.21 23.84
N ASN B 324 -12.69 -25.17 22.83
CA ASN B 324 -11.31 -25.72 22.91
C ASN B 324 -10.43 -24.80 23.76
N LEU B 325 -9.26 -25.30 24.16
CA LEU B 325 -8.30 -24.57 25.00
C LEU B 325 -7.07 -24.17 24.19
N TYR B 326 -6.84 -22.88 23.97
CA TYR B 326 -5.54 -22.37 23.48
C TYR B 326 -4.48 -22.54 24.57
N ASP B 327 -3.31 -23.11 24.25
CA ASP B 327 -2.17 -23.23 25.20
C ASP B 327 -0.90 -22.69 24.52
N LEU B 328 -0.38 -21.53 24.94
CA LEU B 328 0.81 -20.92 24.30
C LEU B 328 2.14 -21.32 24.97
N LYS B 329 2.13 -22.19 25.98
CA LYS B 329 3.36 -22.54 26.74
C LYS B 329 4.42 -23.07 25.78
N PRO B 330 4.05 -23.88 24.75
CA PRO B 330 5.03 -24.31 23.76
C PRO B 330 5.84 -23.18 23.10
N LEU B 331 5.40 -21.92 23.16
CA LEU B 331 6.15 -20.81 22.52
C LEU B 331 7.16 -20.20 23.49
N GLY B 332 7.23 -20.75 24.71
CA GLY B 332 8.18 -20.27 25.74
C GLY B 332 9.34 -21.22 25.91
N LEU B 333 9.62 -22.08 24.92
CA LEU B 333 10.69 -23.09 25.11
C LEU B 333 12.04 -22.46 24.77
N ASN B 334 12.04 -21.28 24.19
CA ASN B 334 13.30 -20.55 23.88
C ASN B 334 13.00 -19.06 23.97
N ASP B 335 14.04 -18.27 24.24
CA ASP B 335 13.97 -16.80 24.21
C ASP B 335 13.61 -16.42 22.77
N THR B 336 12.61 -15.57 22.60
CA THR B 336 12.20 -15.05 21.28
C THR B 336 12.95 -13.75 21.02
N ILE B 337 13.66 -13.67 19.90
CA ILE B 337 14.43 -12.46 19.53
C ILE B 337 13.79 -11.84 18.28
N VAL B 338 13.50 -10.54 18.33
CA VAL B 338 12.92 -9.79 17.19
C VAL B 338 13.71 -8.51 17.03
N SER B 339 14.26 -8.27 15.85
CA SER B 339 15.01 -7.01 15.59
C SER B 339 14.06 -6.03 14.91
N ALA B 340 14.19 -4.75 15.27
CA ALA B 340 13.26 -3.67 14.92
C ALA B 340 14.03 -2.35 14.74
N GLY B 341 14.34 -1.99 13.50
CA GLY B 341 15.12 -0.77 13.20
C GLY B 341 16.35 -0.70 14.08
N GLU B 342 16.48 0.38 14.82
CA GLU B 342 17.71 0.52 15.61
C GLU B 342 17.59 -0.15 16.98
N TYR B 343 16.61 -1.02 17.22
CA TYR B 343 16.69 -1.73 18.52
C TYR B 343 16.62 -3.24 18.31
N THR B 344 16.51 -4.05 19.36
CA THR B 344 16.48 -5.53 19.25
C THR B 344 15.77 -6.02 20.51
N TYR B 345 14.61 -6.67 20.40
CA TYR B 345 13.76 -6.99 21.58
C TYR B 345 13.92 -8.48 21.89
N TYR B 346 14.04 -8.83 23.18
CA TYR B 346 14.10 -10.23 23.70
C TYR B 346 12.87 -10.46 24.55
N PHE B 347 12.14 -11.56 24.36
CA PHE B 347 11.03 -11.92 25.27
C PHE B 347 10.76 -13.41 25.26
N ARG B 348 10.24 -13.90 26.37
CA ARG B 348 9.93 -15.32 26.58
C ARG B 348 8.45 -15.42 26.89
N VAL B 349 7.72 -16.15 26.06
CA VAL B 349 6.26 -16.26 26.30
C VAL B 349 5.98 -17.10 27.55
N CYS B 350 5.34 -16.49 28.53
CA CYS B 350 4.85 -17.15 29.76
C CYS B 350 6.02 -17.68 30.57
N GLY B 351 7.16 -16.99 30.54
CA GLY B 351 8.37 -17.52 31.17
C GLY B 351 9.44 -16.48 31.38
N LYS B 352 10.48 -16.82 32.15
CA LYS B 352 11.62 -15.91 32.50
C LYS B 352 12.61 -15.91 31.35
N LEU B 353 13.12 -14.74 30.95
CA LEU B 353 14.22 -14.61 29.95
C LEU B 353 15.45 -15.35 30.46
N SER B 354 16.16 -16.10 29.61
CA SER B 354 17.40 -16.81 29.97
C SER B 354 18.63 -16.00 29.51
N SER B 355 18.52 -15.13 28.51
CA SER B 355 19.65 -14.32 27.95
C SER B 355 20.18 -13.34 29.03
N ASP B 356 21.51 -13.15 29.13
CA ASP B 356 22.15 -12.22 30.10
C ASP B 356 22.10 -10.83 29.47
N VAL B 357 20.88 -10.32 29.29
CA VAL B 357 20.59 -8.91 28.90
C VAL B 357 19.50 -8.41 29.84
N CYS B 358 19.36 -7.09 30.01
CA CYS B 358 18.47 -6.47 31.04
C CYS B 358 18.77 -7.08 32.41
N PRO B 359 20.01 -6.86 32.94
CA PRO B 359 20.31 -7.13 34.34
C PRO B 359 19.43 -6.23 35.20
N THR B 360 18.96 -6.77 36.32
CA THR B 360 18.06 -6.07 37.26
C THR B 360 18.50 -6.40 38.69
N SER B 361 18.99 -5.39 39.42
CA SER B 361 19.35 -5.44 40.86
C SER B 361 18.15 -5.93 41.68
N ASP B 362 16.96 -5.58 41.20
CA ASP B 362 15.65 -5.92 41.83
C ASP B 362 15.56 -7.44 41.90
N LYS B 363 15.28 -8.01 43.07
CA LYS B 363 15.38 -9.47 43.29
C LYS B 363 14.03 -10.10 42.90
N SER B 364 12.97 -9.58 43.50
CA SER B 364 11.56 -9.99 43.33
C SER B 364 11.08 -9.75 41.88
N LYS B 365 11.88 -9.12 41.00
CA LYS B 365 11.47 -8.78 39.62
C LYS B 365 11.98 -9.84 38.62
N VAL B 366 11.04 -10.46 37.89
CA VAL B 366 11.29 -11.55 36.90
C VAL B 366 11.06 -10.99 35.50
N VAL B 367 12.13 -10.64 34.80
CA VAL B 367 12.03 -9.96 33.49
C VAL B 367 11.58 -10.99 32.43
N SER B 368 10.59 -10.64 31.61
CA SER B 368 10.14 -11.41 30.43
C SER B 368 10.41 -10.69 29.11
N SER B 369 10.78 -9.41 29.12
CA SER B 369 10.93 -8.59 27.88
C SER B 369 12.06 -7.57 28.08
N CYS B 370 13.06 -7.67 27.27
CA CYS B 370 14.19 -6.75 27.41
C CYS B 370 14.26 -5.88 26.20
N GLN B 371 15.11 -4.85 26.22
CA GLN B 371 15.21 -3.93 25.07
C GLN B 371 16.66 -3.50 24.85
N GLU B 372 17.25 -3.89 23.72
CA GLU B 372 18.64 -3.49 23.40
C GLU B 372 18.64 -2.40 22.33
N LYS B 373 19.82 -2.06 21.82
CA LYS B 373 19.95 -1.00 20.76
C LYS B 373 21.34 -1.10 20.12
N PHE B 379 22.17 0.49 24.80
CA PHE B 379 21.62 0.47 26.19
C PHE B 379 20.59 -0.67 26.32
N HIS B 380 20.23 -1.04 27.55
CA HIS B 380 19.30 -2.14 27.91
C HIS B 380 18.12 -1.54 28.68
N LYS B 381 16.87 -1.79 28.28
CA LYS B 381 15.66 -1.30 28.99
C LYS B 381 14.66 -2.45 29.18
N VAL B 382 14.30 -2.73 30.44
CA VAL B 382 13.30 -3.77 30.84
C VAL B 382 11.96 -3.42 30.20
N ALA B 383 11.37 -4.34 29.45
CA ALA B 383 10.17 -4.05 28.62
C ALA B 383 8.94 -4.79 29.15
N GLY B 384 9.03 -5.52 30.25
CA GLY B 384 7.86 -6.28 30.75
C GLY B 384 8.26 -7.41 31.67
N LEU B 385 7.43 -7.69 32.66
CA LEU B 385 7.68 -8.72 33.69
C LEU B 385 6.87 -9.97 33.35
N LEU B 386 7.15 -11.06 34.04
CA LEU B 386 6.45 -12.34 33.84
C LEU B 386 4.94 -12.13 34.00
N THR B 387 4.17 -12.77 33.16
CA THR B 387 2.71 -12.96 33.34
C THR B 387 2.26 -14.11 32.45
N GLN B 388 1.36 -14.94 32.96
CA GLN B 388 0.83 -16.10 32.21
C GLN B 388 -0.62 -15.79 31.85
N LYS B 389 -1.00 -14.52 31.84
CA LYS B 389 -2.37 -14.05 31.50
C LYS B 389 -2.51 -14.00 29.98
N LEU B 390 -3.44 -14.80 29.46
CA LEU B 390 -3.78 -14.90 28.02
C LEU B 390 -5.24 -14.46 27.89
N THR B 391 -5.47 -13.37 27.16
CA THR B 391 -6.81 -12.85 26.85
C THR B 391 -7.18 -13.25 25.42
N TYR B 392 -8.46 -13.54 25.20
CA TYR B 392 -9.05 -13.86 23.89
C TYR B 392 -10.06 -12.76 23.57
N GLU B 393 -9.81 -11.90 22.58
CA GLU B 393 -10.82 -10.90 22.14
C GLU B 393 -11.07 -11.05 20.64
N ASN B 394 -12.31 -11.41 20.31
CA ASN B 394 -12.86 -11.45 18.93
C ASN B 394 -11.97 -12.34 18.09
N GLY B 395 -11.56 -13.49 18.63
CA GLY B 395 -10.84 -14.56 17.90
C GLY B 395 -9.35 -14.29 17.79
N LEU B 396 -8.84 -13.32 18.53
CA LEU B 396 -7.41 -12.97 18.59
C LEU B 396 -6.91 -13.28 20.01
N LEU B 397 -5.73 -13.87 20.13
CA LEU B 397 -5.09 -14.10 21.44
C LEU B 397 -4.13 -12.94 21.77
N LYS B 398 -4.28 -12.32 22.94
CA LYS B 398 -3.39 -11.20 23.36
C LYS B 398 -2.68 -11.55 24.67
N MET B 399 -1.44 -11.09 24.77
CA MET B 399 -0.62 -11.20 25.99
C MET B 399 -0.02 -9.84 26.28
N ASN B 400 -0.03 -9.42 27.55
CA ASN B 400 0.52 -8.11 27.97
C ASN B 400 1.49 -8.37 29.11
N PHE B 401 2.79 -8.24 28.85
CA PHE B 401 3.88 -8.21 29.87
C PHE B 401 3.96 -6.81 30.45
N THR B 402 3.69 -6.64 31.74
CA THR B 402 3.53 -5.32 32.37
C THR B 402 4.74 -5.05 33.26
N GLY B 403 4.73 -3.91 33.94
CA GLY B 403 5.59 -3.61 35.10
C GLY B 403 7.01 -3.24 34.69
N GLY B 404 7.21 -2.73 33.45
CA GLY B 404 8.54 -2.40 32.94
C GLY B 404 9.14 -1.20 33.65
N ASP B 405 10.35 -0.82 33.29
CA ASP B 405 11.02 0.39 33.83
C ASP B 405 10.27 1.65 33.36
N THR B 406 10.46 2.74 34.11
CA THR B 406 9.90 4.09 33.90
C THR B 406 10.20 4.60 32.49
N CYS B 407 9.16 5.09 31.82
CA CYS B 407 9.21 5.63 30.44
C CYS B 407 8.40 6.91 30.39
N HIS B 408 8.94 8.01 29.88
CA HIS B 408 8.26 9.33 29.87
C HIS B 408 7.81 9.69 31.30
N LYS B 409 8.63 9.38 32.31
CA LYS B 409 8.42 9.79 33.73
C LYS B 409 7.22 8.99 34.25
N VAL B 410 6.07 9.00 33.59
CA VAL B 410 4.76 8.56 34.15
C VAL B 410 4.38 7.14 33.73
N TYR B 411 5.03 6.51 32.74
CA TYR B 411 4.60 5.18 32.22
C TYR B 411 5.60 4.08 32.59
N GLN B 412 5.12 2.84 32.58
CA GLN B 412 5.94 1.62 32.74
C GLN B 412 5.95 0.87 31.41
N ARG B 413 7.14 0.63 30.84
CA ARG B 413 7.24 -0.12 29.57
C ARG B 413 6.42 -1.41 29.70
N SER B 414 5.72 -1.78 28.64
CA SER B 414 4.95 -3.04 28.54
C SER B 414 5.18 -3.65 27.16
N THR B 415 4.97 -4.96 27.05
CA THR B 415 5.10 -5.73 25.79
C THR B 415 3.80 -6.49 25.55
N ALA B 416 3.15 -6.23 24.42
CA ALA B 416 1.90 -6.90 24.03
C ALA B 416 2.12 -7.67 22.74
N ILE B 417 1.68 -8.92 22.74
CA ILE B 417 1.84 -9.83 21.57
C ILE B 417 0.45 -10.27 21.12
N PHE B 418 0.17 -10.08 19.84
CA PHE B 418 -1.09 -10.53 19.21
C PHE B 418 -0.82 -11.80 18.40
N PHE B 419 -1.52 -12.87 18.74
CA PHE B 419 -1.36 -14.19 18.10
C PHE B 419 -2.49 -14.40 17.10
N TYR B 420 -2.15 -14.82 15.91
CA TYR B 420 -3.14 -15.15 14.87
C TYR B 420 -2.98 -16.61 14.46
N CYS B 421 -4.11 -17.27 14.19
CA CYS B 421 -4.16 -18.65 13.67
C CYS B 421 -3.38 -18.68 12.36
N ASP B 422 -2.54 -19.69 12.13
CA ASP B 422 -1.76 -19.83 10.88
C ASP B 422 -1.26 -21.27 10.72
N ARG B 423 -0.77 -21.61 9.53
CA ARG B 423 -0.16 -22.94 9.25
C ARG B 423 1.28 -22.88 9.75
N GLY B 424 1.53 -23.52 10.89
CA GLY B 424 2.88 -23.62 11.49
C GLY B 424 3.12 -22.50 12.47
N THR B 425 4.33 -21.96 12.54
CA THR B 425 4.71 -20.91 13.52
C THR B 425 5.80 -20.06 12.88
N GLN B 426 5.43 -18.96 12.23
CA GLN B 426 6.40 -18.01 11.64
C GLN B 426 7.14 -17.27 12.77
N ARG B 427 8.16 -16.48 12.43
CA ARG B 427 8.78 -15.52 13.39
C ARG B 427 7.81 -14.37 13.58
N PRO B 428 7.56 -13.95 14.84
CA PRO B 428 6.83 -12.73 15.11
C PRO B 428 7.51 -11.48 14.55
N VAL B 429 6.70 -10.42 14.42
CA VAL B 429 7.12 -9.16 13.78
C VAL B 429 6.76 -8.01 14.70
N PHE B 430 7.64 -7.04 14.76
CA PHE B 430 7.42 -5.81 15.55
C PHE B 430 6.46 -4.92 14.79
N LEU B 431 5.43 -4.41 15.47
CA LEU B 431 4.35 -3.55 14.89
C LEU B 431 4.65 -2.07 15.16
N LYS B 432 4.55 -1.64 16.42
CA LYS B 432 4.81 -0.24 16.81
C LYS B 432 4.90 -0.13 18.32
N GLU B 433 5.35 1.04 18.79
CA GLU B 433 5.49 1.40 20.22
C GLU B 433 4.38 2.42 20.52
N THR B 434 3.53 2.16 21.51
CA THR B 434 2.42 3.08 21.89
C THR B 434 2.98 4.34 22.56
N SER B 435 2.15 5.36 22.74
CA SER B 435 2.47 6.59 23.53
C SER B 435 2.74 6.22 24.99
N ASP B 436 2.26 5.06 25.46
CA ASP B 436 2.48 4.56 26.85
C ASP B 436 3.60 3.51 26.89
N CYS B 437 4.47 3.50 25.88
CA CYS B 437 5.64 2.59 25.76
C CYS B 437 5.20 1.12 25.90
N SER B 438 4.10 0.75 25.25
CA SER B 438 3.71 -0.66 25.02
C SER B 438 4.27 -1.09 23.65
N TYR B 439 5.12 -2.11 23.64
CA TYR B 439 5.76 -2.62 22.40
C TYR B 439 4.88 -3.73 21.80
N LEU B 440 4.34 -3.53 20.61
CA LEU B 440 3.29 -4.43 20.04
C LEU B 440 3.93 -5.38 19.03
N PHE B 441 3.57 -6.66 19.13
CA PHE B 441 4.06 -7.73 18.25
C PHE B 441 2.93 -8.57 17.69
N GLU B 442 3.01 -8.90 16.40
CA GLU B 442 2.10 -9.85 15.75
C GLU B 442 2.90 -11.13 15.60
N TRP B 443 2.25 -12.25 15.84
CA TRP B 443 2.84 -13.60 15.72
C TRP B 443 1.80 -14.51 15.08
N ARG B 444 2.06 -14.97 13.85
CA ARG B 444 1.18 -15.94 13.20
C ARG B 444 1.63 -17.36 13.57
N THR B 445 0.83 -18.11 14.32
CA THR B 445 1.21 -19.44 14.85
C THR B 445 0.00 -20.37 14.96
N GLN B 446 0.25 -21.64 14.70
CA GLN B 446 -0.76 -22.73 14.73
C GLN B 446 -1.32 -22.82 16.15
N TYR B 447 -0.61 -22.29 17.15
CA TYR B 447 -0.96 -22.52 18.57
C TYR B 447 -2.16 -21.66 18.89
N ALA B 448 -2.40 -20.63 18.08
CA ALA B 448 -3.62 -19.80 18.18
C ALA B 448 -4.78 -20.39 17.39
N CYS B 449 -4.67 -21.60 16.85
CA CYS B 449 -5.66 -22.18 15.92
C CYS B 449 -6.50 -23.21 16.64
N PRO B 450 -7.84 -23.10 16.57
CA PRO B 450 -8.70 -24.13 17.14
C PRO B 450 -8.48 -25.46 16.42
N PRO B 451 -9.09 -26.56 16.90
CA PRO B 451 -9.05 -27.83 16.18
C PRO B 451 -9.42 -27.59 14.71
N PHE B 452 -8.73 -28.26 13.79
CA PHE B 452 -9.00 -28.13 12.34
C PHE B 452 -8.40 -29.30 11.57
N ASP B 453 -9.20 -29.91 10.70
CA ASP B 453 -8.82 -31.06 9.84
C ASP B 453 -8.13 -30.53 8.57
N LEU B 454 -7.24 -31.33 7.98
CA LEU B 454 -6.32 -30.88 6.90
C LEU B 454 -6.09 -32.05 5.95
N THR B 455 -5.94 -31.80 4.65
CA THR B 455 -5.60 -32.86 3.67
C THR B 455 -4.57 -32.38 2.65
N GLU B 456 -3.80 -33.30 2.06
CA GLU B 456 -2.68 -32.98 1.12
C GLU B 456 -3.33 -32.37 -0.12
N CYS B 457 -2.85 -31.22 -0.58
CA CYS B 457 -3.56 -30.33 -1.54
C CYS B 457 -2.82 -30.23 -2.88
N SER B 458 -1.73 -30.97 -3.07
CA SER B 458 -1.02 -31.09 -4.37
C SER B 458 -1.28 -32.49 -4.93
N PHE B 459 -1.54 -32.58 -6.23
CA PHE B 459 -1.87 -33.86 -6.90
C PHE B 459 -1.43 -33.78 -8.37
N LYS B 460 -1.60 -34.90 -9.09
CA LYS B 460 -1.14 -35.07 -10.49
C LYS B 460 -2.28 -35.70 -11.32
N ASP B 461 -2.25 -35.46 -12.63
CA ASP B 461 -3.27 -35.94 -13.61
C ASP B 461 -2.78 -37.26 -14.23
N GLY B 462 -3.46 -37.71 -15.30
CA GLY B 462 -3.09 -38.89 -16.11
C GLY B 462 -1.69 -38.79 -16.69
N ALA B 463 -1.24 -37.58 -17.07
CA ALA B 463 0.04 -37.34 -17.79
C ALA B 463 1.20 -37.06 -16.82
N GLY B 464 0.92 -36.83 -15.53
CA GLY B 464 1.94 -36.50 -14.52
C GLY B 464 2.16 -35.00 -14.38
N ASN B 465 1.31 -34.17 -15.00
CA ASN B 465 1.29 -32.69 -14.74
C ASN B 465 0.92 -32.44 -13.27
N SER B 466 1.58 -31.45 -12.64
CA SER B 466 1.45 -31.12 -11.20
C SER B 466 0.40 -30.03 -11.01
N PHE B 467 -0.48 -30.19 -10.02
CA PHE B 467 -1.50 -29.20 -9.62
C PHE B 467 -1.38 -29.01 -8.11
N ASP B 468 -1.42 -27.75 -7.67
CA ASP B 468 -1.26 -27.40 -6.24
C ASP B 468 -2.19 -26.23 -5.92
N LEU B 469 -3.24 -26.55 -5.16
CA LEU B 469 -4.31 -25.61 -4.75
C LEU B 469 -4.04 -25.11 -3.33
N SER B 470 -2.89 -25.47 -2.74
CA SER B 470 -2.58 -25.22 -1.31
C SER B 470 -2.63 -23.72 -1.04
N SER B 471 -2.46 -22.89 -2.08
CA SER B 471 -2.48 -21.41 -1.97
C SER B 471 -3.88 -20.91 -1.58
N LEU B 472 -4.93 -21.67 -1.91
CA LEU B 472 -6.35 -21.25 -1.70
C LEU B 472 -6.82 -21.58 -0.28
N SER B 473 -6.07 -22.37 0.48
CA SER B 473 -6.46 -22.73 1.88
C SER B 473 -6.26 -21.49 2.76
N ARG B 474 -7.29 -21.07 3.48
CA ARG B 474 -7.24 -19.86 4.35
C ARG B 474 -7.39 -20.30 5.80
N TYR B 475 -6.55 -19.82 6.72
CA TYR B 475 -6.54 -20.29 8.14
C TYR B 475 -7.23 -19.28 9.06
N SER B 476 -7.22 -18.01 8.65
CA SER B 476 -7.80 -16.86 9.40
C SER B 476 -9.23 -16.56 8.93
N ASP B 477 -9.60 -16.94 7.70
CA ASP B 477 -10.93 -16.59 7.11
C ASP B 477 -11.38 -17.73 6.19
N ASN B 478 -12.50 -17.54 5.51
CA ASN B 478 -13.08 -18.56 4.60
C ASN B 478 -13.48 -17.87 3.30
N TRP B 479 -13.71 -18.67 2.25
CA TRP B 479 -14.27 -18.18 0.97
C TRP B 479 -15.79 -18.08 1.08
N GLU B 480 -16.34 -16.96 0.68
CA GLU B 480 -17.80 -16.81 0.44
C GLU B 480 -18.08 -17.16 -1.03
N ALA B 481 -18.96 -18.13 -1.25
CA ALA B 481 -19.41 -18.54 -2.61
C ALA B 481 -20.12 -17.36 -3.27
N ILE B 482 -19.96 -17.23 -4.59
CA ILE B 482 -20.70 -16.26 -5.44
C ILE B 482 -22.02 -16.91 -5.85
N THR B 483 -23.15 -16.34 -5.44
CA THR B 483 -24.49 -16.94 -5.74
C THR B 483 -25.34 -16.00 -6.60
N GLY B 484 -25.04 -14.71 -6.57
CA GLY B 484 -25.80 -13.65 -7.28
C GLY B 484 -26.32 -12.64 -6.29
N THR B 485 -26.63 -11.43 -6.74
CA THR B 485 -27.07 -10.33 -5.84
C THR B 485 -28.44 -10.67 -5.23
N GLY B 486 -28.58 -10.48 -3.92
CA GLY B 486 -29.85 -10.63 -3.19
C GLY B 486 -30.09 -12.03 -2.66
N ASP B 487 -29.09 -12.92 -2.75
CA ASP B 487 -29.10 -14.31 -2.20
C ASP B 487 -29.65 -14.30 -0.78
N PRO B 488 -30.78 -14.99 -0.50
CA PRO B 488 -31.25 -15.16 0.86
C PRO B 488 -30.37 -16.11 1.69
N GLU B 489 -29.61 -16.98 1.01
CA GLU B 489 -28.68 -17.97 1.64
C GLU B 489 -27.26 -17.66 1.14
N HIS B 490 -26.26 -17.79 2.00
CA HIS B 490 -24.83 -17.55 1.64
C HIS B 490 -24.03 -18.78 2.04
N TYR B 491 -22.90 -19.00 1.38
CA TYR B 491 -22.15 -20.27 1.46
C TYR B 491 -20.70 -20.00 1.81
N LEU B 492 -20.21 -20.70 2.84
CA LEU B 492 -18.81 -20.63 3.29
C LEU B 492 -18.09 -21.90 2.85
N ILE B 493 -16.89 -21.73 2.31
CA ILE B 493 -16.07 -22.83 1.78
C ILE B 493 -14.63 -22.58 2.19
N ASN B 494 -13.93 -23.66 2.55
CA ASN B 494 -12.45 -23.64 2.60
C ASN B 494 -11.92 -24.73 1.68
N VAL B 495 -10.64 -24.64 1.35
CA VAL B 495 -9.97 -25.55 0.38
C VAL B 495 -9.04 -26.48 1.15
N CYS B 496 -9.28 -27.78 1.07
CA CYS B 496 -8.40 -28.86 1.58
C CYS B 496 -8.35 -28.82 3.11
N LYS B 497 -9.24 -28.09 3.79
CA LYS B 497 -9.23 -28.03 5.27
C LYS B 497 -10.62 -27.68 5.76
N SER B 498 -10.89 -27.95 7.05
CA SER B 498 -12.13 -27.52 7.73
C SER B 498 -12.08 -26.00 7.81
N LEU B 499 -13.23 -25.37 7.97
CA LEU B 499 -13.39 -23.89 7.90
C LEU B 499 -12.56 -23.26 9.01
N ALA B 500 -12.02 -22.07 8.74
CA ALA B 500 -11.46 -21.21 9.79
C ALA B 500 -12.56 -20.91 10.81
N PRO B 501 -12.21 -20.71 12.09
CA PRO B 501 -13.22 -20.37 13.09
C PRO B 501 -13.93 -19.07 12.70
N GLN B 502 -15.23 -18.95 12.99
CA GLN B 502 -16.01 -17.74 12.60
C GLN B 502 -16.23 -16.86 13.82
N ALA B 503 -16.01 -15.55 13.66
CA ALA B 503 -16.37 -14.51 14.64
C ALA B 503 -17.90 -14.43 14.74
N GLY B 504 -18.42 -14.14 15.93
CA GLY B 504 -19.86 -13.96 16.17
C GLY B 504 -20.41 -14.98 17.13
N THR B 505 -21.73 -15.11 17.14
CA THR B 505 -22.50 -16.06 18.00
C THR B 505 -23.28 -17.02 17.10
N GLU B 506 -22.95 -17.09 15.80
CA GLU B 506 -23.48 -18.12 14.87
C GLU B 506 -22.34 -18.78 14.10
N PRO B 507 -21.33 -19.42 14.76
CA PRO B 507 -20.32 -20.17 14.03
C PRO B 507 -20.87 -21.53 13.54
N CYS B 508 -20.34 -22.02 12.42
CA CYS B 508 -20.64 -23.35 11.83
C CYS B 508 -20.10 -24.44 12.74
N PRO B 509 -20.72 -25.64 12.76
CA PRO B 509 -20.21 -26.79 13.51
C PRO B 509 -18.75 -27.04 13.17
N PRO B 510 -17.91 -27.33 14.18
CA PRO B 510 -16.45 -27.27 14.01
C PRO B 510 -15.90 -28.11 12.85
N GLU B 511 -16.52 -29.25 12.56
CA GLU B 511 -16.03 -30.32 11.63
C GLU B 511 -16.22 -29.89 10.16
N ALA B 512 -17.08 -28.90 9.89
CA ALA B 512 -17.53 -28.54 8.53
C ALA B 512 -16.40 -27.86 7.73
N ALA B 513 -16.26 -28.22 6.45
CA ALA B 513 -15.38 -27.54 5.47
C ALA B 513 -16.20 -26.66 4.51
N ALA B 514 -17.52 -26.79 4.52
CA ALA B 514 -18.47 -25.96 3.74
C ALA B 514 -19.78 -25.84 4.53
N CYS B 515 -20.43 -24.67 4.47
CA CYS B 515 -21.48 -24.30 5.44
C CYS B 515 -22.53 -23.35 4.86
N LEU B 516 -23.79 -23.46 5.31
CA LEU B 516 -24.97 -22.72 4.76
C LEU B 516 -25.54 -21.79 5.83
N LEU B 517 -25.66 -20.48 5.50
CA LEU B 517 -25.97 -19.38 6.44
C LEU B 517 -25.97 -19.89 7.89
N VAL B 523 -25.62 -24.61 8.91
CA VAL B 523 -25.83 -26.00 8.39
C VAL B 523 -24.52 -26.56 7.81
N ASN B 524 -24.09 -27.73 8.32
CA ASN B 524 -22.86 -28.43 7.89
C ASN B 524 -23.11 -29.05 6.50
N LEU B 525 -22.34 -28.67 5.50
CA LEU B 525 -22.51 -29.18 4.11
C LEU B 525 -21.48 -30.26 3.78
N GLY B 526 -20.61 -30.64 4.73
CA GLY B 526 -19.61 -31.70 4.49
C GLY B 526 -18.32 -31.49 5.25
N ARG B 527 -17.71 -32.58 5.69
CA ARG B 527 -16.42 -32.65 6.42
C ARG B 527 -15.31 -33.02 5.43
N VAL B 528 -14.05 -32.78 5.79
CA VAL B 528 -12.92 -33.16 4.91
C VAL B 528 -12.80 -34.68 4.95
N ARG B 529 -12.62 -35.32 3.80
CA ARG B 529 -12.19 -36.74 3.70
C ARG B 529 -10.83 -36.79 3.00
N ASP B 530 -10.80 -36.62 1.69
CA ASP B 530 -9.58 -36.75 0.85
C ASP B 530 -9.33 -35.45 0.12
N GLY B 531 -8.11 -35.31 -0.41
CA GLY B 531 -7.67 -34.16 -1.22
C GLY B 531 -8.30 -34.19 -2.62
N PRO B 532 -7.84 -33.28 -3.52
CA PRO B 532 -8.44 -33.15 -4.84
C PRO B 532 -7.87 -34.19 -5.81
N GLN B 533 -8.74 -34.72 -6.68
CA GLN B 533 -8.46 -35.86 -7.61
C GLN B 533 -8.94 -35.49 -9.02
N TRP B 534 -8.28 -35.99 -10.07
CA TRP B 534 -8.73 -35.89 -11.49
C TRP B 534 -9.83 -36.94 -11.70
N ARG B 535 -11.09 -36.52 -11.70
CA ARG B 535 -12.25 -37.44 -11.85
C ARG B 535 -13.06 -37.03 -13.10
N ASP B 536 -13.09 -37.92 -14.09
CA ASP B 536 -13.84 -37.74 -15.37
C ASP B 536 -13.40 -36.42 -16.02
N GLY B 537 -12.08 -36.20 -16.10
CA GLY B 537 -11.45 -35.10 -16.86
C GLY B 537 -11.60 -33.73 -16.21
N ILE B 538 -11.94 -33.65 -14.92
CA ILE B 538 -11.99 -32.37 -14.14
C ILE B 538 -11.39 -32.59 -12.76
N ILE B 539 -10.84 -31.52 -12.18
CA ILE B 539 -10.32 -31.52 -10.78
C ILE B 539 -11.51 -31.46 -9.81
N VAL B 540 -11.68 -32.48 -8.97
CA VAL B 540 -12.83 -32.59 -8.03
C VAL B 540 -12.31 -32.67 -6.59
N LEU B 541 -12.83 -31.80 -5.73
CA LEU B 541 -12.71 -31.90 -4.26
C LEU B 541 -14.09 -32.21 -3.70
N LYS B 542 -14.23 -33.28 -2.93
CA LYS B 542 -15.54 -33.68 -2.37
C LYS B 542 -15.44 -33.65 -0.85
N TYR B 543 -16.39 -32.99 -0.18
CA TYR B 543 -16.61 -33.06 1.28
C TYR B 543 -17.88 -33.87 1.56
N VAL B 544 -17.91 -34.62 2.67
CA VAL B 544 -18.94 -35.67 2.95
C VAL B 544 -19.39 -35.59 4.41
N ASP B 545 -20.42 -36.36 4.78
CA ASP B 545 -20.88 -36.56 6.19
C ASP B 545 -21.25 -35.23 6.84
N GLY B 546 -21.98 -34.38 6.09
CA GLY B 546 -22.57 -33.12 6.61
C GLY B 546 -23.77 -33.42 7.49
N ASP B 547 -24.68 -32.46 7.65
CA ASP B 547 -25.94 -32.67 8.43
C ASP B 547 -26.78 -33.73 7.69
N LEU B 548 -27.67 -34.42 8.42
CA LEU B 548 -28.60 -35.43 7.85
C LEU B 548 -29.48 -34.76 6.80
N CYS B 549 -29.56 -35.34 5.59
CA CYS B 549 -30.44 -34.89 4.47
C CYS B 549 -31.89 -35.05 4.92
N PRO B 550 -32.88 -34.34 4.32
CA PRO B 550 -34.25 -34.33 4.85
C PRO B 550 -34.91 -35.71 4.95
N ASP B 551 -34.49 -36.66 4.10
CA ASP B 551 -34.98 -38.08 4.10
C ASP B 551 -34.52 -38.80 5.38
N GLY B 552 -33.52 -38.27 6.08
CA GLY B 552 -33.05 -38.76 7.39
C GLY B 552 -32.15 -39.98 7.28
N ILE B 553 -31.77 -40.39 6.07
CA ILE B 553 -30.91 -41.60 5.86
C ILE B 553 -29.51 -41.17 5.43
N ARG B 554 -29.40 -40.14 4.59
CA ARG B 554 -28.10 -39.72 4.00
C ARG B 554 -27.65 -38.43 4.70
N LYS B 555 -26.34 -38.16 4.66
CA LYS B 555 -25.73 -36.91 5.17
C LYS B 555 -25.28 -36.05 3.98
N LYS B 556 -25.46 -34.73 4.08
CA LYS B 556 -25.21 -33.75 2.99
C LYS B 556 -23.74 -33.84 2.53
N SER B 557 -23.50 -33.54 1.26
CA SER B 557 -22.15 -33.53 0.66
C SER B 557 -21.96 -32.30 -0.23
N THR B 558 -20.71 -31.88 -0.41
CA THR B 558 -20.35 -30.70 -1.24
C THR B 558 -19.30 -31.14 -2.26
N THR B 559 -19.49 -30.73 -3.51
CA THR B 559 -18.53 -31.00 -4.61
C THR B 559 -18.01 -29.66 -5.13
N ILE B 560 -16.70 -29.48 -5.18
CA ILE B 560 -16.06 -28.28 -5.82
C ILE B 560 -15.41 -28.75 -7.12
N ARG B 561 -15.85 -28.19 -8.24
CA ARG B 561 -15.28 -28.49 -9.58
C ARG B 561 -14.32 -27.35 -9.95
N PHE B 562 -13.01 -27.64 -9.95
CA PHE B 562 -11.96 -26.65 -10.34
C PHE B 562 -11.71 -26.73 -11.85
N THR B 563 -11.63 -25.56 -12.48
CA THR B 563 -11.40 -25.39 -13.93
C THR B 563 -10.25 -24.39 -14.06
N CYS B 564 -9.25 -24.72 -14.86
CA CYS B 564 -8.07 -23.84 -15.08
C CYS B 564 -8.54 -22.60 -15.86
N SER B 565 -8.20 -21.40 -15.37
CA SER B 565 -8.51 -20.08 -16.00
C SER B 565 -7.44 -19.06 -15.60
N GLU B 566 -6.47 -18.82 -16.48
CA GLU B 566 -5.23 -18.01 -16.20
C GLU B 566 -5.63 -16.62 -15.69
N SER B 567 -6.73 -16.06 -16.20
CA SER B 567 -7.17 -14.66 -15.93
C SER B 567 -7.79 -14.55 -14.53
N GLN B 568 -8.39 -15.63 -14.03
CA GLN B 568 -9.08 -15.67 -12.70
C GLN B 568 -8.02 -15.81 -11.61
N VAL B 569 -7.38 -14.70 -11.24
CA VAL B 569 -6.23 -14.70 -10.29
C VAL B 569 -6.71 -14.56 -8.84
N ASN B 570 -7.83 -13.88 -8.58
CA ASN B 570 -8.34 -13.67 -7.20
C ASN B 570 -9.75 -14.26 -7.08
N SER B 571 -10.09 -15.18 -7.97
CA SER B 571 -11.49 -15.64 -8.20
C SER B 571 -12.05 -16.29 -6.94
N ARG B 572 -13.38 -16.35 -6.89
CA ARG B 572 -14.15 -17.00 -5.80
C ARG B 572 -14.98 -18.12 -6.40
N PRO B 573 -15.27 -19.18 -5.61
CA PRO B 573 -16.12 -20.26 -6.06
C PRO B 573 -17.53 -19.75 -6.33
N MET B 574 -18.08 -20.17 -7.45
CA MET B 574 -19.44 -19.83 -7.93
C MET B 574 -20.36 -20.95 -7.46
N PHE B 575 -21.35 -20.64 -6.60
CA PHE B 575 -22.38 -21.65 -6.20
C PHE B 575 -23.16 -22.02 -7.47
N ILE B 576 -23.27 -23.32 -7.74
CA ILE B 576 -23.90 -23.86 -8.98
C ILE B 576 -25.29 -24.38 -8.65
N SER B 577 -25.40 -25.44 -7.85
CA SER B 577 -26.66 -26.20 -7.66
C SER B 577 -26.72 -26.84 -6.28
N ALA B 578 -27.95 -27.01 -5.79
CA ALA B 578 -28.28 -27.79 -4.59
C ALA B 578 -29.36 -28.79 -4.98
N VAL B 579 -28.96 -30.05 -5.21
CA VAL B 579 -29.83 -31.21 -5.57
C VAL B 579 -30.45 -31.75 -4.28
N GLU B 580 -31.78 -31.77 -4.22
CA GLU B 580 -32.55 -31.96 -2.96
C GLU B 580 -32.02 -30.90 -1.97
N ASP B 581 -31.99 -31.23 -0.69
CA ASP B 581 -31.18 -30.48 0.31
C ASP B 581 -30.04 -31.41 0.72
N CYS B 582 -29.37 -32.04 -0.25
CA CYS B 582 -28.43 -33.17 0.02
C CYS B 582 -27.12 -32.97 -0.74
N GLU B 583 -27.16 -32.82 -2.07
CA GLU B 583 -25.93 -32.64 -2.89
C GLU B 583 -25.79 -31.15 -3.28
N TYR B 584 -24.70 -30.51 -2.85
CA TYR B 584 -24.35 -29.12 -3.20
C TYR B 584 -23.08 -29.11 -4.06
N THR B 585 -23.10 -28.32 -5.13
CA THR B 585 -22.01 -28.29 -6.14
C THR B 585 -21.60 -26.85 -6.38
N PHE B 586 -20.30 -26.59 -6.35
CA PHE B 586 -19.68 -25.29 -6.68
C PHE B 586 -18.73 -25.48 -7.86
N ALA B 587 -18.57 -24.41 -8.62
CA ALA B 587 -17.58 -24.33 -9.72
C ALA B 587 -16.62 -23.21 -9.37
N TRP B 588 -15.36 -23.40 -9.74
CA TRP B 588 -14.31 -22.40 -9.46
C TRP B 588 -13.36 -22.34 -10.64
N PRO B 589 -13.53 -21.35 -11.54
CA PRO B 589 -12.50 -21.03 -12.51
C PRO B 589 -11.39 -20.27 -11.77
N THR B 590 -10.16 -20.79 -11.78
CA THR B 590 -9.01 -20.16 -11.08
C THR B 590 -7.69 -20.49 -11.80
N ALA B 591 -6.74 -19.55 -11.73
CA ALA B 591 -5.39 -19.66 -12.29
C ALA B 591 -4.59 -20.73 -11.53
N THR B 592 -4.93 -20.97 -10.25
CA THR B 592 -4.17 -21.89 -9.35
C THR B 592 -4.31 -23.33 -9.84
N ALA B 593 -5.46 -23.68 -10.44
CA ALA B 593 -5.85 -25.04 -10.84
C ALA B 593 -5.16 -25.44 -12.15
N CYS B 594 -4.22 -24.62 -12.65
CA CYS B 594 -3.52 -24.87 -13.94
C CYS B 594 -2.23 -25.64 -13.68
N PRO B 595 -1.76 -26.46 -14.65
CA PRO B 595 -0.55 -27.26 -14.49
C PRO B 595 0.71 -26.40 -14.21
N MET B 596 1.66 -26.93 -13.42
CA MET B 596 2.81 -26.15 -12.87
C MET B 596 4.03 -26.24 -13.80
N ASP B 602 9.92 -23.07 -21.12
CA ASP B 602 10.38 -21.92 -20.30
C ASP B 602 11.72 -21.39 -20.82
N ASP B 603 12.01 -21.58 -22.11
CA ASP B 603 13.31 -21.18 -22.71
C ASP B 603 13.07 -20.09 -23.77
N CYS B 604 13.76 -18.96 -23.64
CA CYS B 604 13.62 -17.72 -24.46
C CYS B 604 12.19 -17.15 -24.38
N GLN B 605 11.48 -17.43 -23.29
CA GLN B 605 10.11 -16.91 -23.02
C GLN B 605 10.05 -16.51 -21.55
N VAL B 606 9.25 -15.49 -21.21
CA VAL B 606 9.07 -15.03 -19.81
C VAL B 606 7.64 -14.53 -19.65
N THR B 607 7.06 -14.74 -18.47
CA THR B 607 5.68 -14.31 -18.11
C THR B 607 5.78 -12.98 -17.35
N ASN B 608 5.02 -11.97 -17.76
CA ASN B 608 4.80 -10.75 -16.93
C ASN B 608 4.08 -11.20 -15.66
N PRO B 609 4.71 -11.16 -14.48
CA PRO B 609 4.08 -11.71 -13.27
C PRO B 609 2.73 -11.08 -12.92
N SER B 610 2.44 -9.87 -13.42
CA SER B 610 1.25 -9.05 -13.05
C SER B 610 0.14 -9.19 -14.10
N THR B 611 0.45 -9.23 -15.40
CA THR B 611 -0.56 -9.20 -16.49
C THR B 611 -0.74 -10.61 -17.10
N GLY B 612 0.35 -11.38 -17.24
CA GLY B 612 0.30 -12.76 -17.77
C GLY B 612 0.63 -12.83 -19.24
N HIS B 613 0.78 -11.69 -19.93
CA HIS B 613 1.26 -11.63 -21.34
C HIS B 613 2.64 -12.29 -21.38
N LEU B 614 2.76 -13.37 -22.14
CA LEU B 614 4.04 -14.10 -22.28
C LEU B 614 4.79 -13.53 -23.50
N PHE B 615 6.05 -13.17 -23.27
CA PHE B 615 6.97 -12.59 -24.29
C PHE B 615 7.83 -13.72 -24.85
N ASP B 616 7.76 -13.95 -26.17
CA ASP B 616 8.57 -14.97 -26.86
C ASP B 616 9.61 -14.25 -27.73
N LEU B 617 10.90 -14.40 -27.40
CA LEU B 617 12.03 -13.77 -28.13
C LEU B 617 12.77 -14.84 -28.96
N SER B 618 12.13 -15.99 -29.22
CA SER B 618 12.74 -17.12 -29.98
C SER B 618 13.03 -16.70 -31.43
N SER B 619 12.26 -15.76 -31.99
CA SER B 619 12.42 -15.25 -33.39
C SER B 619 13.74 -14.49 -33.56
N LEU B 620 14.41 -14.13 -32.45
CA LEU B 620 15.69 -13.38 -32.44
C LEU B 620 16.88 -14.31 -32.20
N SER B 621 16.64 -15.59 -31.88
CA SER B 621 17.69 -16.62 -31.65
C SER B 621 18.48 -16.87 -32.94
N GLY B 622 19.56 -17.63 -32.83
CA GLY B 622 20.42 -18.01 -33.97
C GLY B 622 21.87 -17.72 -33.67
N ARG B 623 22.76 -18.69 -33.87
CA ARG B 623 24.21 -18.52 -33.72
C ARG B 623 24.69 -17.36 -34.60
N ALA B 624 24.00 -17.10 -35.72
CA ALA B 624 24.24 -15.96 -36.63
C ALA B 624 24.33 -14.67 -35.80
N GLY B 625 23.23 -14.34 -35.09
CA GLY B 625 23.15 -13.18 -34.18
C GLY B 625 23.24 -11.85 -34.91
N PHE B 626 23.72 -10.81 -34.20
CA PHE B 626 23.94 -9.43 -34.72
C PHE B 626 25.24 -8.86 -34.15
N THR B 627 25.52 -7.57 -34.38
CA THR B 627 26.64 -6.81 -33.75
C THR B 627 26.14 -5.45 -33.23
N ALA B 628 26.77 -4.91 -32.19
CA ALA B 628 26.37 -3.62 -31.61
C ALA B 628 27.52 -2.61 -31.75
N ALA B 629 27.59 -1.93 -32.90
CA ALA B 629 28.65 -0.93 -33.17
C ALA B 629 28.66 0.12 -32.06
N TYR B 630 29.85 0.44 -31.54
CA TYR B 630 30.00 1.45 -30.45
C TYR B 630 31.16 2.39 -30.77
N GLY B 634 36.05 -1.43 -34.60
CA GLY B 634 35.62 -1.62 -33.20
C GLY B 634 34.14 -1.98 -33.12
N LEU B 635 33.84 -3.28 -33.05
CA LEU B 635 32.43 -3.76 -32.96
C LEU B 635 32.34 -4.91 -31.96
N VAL B 636 31.11 -5.30 -31.60
CA VAL B 636 30.89 -6.41 -30.62
C VAL B 636 29.80 -7.32 -31.19
N TYR B 637 30.16 -8.60 -31.37
CA TYR B 637 29.29 -9.67 -31.94
C TYR B 637 28.48 -10.28 -30.79
N MET B 638 27.22 -10.65 -31.04
CA MET B 638 26.32 -11.18 -29.97
C MET B 638 25.14 -11.97 -30.57
N SER B 639 24.73 -13.03 -29.87
CA SER B 639 23.52 -13.86 -30.16
C SER B 639 22.59 -13.87 -28.94
N ILE B 640 21.31 -14.21 -29.14
CA ILE B 640 20.26 -14.17 -28.08
C ILE B 640 19.78 -15.60 -27.80
N CYS B 641 19.65 -15.96 -26.51
CA CYS B 641 19.16 -17.26 -25.99
C CYS B 641 20.05 -18.44 -26.43
N GLY B 642 21.17 -18.14 -27.11
CA GLY B 642 22.11 -19.11 -27.66
C GLY B 642 23.50 -18.50 -27.78
N GLU B 643 24.51 -19.31 -28.13
CA GLU B 643 25.91 -18.88 -28.31
C GLU B 643 26.08 -18.25 -29.69
N ASN B 644 27.24 -17.63 -29.94
CA ASN B 644 27.58 -16.97 -31.23
C ASN B 644 28.78 -17.69 -31.88
N GLU B 645 28.81 -17.73 -33.21
CA GLU B 645 29.81 -18.50 -34.01
C GLU B 645 31.02 -17.62 -34.35
N ASN B 646 31.17 -16.43 -33.72
CA ASN B 646 32.36 -15.56 -33.88
C ASN B 646 33.27 -15.65 -32.65
N CYS B 647 32.67 -15.89 -31.47
CA CYS B 647 33.37 -15.92 -30.15
C CYS B 647 33.84 -17.34 -29.85
N PRO B 648 34.66 -17.54 -28.79
CA PRO B 648 34.87 -18.87 -28.21
C PRO B 648 33.59 -19.64 -27.98
N PRO B 649 33.60 -20.99 -28.06
CA PRO B 649 32.36 -21.78 -27.92
C PRO B 649 31.71 -21.61 -26.54
N GLY B 650 30.41 -21.26 -26.53
CA GLY B 650 29.60 -21.06 -25.32
C GLY B 650 29.53 -19.60 -24.89
N VAL B 651 30.18 -18.70 -25.64
CA VAL B 651 30.27 -17.25 -25.30
C VAL B 651 29.20 -16.51 -26.11
N GLY B 652 28.40 -15.70 -25.42
CA GLY B 652 27.29 -14.91 -25.96
C GLY B 652 27.76 -13.72 -26.77
N ALA B 653 28.81 -12.99 -26.34
CA ALA B 653 29.27 -11.72 -26.95
C ALA B 653 30.79 -11.52 -26.82
N CYS B 654 31.42 -10.77 -27.74
CA CYS B 654 32.89 -10.54 -27.78
C CYS B 654 33.30 -9.39 -28.70
N THR B 658 39.62 -9.38 -31.81
CA THR B 658 40.33 -9.78 -30.57
C THR B 658 39.66 -10.99 -29.90
N ARG B 659 38.41 -11.31 -30.26
CA ARG B 659 37.64 -12.50 -29.76
C ARG B 659 37.62 -12.51 -28.21
N ILE B 660 37.79 -11.34 -27.56
CA ILE B 660 37.82 -11.21 -26.08
C ILE B 660 36.39 -11.35 -25.54
N SER B 661 36.12 -12.41 -24.77
CA SER B 661 34.77 -12.75 -24.25
C SER B 661 34.29 -11.67 -23.29
N VAL B 662 33.04 -11.23 -23.47
CA VAL B 662 32.32 -10.27 -22.59
C VAL B 662 31.02 -10.93 -22.12
N GLY B 663 30.96 -12.27 -22.07
CA GLY B 663 29.88 -12.99 -21.37
C GLY B 663 29.48 -14.29 -22.05
N LYS B 664 29.19 -15.32 -21.24
CA LYS B 664 28.71 -16.65 -21.72
C LYS B 664 27.24 -16.54 -22.14
N ALA B 665 26.88 -17.21 -23.23
CA ALA B 665 25.50 -17.27 -23.77
C ALA B 665 24.59 -17.94 -22.74
N ASN B 666 23.31 -17.59 -22.76
CA ASN B 666 22.35 -17.89 -21.68
C ASN B 666 20.90 -18.04 -22.17
N LYS B 667 20.10 -18.80 -21.43
CA LYS B 667 18.66 -19.06 -21.52
C LYS B 667 17.54 -18.51 -20.47
N ARG B 668 18.14 -17.85 -19.47
CA ARG B 668 17.41 -17.06 -18.45
C ARG B 668 16.91 -15.65 -18.77
N LEU B 669 15.74 -15.54 -19.41
CA LEU B 669 15.05 -14.23 -19.66
C LEU B 669 14.22 -13.84 -18.43
N ARG B 670 14.40 -12.61 -17.94
CA ARG B 670 13.69 -12.07 -16.75
C ARG B 670 12.89 -10.81 -17.12
N TYR B 671 11.69 -10.67 -16.56
CA TYR B 671 10.83 -9.48 -16.75
C TYR B 671 11.06 -8.55 -15.57
N VAL B 672 11.48 -7.31 -15.83
CA VAL B 672 11.75 -6.27 -14.79
C VAL B 672 11.42 -4.87 -15.34
N ASP B 673 10.45 -4.17 -14.71
CA ASP B 673 10.05 -2.79 -15.06
C ASP B 673 9.71 -2.70 -16.55
N GLN B 674 8.82 -3.57 -17.05
CA GLN B 674 8.30 -3.56 -18.44
C GLN B 674 9.47 -3.61 -19.44
N VAL B 675 10.56 -4.24 -19.00
CA VAL B 675 11.77 -4.56 -19.81
C VAL B 675 12.08 -6.06 -19.68
N LEU B 676 12.50 -6.68 -20.78
CA LEU B 676 13.02 -8.07 -20.84
C LEU B 676 14.54 -8.02 -20.76
N GLN B 677 15.16 -8.85 -19.92
CA GLN B 677 16.61 -8.74 -19.62
C GLN B 677 17.32 -10.10 -19.68
N LEU B 678 18.49 -10.12 -20.32
CA LEU B 678 19.46 -11.25 -20.30
C LEU B 678 20.78 -10.76 -19.70
N VAL B 679 21.44 -11.61 -18.92
CA VAL B 679 22.78 -11.30 -18.33
C VAL B 679 23.74 -12.41 -18.76
N TYR B 680 24.75 -12.03 -19.54
CA TYR B 680 25.85 -12.90 -20.00
C TYR B 680 27.07 -12.63 -19.11
N LYS B 681 27.34 -13.51 -18.15
CA LYS B 681 28.40 -13.30 -17.13
C LYS B 681 29.55 -14.28 -17.39
N ASP B 682 30.57 -14.26 -16.51
CA ASP B 682 31.74 -15.18 -16.51
C ASP B 682 32.54 -15.02 -17.81
N GLY B 683 32.77 -13.78 -18.25
CA GLY B 683 33.60 -13.42 -19.43
C GLY B 683 35.08 -13.46 -19.10
N SER B 684 35.92 -12.86 -19.97
CA SER B 684 37.39 -12.74 -19.81
C SER B 684 37.71 -11.90 -18.57
N PRO B 685 38.94 -12.00 -18.01
CA PRO B 685 39.29 -11.25 -16.80
C PRO B 685 39.09 -9.73 -16.97
N CYS B 686 38.52 -9.10 -15.94
CA CYS B 686 38.32 -7.63 -15.90
C CYS B 686 39.66 -6.92 -15.74
N PRO B 687 40.14 -6.13 -16.75
CA PRO B 687 41.42 -5.41 -16.65
C PRO B 687 41.49 -4.39 -15.51
N SER B 688 40.40 -3.66 -15.24
CA SER B 688 40.43 -2.48 -14.34
C SER B 688 40.49 -2.91 -12.86
N LYS B 689 39.74 -3.92 -12.43
CA LYS B 689 39.70 -4.42 -11.02
C LYS B 689 39.86 -5.94 -10.99
N SER B 690 40.47 -6.51 -9.95
CA SER B 690 40.74 -7.96 -9.83
C SER B 690 39.60 -8.68 -9.08
N GLY B 691 39.38 -9.97 -9.37
CA GLY B 691 38.29 -10.80 -8.82
C GLY B 691 36.97 -10.71 -9.59
N LEU B 692 36.92 -10.01 -10.74
CA LEU B 692 35.69 -9.70 -11.54
C LEU B 692 35.90 -10.12 -13.01
N SER B 693 34.78 -10.35 -13.71
CA SER B 693 34.73 -10.88 -15.10
C SER B 693 33.95 -9.93 -16.01
N TYR B 694 34.27 -9.85 -17.32
CA TYR B 694 33.46 -9.09 -18.30
C TYR B 694 32.04 -9.70 -18.33
N LYS B 695 31.03 -8.85 -18.49
CA LYS B 695 29.61 -9.30 -18.53
C LYS B 695 28.83 -8.34 -19.46
N SER B 696 27.75 -8.84 -20.03
CA SER B 696 26.85 -8.09 -20.94
C SER B 696 25.42 -8.17 -20.38
N VAL B 697 24.82 -7.01 -20.09
CA VAL B 697 23.36 -6.94 -19.78
C VAL B 697 22.63 -6.46 -21.04
N ILE B 698 21.72 -7.28 -21.58
CA ILE B 698 20.90 -6.93 -22.78
C ILE B 698 19.45 -6.73 -22.33
N SER B 699 18.92 -5.53 -22.53
CA SER B 699 17.57 -5.11 -22.11
C SER B 699 16.70 -4.85 -23.35
N PHE B 700 15.57 -5.54 -23.46
CA PHE B 700 14.60 -5.38 -24.57
C PHE B 700 13.48 -4.45 -24.10
N VAL B 701 13.20 -3.40 -24.87
CA VAL B 701 12.23 -2.31 -24.53
C VAL B 701 11.10 -2.30 -25.58
N CYS B 702 9.85 -2.16 -25.13
CA CYS B 702 8.63 -2.22 -25.99
C CYS B 702 8.66 -1.07 -27.01
N ARG B 703 8.45 -1.40 -28.29
CA ARG B 703 8.29 -0.45 -29.42
C ARG B 703 7.12 -0.92 -30.28
N PRO B 704 5.90 -0.32 -30.17
CA PRO B 704 4.77 -0.76 -30.99
C PRO B 704 5.01 -0.77 -32.52
N GLU B 705 6.09 -0.17 -33.01
CA GLU B 705 6.43 -0.04 -34.46
C GLU B 705 7.64 -0.92 -34.82
N ASN B 710 16.63 -1.88 -36.53
CA ASN B 710 16.18 -2.71 -35.37
C ASN B 710 17.29 -3.72 -35.01
N ARG B 711 18.44 -3.23 -34.54
CA ARG B 711 19.55 -4.07 -33.99
C ARG B 711 19.95 -3.54 -32.61
N PRO B 712 20.50 -4.38 -31.70
CA PRO B 712 20.82 -3.96 -30.34
C PRO B 712 21.95 -2.93 -30.31
N MET B 713 21.92 -2.08 -29.28
CA MET B 713 22.82 -0.89 -29.17
C MET B 713 23.46 -0.83 -27.78
N LEU B 714 24.79 -0.69 -27.76
CA LEU B 714 25.60 -0.59 -26.53
C LEU B 714 25.39 0.81 -25.96
N ILE B 715 24.78 0.92 -24.78
CA ILE B 715 24.41 2.21 -24.14
C ILE B 715 25.38 2.56 -23.01
N SER B 716 26.24 1.64 -22.54
CA SER B 716 27.23 1.89 -21.45
C SER B 716 28.32 0.81 -21.40
N LEU B 717 29.56 1.20 -21.08
CA LEU B 717 30.67 0.28 -20.71
C LEU B 717 31.22 0.69 -19.33
N ASP B 718 30.83 -0.04 -18.29
CA ASP B 718 31.25 0.21 -16.88
C ASP B 718 32.61 -0.45 -16.69
N LYS B 719 33.68 0.35 -16.64
CA LYS B 719 35.07 -0.16 -16.58
C LYS B 719 35.38 -0.63 -15.15
N GLN B 720 34.69 -0.15 -14.11
CA GLN B 720 34.99 -0.54 -12.70
C GLN B 720 34.39 -1.94 -12.40
N THR B 721 33.41 -2.40 -13.20
CA THR B 721 32.76 -3.74 -13.04
C THR B 721 32.81 -4.50 -14.38
N CYS B 722 33.36 -3.90 -15.43
CA CYS B 722 33.55 -4.52 -16.76
C CYS B 722 32.20 -5.01 -17.26
N THR B 723 31.17 -4.16 -17.19
CA THR B 723 29.78 -4.48 -17.59
C THR B 723 29.43 -3.72 -18.87
N LEU B 724 29.01 -4.44 -19.91
CA LEU B 724 28.49 -3.86 -21.17
C LEU B 724 26.95 -3.83 -21.10
N PHE B 725 26.36 -2.64 -21.12
CA PHE B 725 24.89 -2.45 -21.07
C PHE B 725 24.34 -2.23 -22.49
N PHE B 726 23.46 -3.12 -22.94
CA PHE B 726 22.76 -3.04 -24.25
C PHE B 726 21.27 -2.76 -24.01
N SER B 727 20.66 -1.98 -24.92
CA SER B 727 19.20 -1.79 -25.03
C SER B 727 18.76 -2.16 -26.46
N TRP B 728 17.57 -2.72 -26.62
CA TRP B 728 17.02 -3.12 -27.94
C TRP B 728 15.53 -2.79 -27.99
N HIS B 729 15.12 -1.82 -28.81
CA HIS B 729 13.70 -1.43 -29.00
C HIS B 729 13.06 -2.37 -30.04
N THR B 730 12.25 -3.32 -29.59
CA THR B 730 11.56 -4.31 -30.45
C THR B 730 10.11 -4.46 -30.00
N PRO B 731 9.16 -4.59 -30.95
CA PRO B 731 7.75 -4.80 -30.60
C PRO B 731 7.49 -6.08 -29.79
N LEU B 732 8.47 -6.99 -29.77
CA LEU B 732 8.36 -8.33 -29.10
C LEU B 732 8.23 -8.14 -27.58
N ALA B 733 8.59 -6.97 -27.06
CA ALA B 733 8.56 -6.67 -25.61
C ALA B 733 7.18 -6.18 -25.13
N CYS B 734 6.10 -6.25 -25.92
CA CYS B 734 4.78 -5.62 -25.58
C CYS B 734 3.70 -6.68 -25.33
C1 NAG C . 7.08 20.20 16.71
C2 NAG C . 7.65 18.78 16.48
C3 NAG C . 7.82 18.01 17.76
C4 NAG C . 8.65 18.75 18.78
C5 NAG C . 8.08 20.14 18.96
C6 NAG C . 9.18 21.00 19.54
C7 NAG C . 7.68 17.67 14.43
C8 NAG C . 6.96 17.57 13.15
N2 NAG C . 6.98 17.94 15.50
O3 NAG C . 8.61 16.94 17.31
O4 NAG C . 8.29 18.06 19.96
O5 NAG C . 7.90 20.79 17.71
O6 NAG C . 10.32 20.94 18.72
O7 NAG C . 8.84 17.56 14.47
C1 NAG C . 9.42 17.56 20.69
C2 NAG C . 9.18 17.52 22.20
C3 NAG C . 10.46 17.17 22.93
C4 NAG C . 11.16 15.96 22.32
C5 NAG C . 11.19 16.01 20.79
C6 NAG C . 11.70 14.70 20.21
C7 NAG C . 8.21 18.96 23.89
C8 NAG C . 7.49 20.25 24.16
N2 NAG C . 8.67 18.80 22.66
O3 NAG C . 10.17 16.90 24.31
O4 NAG C . 12.50 15.87 22.82
O5 NAG C . 9.88 16.29 20.27
O6 NAG C . 12.76 14.97 19.30
O7 NAG C . 8.36 18.11 24.76
C1 BMA C . 12.58 14.80 23.78
C2 BMA C . 13.84 14.00 23.61
C3 BMA C . 13.74 12.80 24.48
C4 BMA C . 13.45 13.29 25.82
C5 BMA C . 12.21 14.09 25.78
C6 BMA C . 11.82 14.38 27.20
O2 BMA C . 14.91 14.75 24.06
O3 BMA C . 14.95 12.13 24.69
O4 BMA C . 13.10 12.17 26.58
O5 BMA C . 12.54 15.23 25.09
O6 BMA C . 11.71 13.10 27.80
C1 MAN C . 15.18 10.96 23.93
C2 MAN C . 15.38 9.91 25.00
C3 MAN C . 16.44 10.41 25.97
C4 MAN C . 17.74 10.62 25.19
C5 MAN C . 17.48 11.57 24.01
C6 MAN C . 18.73 11.71 23.15
O2 MAN C . 15.94 8.78 24.37
O3 MAN C . 16.64 9.43 26.99
O4 MAN C . 18.72 11.20 26.06
O5 MAN C . 16.39 11.10 23.20
O6 MAN C . 18.91 10.53 22.36
C1 MAN C . 14.98 7.99 23.61
C2 MAN C . 15.58 6.67 23.31
C3 MAN C . 16.15 6.91 21.94
C4 MAN C . 15.14 7.40 20.98
C5 MAN C . 14.61 8.68 21.49
C6 MAN C . 13.56 9.27 20.60
O2 MAN C . 14.62 5.67 23.26
O3 MAN C . 16.50 5.69 21.41
O4 MAN C . 15.86 7.72 19.84
O5 MAN C . 14.00 8.26 22.63
O6 MAN C . 12.70 10.12 21.32
C1 MAN C . 14.35 5.16 24.59
C2 MAN C . 13.72 3.80 24.57
C3 MAN C . 12.66 3.93 23.58
C4 MAN C . 11.65 4.85 24.17
C5 MAN C . 12.27 6.15 24.56
C6 MAN C . 11.28 6.92 25.40
O2 MAN C . 13.08 3.34 25.78
O3 MAN C . 12.08 2.66 23.45
O4 MAN C . 10.70 5.22 23.18
O5 MAN C . 13.40 5.86 25.32
O6 MAN C . 11.80 8.19 25.75
C1 NAG D . -1.05 -3.48 28.67
C2 NAG D . -0.83 -2.69 29.96
C3 NAG D . -1.25 -1.27 29.77
C4 NAG D . -0.88 -0.76 28.40
C5 NAG D . -1.31 -1.85 27.38
C6 NAG D . -1.30 -1.58 25.88
C7 NAG D . -2.55 -3.89 31.25
C8 NAG D . -2.92 -4.42 32.58
N2 NAG D . -1.56 -3.01 31.16
O3 NAG D . -0.57 -0.58 30.79
O4 NAG D . -1.48 0.49 28.01
O5 NAG D . -0.43 -2.91 27.57
O6 NAG D . -1.45 -2.78 25.13
O7 NAG D . -3.08 -4.29 30.25
C1 NAG D . -1.92 1.59 28.89
C2 NAG D . -3.39 1.54 29.32
C3 NAG D . -3.69 2.98 29.75
C4 NAG D . -2.96 3.20 31.04
C5 NAG D . -1.47 3.12 30.77
C6 NAG D . -0.60 3.20 32.05
C7 NAG D . -5.06 -0.21 28.49
C8 NAG D . -5.57 -0.87 27.27
N2 NAG D . -4.32 0.92 28.36
O3 NAG D . -5.05 3.04 30.10
O4 NAG D . -3.42 4.27 31.92
O5 NAG D . -1.14 1.91 30.05
O6 NAG D . -0.17 1.96 32.61
O7 NAG D . -5.34 -0.71 29.55
C1 BMA D . -3.64 5.62 31.39
C2 BMA D . -4.84 6.26 32.08
C3 BMA D . -5.09 7.63 31.46
C4 BMA D . -3.82 8.46 31.67
C5 BMA D . -2.66 7.74 31.00
C6 BMA D . -1.37 8.53 31.14
O2 BMA D . -4.59 6.40 33.48
O3 BMA D . -6.20 8.27 32.10
O4 BMA D . -4.00 9.76 31.07
O5 BMA D . -2.51 6.45 31.59
O6 BMA D . -1.51 9.80 30.50
C1 MAN D . -7.10 8.78 31.08
C2 MAN D . -7.14 10.26 31.17
C3 MAN D . -8.11 10.58 32.23
C4 MAN D . -9.42 9.97 31.83
C5 MAN D . -9.27 8.47 31.71
C6 MAN D . -10.55 7.83 31.22
O2 MAN D . -7.68 10.94 30.12
O3 MAN D . -8.07 11.98 32.49
O4 MAN D . -10.39 10.25 32.82
O5 MAN D . -8.32 8.24 30.75
O6 MAN D . -10.32 6.54 30.64
C1 MAN D . -7.04 11.26 28.81
C2 MAN D . -7.94 11.79 27.65
C3 MAN D . -8.72 10.72 26.92
C4 MAN D . -7.73 9.80 26.36
C5 MAN D . -6.86 9.31 27.48
C6 MAN D . -5.84 8.30 26.91
O2 MAN D . -7.28 12.39 26.54
O3 MAN D . -9.45 11.17 25.77
O4 MAN D . -8.58 8.70 26.11
O5 MAN D . -6.19 10.37 28.16
O6 MAN D . -4.60 8.89 26.51
C1 MAN D . -6.38 13.47 26.67
C2 MAN D . -6.29 14.51 25.59
C3 MAN D . -5.40 14.14 24.47
C4 MAN D . -4.07 13.86 25.02
C5 MAN D . -4.18 12.86 26.07
C6 MAN D . -2.85 13.11 26.73
O2 MAN D . -5.63 15.63 26.12
O3 MAN D . -5.23 15.22 23.57
O4 MAN D . -3.44 13.13 23.99
O5 MAN D . -5.06 13.26 27.04
O6 MAN D . -2.70 12.42 27.97
S SO4 E . -0.53 12.97 -7.47
O1 SO4 E . 0.30 11.79 -7.39
O2 SO4 E . -1.67 12.82 -6.59
O3 SO4 E . -0.99 13.13 -8.82
O4 SO4 E . 0.24 14.14 -7.11
C1 NAG F . 46.36 -10.58 -8.94
C2 NAG F . 45.91 -12.00 -9.08
C3 NAG F . 46.23 -12.45 -10.48
C4 NAG F . 45.87 -11.48 -11.59
C5 NAG F . 46.34 -10.10 -11.18
C6 NAG F . 45.97 -8.96 -12.12
C7 NAG F . 46.44 -13.16 -6.97
C8 NAG F . 47.59 -13.61 -6.15
N2 NAG F . 46.73 -12.78 -8.20
O3 NAG F . 45.61 -13.71 -10.74
O4 NAG F . 46.50 -11.94 -12.80
O5 NAG F . 45.76 -9.87 -9.96
O6 NAG F . 44.98 -8.02 -11.64
O7 NAG F . 45.35 -13.07 -6.51
C1 NAG G . -46.23 14.93 1.80
C2 NAG G . -45.82 15.98 0.76
C3 NAG G . -46.89 16.16 -0.26
C4 NAG G . -46.91 14.85 -0.93
C5 NAG G . -47.47 13.89 0.07
C6 NAG G . -47.75 12.62 -0.71
C7 NAG G . -44.26 17.65 1.53
C8 NAG G . -43.86 19.05 1.23
N2 NAG G . -45.49 17.29 1.29
O3 NAG G . -46.47 17.10 -1.23
O4 NAG G . -47.76 14.89 -2.04
O5 NAG G . -46.57 13.72 1.16
O6 NAG G . -48.72 12.93 -1.71
O7 NAG G . -43.54 16.81 2.03
C1 NAG H . 17.03 -19.34 21.01
C2 NAG H . 17.07 -18.47 19.78
C3 NAG H . 18.52 -18.20 19.50
C4 NAG H . 18.99 -17.30 20.64
C5 NAG H . 18.82 -18.06 21.89
C6 NAG H . 19.10 -17.10 22.98
C7 NAG H . 14.98 -18.61 18.43
C8 NAG H . 14.16 -19.85 18.30
N2 NAG H . 16.29 -18.89 18.62
O3 NAG H . 18.61 -17.61 18.21
O4 NAG H . 20.34 -16.83 20.66
O5 NAG H . 17.49 -18.37 21.91
O6 NAG H . 18.56 -17.60 24.18
O7 NAG H . 14.44 -17.51 18.44
#